data_3PV0
#
_entry.id   3PV0
#
_cell.length_a   78.543
_cell.length_b   92.630
_cell.length_c   119.132
_cell.angle_alpha   90.48
_cell.angle_beta   102.13
_cell.angle_gamma   104.21
#
_symmetry.space_group_name_H-M   'P 1'
#
loop_
_entity.id
_entity.type
_entity.pdbx_description
1 polymer 'Maltose transporter subunit; periplasmic-binding component of ABC superfamily'
2 polymer 'Maltose transporter subunit; membrane component of ABC superfamily'
3 polymer 'Maltose transporter subunit; membrane component of ABC superfamily'
4 polymer 'Fused maltose transport subunit, ATP-binding component of ABC superfamily; regulatory protein'
5 branched alpha-D-glucopyranose-(1-4)-alpha-D-glucopyranose
6 non-polymer '(1R)-2-{[{[(2S)-2,3-DIHYDROXYPROPYL]OXY}(HYDROXY)PHOSPHORYL]OXY}-1-[(PALMITOYLOXY)METHYL]ETHYL (11E)-OCTADEC-11-ENOATE'
#
loop_
_entity_poly.entity_id
_entity_poly.type
_entity_poly.pdbx_seq_one_letter_code
_entity_poly.pdbx_strand_id
1 'polypeptide(L)'
;KIEEGKLVIWINGDKGYNGLAEVGKKFEKDTGIKVTVEHPDKLEEKFPQVAATGDGPDIIFWAHDRFGCYAQSGLLAEIT
PDKAFQDKLYPFTWDAVRYNGKLIAYPIAVEALSLIYNKDLLPNPPKTWEEIPALDKELKAKGKSALMFNLQEPYFTWPL
IAADGGYAFKYENGKYDIKDVGVDNAGAKAGLTFLVDLIKNKHMNADTDYSIAEAAFNKGETAMTINGPWAWSNIDTSKV
NYGVTVLPTFKGQPSKPFVGVLSAGINAASPNKELAKEFLENYLLTDEGLEAVNKDKPLGAVALKSYEEELAKDPRIAAT
MENAQKGEIMPNIPQMCAFWYAVRTAVINAASGRQTVDEALKDAQTRITK
;
E
2 'polypeptide(L)'
;MDVIKKKHWWQSDALKWSVLGLLGLLVGYLVVLMYAQGEYLFAITTLILSSAGLYIFANRKAYAWRYVYPGMAGMGLFVL
FPLVCTIAIAFTNYSSTNQLTFERAQEVLLDRSWQAGKTYNFGLYPAGDEWQLALSDGETGKNYLSDAFKFGGEQKLQLK
ETTAQPEGERANLRVITQNRQALSDITAILPDGNKVMMSSLRQFSGTQPLYTLDGDGTLTNNQSGVKYRPNNQIGFYQSI
TADGNWGDEKLSPGYTVTTGWKNFTRVFTDEGIQKPFLAIFVWTVVFSLITVFLTVAVGMVLACLVQWEALRGKAVYRVL
LILPYAVPSFISILIFKGLFNQSFGEINMMLSALFGVKPAWFSDPTTARTMLIIVNTWLGYPYMMILCMGLLKAIPDDLY
EASAMDGAGPFQNFFKITLPLLIKPLTPLMIASFAFNFNNFVLIQLLTNGGPDRLGTTTPAGYTDLLVNYTYRIAFEGGG
GQDFGLAAAIATLIFLLVGALAIVNLKATRMKFD
;
F
3 'polypeptide(L)'
;MAMVQPKSQKARLFITHLLLLLFIAAIMFPLLMVVAISLRQGNFATGSLIPEQISWDHWKLALGFSVEQADGRITPPPFP
VLLWLWNSVKVAGISAIGIVALSTTCAYAFARMRFPGKATLLKGMLIFQMFPAVLSLVALYALFDRLGEYIPFIGLNTHG
GVIFAYLGGIALHVWTIKGYFETIDSSLEEAAALDGATPWQAFRLVLLPLSVPILAVVFILSFIAAITEVPVASLLLRDV
NSYTLAVGMQQYLNPQNYLWGDFAAAAVMSALPITIVFLLAQRWLVNGLTAGGVKG
;
G
4 'polypeptide(L)'
;MASVQLQNVTKAWGEVVVSKDINLDIHEGEFVVFVGPSGCGKSTLLRMIAGLETITSGDLFIGEKRMNDTPPAERGVGMV
FQSYALYPHLSVAENMSFGLKLAGAKKEVINQRVNQVAEVLQLAHLLDRKPKALSGGQRQRVAIGRTLVAEPSVFLLDEP
LSNLDAALRVQMRIEISRLHKRLGRTMIYVTHDQVEAMTLADKIVVLDAGRVAQVGKPLELYHYPADRFVAGFIGSPKMN
FLPVKVTATAIDQVQVELPMPNRQQVWLPVESRDVQVGANMSLGIRPEHLLPSDIADVILEGEVQVVEQLGNETQIHIQI
PSIRQNLVYRQNDVVLVEEGATFAIGLPPERCHLFREDGTACRRLHKEPGVASASHHHHHH
;
A,B
#
# COMPACT_ATOMS: atom_id res chain seq x y z
N LYS A 1 -10.65 11.46 34.73
CA LYS A 1 -11.74 11.21 35.71
C LYS A 1 -11.63 9.81 36.33
N ILE A 2 -11.70 9.74 37.65
CA ILE A 2 -11.69 8.46 38.36
C ILE A 2 -13.13 8.02 38.66
N GLU A 3 -13.45 6.79 38.29
CA GLU A 3 -14.81 6.28 38.44
C GLU A 3 -15.19 6.04 39.90
N GLU A 4 -16.38 6.53 40.27
CA GLU A 4 -16.90 6.35 41.61
C GLU A 4 -17.60 5.00 41.72
N GLY A 5 -17.72 4.49 42.95
CA GLY A 5 -18.47 3.27 43.18
C GLY A 5 -17.61 2.03 43.20
N LYS A 6 -16.31 2.21 43.28
CA LYS A 6 -15.39 1.07 43.36
C LYS A 6 -13.96 1.51 43.66
N LEU A 7 -13.14 0.57 44.10
CA LEU A 7 -11.75 0.87 44.43
C LEU A 7 -10.80 0.25 43.43
N VAL A 8 -9.98 1.10 42.81
CA VAL A 8 -8.91 0.62 41.96
C VAL A 8 -7.59 0.83 42.69
N ILE A 9 -6.91 -0.27 43.00
CA ILE A 9 -5.66 -0.23 43.74
C ILE A 9 -4.47 -0.51 42.83
N TRP A 10 -3.41 0.26 43.01
CA TRP A 10 -2.16 0.03 42.29
C TRP A 10 -1.07 -0.40 43.26
N ILE A 11 -0.46 -1.55 43.00
CA ILE A 11 0.62 -2.05 43.85
C ILE A 11 1.72 -2.65 42.99
N ASN A 12 2.97 -2.43 43.40
CA ASN A 12 4.11 -2.88 42.62
C ASN A 12 4.07 -4.37 42.29
N GLY A 13 4.40 -4.71 41.05
CA GLY A 13 4.29 -6.07 40.56
C GLY A 13 5.08 -7.10 41.35
N ASP A 14 6.06 -6.64 42.12
CA ASP A 14 6.90 -7.56 42.90
C ASP A 14 6.35 -7.78 44.31
N LYS A 15 5.22 -7.15 44.61
CA LYS A 15 4.53 -7.40 45.87
C LYS A 15 3.46 -8.46 45.67
N GLY A 16 2.77 -8.83 46.75
CA GLY A 16 1.76 -9.89 46.69
C GLY A 16 0.41 -9.39 46.23
N TYR A 17 0.33 -8.97 44.98
CA TYR A 17 -0.88 -8.35 44.45
C TYR A 17 -2.09 -9.28 44.43
N ASN A 18 -1.84 -10.56 44.20
CA ASN A 18 -2.93 -11.52 44.18
C ASN A 18 -3.52 -11.72 45.57
N GLY A 19 -2.66 -11.80 46.57
CA GLY A 19 -3.11 -11.91 47.95
C GLY A 19 -3.98 -10.73 48.31
N LEU A 20 -3.50 -9.55 47.99
CA LEU A 20 -4.20 -8.30 48.26
C LEU A 20 -5.59 -8.29 47.61
N ALA A 21 -5.69 -8.93 46.44
CA ALA A 21 -6.96 -8.99 45.72
C ALA A 21 -7.99 -9.83 46.48
N GLU A 22 -7.51 -10.83 47.21
CA GLU A 22 -8.39 -11.67 48.02
C GLU A 22 -8.89 -10.91 49.24
N VAL A 23 -8.13 -9.90 49.64
CA VAL A 23 -8.58 -8.96 50.65
C VAL A 23 -9.65 -8.06 50.02
N GLY A 24 -9.59 -7.93 48.70
CA GLY A 24 -10.60 -7.20 47.95
C GLY A 24 -11.94 -7.90 47.93
N LYS A 25 -11.95 -9.20 47.63
CA LYS A 25 -13.19 -9.97 47.60
C LYS A 25 -13.91 -9.86 48.93
N LYS A 26 -13.14 -9.93 50.01
CA LYS A 26 -13.66 -9.78 51.36
C LYS A 26 -14.43 -8.47 51.45
N PHE A 27 -13.80 -7.41 50.96
CA PHE A 27 -14.37 -6.07 50.98
C PHE A 27 -15.64 -6.01 50.11
N GLU A 28 -15.66 -6.79 49.03
CA GLU A 28 -16.79 -6.81 48.12
C GLU A 28 -17.93 -7.63 48.70
N LYS A 29 -17.60 -8.73 49.38
CA LYS A 29 -18.62 -9.56 50.00
C LYS A 29 -19.30 -8.78 51.13
N ASP A 30 -18.54 -7.89 51.75
CA ASP A 30 -19.03 -7.12 52.89
C ASP A 30 -19.75 -5.85 52.50
N THR A 31 -19.18 -5.11 51.55
CA THR A 31 -19.73 -3.83 51.13
C THR A 31 -20.47 -3.91 49.80
N GLY A 32 -20.21 -4.97 49.04
CA GLY A 32 -20.80 -5.10 47.70
C GLY A 32 -20.00 -4.38 46.64
N ILE A 33 -18.92 -3.74 47.07
CA ILE A 33 -18.09 -2.90 46.18
C ILE A 33 -16.89 -3.65 45.61
N LYS A 34 -16.75 -3.63 44.30
CA LYS A 34 -15.71 -4.39 43.61
C LYS A 34 -14.35 -3.70 43.68
N VAL A 35 -13.35 -4.44 44.17
CA VAL A 35 -11.99 -3.92 44.24
C VAL A 35 -11.15 -4.46 43.08
N THR A 36 -10.48 -3.55 42.37
CA THR A 36 -9.61 -3.94 41.27
C THR A 36 -8.17 -3.64 41.63
N VAL A 37 -7.34 -4.67 41.63
CA VAL A 37 -5.92 -4.50 41.87
C VAL A 37 -5.16 -4.71 40.57
N GLU A 38 -4.38 -3.72 40.19
CA GLU A 38 -3.56 -3.79 38.99
C GLU A 38 -2.11 -3.51 39.37
N HIS A 39 -1.18 -4.00 38.58
CA HIS A 39 0.24 -3.85 38.90
C HIS A 39 1.04 -3.27 37.75
N PRO A 40 0.67 -2.05 37.31
CA PRO A 40 1.25 -1.46 36.10
C PRO A 40 2.76 -1.25 36.18
N ASP A 41 3.43 -1.46 35.05
CA ASP A 41 4.88 -1.33 34.96
C ASP A 41 5.33 0.12 35.16
N LYS A 42 6.49 0.28 35.78
CA LYS A 42 7.04 1.59 36.13
C LYS A 42 5.98 2.45 36.82
N LEU A 43 5.49 1.95 37.93
CA LEU A 43 4.39 2.57 38.66
C LEU A 43 4.77 3.90 39.30
N GLU A 44 6.01 3.99 39.77
CA GLU A 44 6.48 5.18 40.46
C GLU A 44 6.47 6.41 39.55
N GLU A 45 6.47 6.15 38.25
CA GLU A 45 6.39 7.22 37.26
C GLU A 45 5.00 7.30 36.64
N LYS A 46 4.33 6.16 36.54
CA LYS A 46 3.01 6.09 35.90
C LYS A 46 1.96 6.80 36.75
N PHE A 47 2.04 6.63 38.07
CA PHE A 47 1.09 7.26 38.99
C PHE A 47 1.09 8.80 38.90
N PRO A 48 2.25 9.44 39.14
CA PRO A 48 2.29 10.89 39.08
C PRO A 48 1.56 11.44 37.84
N GLN A 49 1.82 10.85 36.68
CA GLN A 49 1.25 11.32 35.42
C GLN A 49 -0.27 11.29 35.42
N VAL A 50 -0.84 10.14 35.75
CA VAL A 50 -2.29 9.97 35.66
C VAL A 50 -3.04 10.74 36.76
N ALA A 51 -2.44 10.83 37.93
CA ALA A 51 -3.07 11.49 39.07
C ALA A 51 -3.28 12.98 38.83
N ALA A 52 -2.28 13.63 38.23
CA ALA A 52 -2.32 15.06 37.98
C ALA A 52 -3.51 15.47 37.13
N THR A 53 -3.96 14.56 36.27
CA THR A 53 -5.07 14.84 35.38
C THR A 53 -6.42 14.41 35.97
N GLY A 54 -6.38 13.94 37.21
CA GLY A 54 -7.58 13.51 37.89
C GLY A 54 -7.86 12.03 37.68
N ASP A 55 -6.98 11.37 36.95
CA ASP A 55 -7.11 9.94 36.70
C ASP A 55 -6.28 9.11 37.67
N GLY A 56 -6.15 7.82 37.36
CA GLY A 56 -5.36 6.93 38.21
C GLY A 56 -6.20 6.07 39.12
N PRO A 57 -5.55 5.40 40.08
CA PRO A 57 -6.17 4.50 41.04
C PRO A 57 -6.80 5.27 42.19
N ASP A 58 -7.57 4.59 43.02
CA ASP A 58 -8.04 5.19 44.25
C ASP A 58 -6.93 5.09 45.28
N ILE A 59 -6.21 3.97 45.25
CA ILE A 59 -5.19 3.67 46.25
C ILE A 59 -3.85 3.33 45.62
N ILE A 60 -2.80 3.99 46.10
CA ILE A 60 -1.46 3.87 45.52
C ILE A 60 -0.46 3.26 46.51
N PHE A 61 0.28 2.25 46.06
CA PHE A 61 1.20 1.51 46.92
C PHE A 61 2.66 1.66 46.54
N TRP A 62 3.44 2.31 47.40
CA TRP A 62 4.88 2.39 47.22
C TRP A 62 5.59 2.55 48.56
N ALA A 63 6.92 2.64 48.53
CA ALA A 63 7.69 2.92 49.73
C ALA A 63 7.54 4.39 50.08
N HIS A 64 7.76 4.71 51.35
CA HIS A 64 7.48 6.06 51.85
C HIS A 64 8.25 7.19 51.16
N ASP A 65 9.45 6.89 50.68
CA ASP A 65 10.30 7.91 50.06
C ASP A 65 9.60 8.67 48.93
N ARG A 66 8.88 7.94 48.09
CA ARG A 66 8.21 8.55 46.94
C ARG A 66 6.99 9.38 47.33
N PHE A 67 6.42 9.08 48.50
CA PHE A 67 5.19 9.75 48.93
C PHE A 67 5.40 11.22 49.28
N GLY A 68 6.66 11.62 49.43
CA GLY A 68 6.99 13.01 49.72
C GLY A 68 6.87 13.91 48.51
N CYS A 69 7.35 13.42 47.36
CA CYS A 69 7.22 14.15 46.12
C CYS A 69 5.75 14.23 45.73
N TYR A 70 5.04 13.11 45.90
CA TYR A 70 3.64 13.01 45.53
C TYR A 70 2.79 13.98 46.33
N ALA A 71 2.99 13.98 47.64
CA ALA A 71 2.24 14.85 48.54
C ALA A 71 2.49 16.31 48.19
N GLN A 72 3.72 16.64 47.87
CA GLN A 72 4.09 17.99 47.50
C GLN A 72 3.38 18.41 46.22
N SER A 73 3.29 17.50 45.26
CA SER A 73 2.61 17.76 44.00
C SER A 73 1.10 17.83 44.18
N GLY A 74 0.65 17.50 45.39
CA GLY A 74 -0.76 17.55 45.73
C GLY A 74 -1.57 16.39 45.17
N LEU A 75 -0.89 15.27 44.95
CA LEU A 75 -1.53 14.10 44.34
C LEU A 75 -2.15 13.19 45.40
N LEU A 76 -1.82 13.46 46.66
CA LEU A 76 -2.28 12.62 47.76
C LEU A 76 -3.33 13.34 48.58
N ALA A 77 -4.18 12.57 49.26
CA ALA A 77 -5.16 13.12 50.18
C ALA A 77 -4.72 12.88 51.61
N GLU A 78 -4.85 13.90 52.44
CA GLU A 78 -4.51 13.78 53.86
C GLU A 78 -5.38 12.71 54.51
N ILE A 79 -4.76 11.61 54.94
CA ILE A 79 -5.48 10.53 55.59
C ILE A 79 -5.94 10.93 56.99
N THR A 80 -7.00 10.29 57.47
CA THR A 80 -7.59 10.65 58.75
C THR A 80 -7.75 9.47 59.69
N PRO A 81 -6.63 8.98 60.27
CA PRO A 81 -6.72 7.94 61.27
C PRO A 81 -6.84 8.51 62.69
N ASP A 82 -7.82 8.03 63.44
CA ASP A 82 -8.00 8.47 64.82
C ASP A 82 -6.95 7.86 65.73
N LYS A 83 -6.90 8.33 66.97
CA LYS A 83 -5.94 7.85 67.95
C LYS A 83 -5.89 6.33 68.00
N ALA A 84 -7.06 5.71 68.13
CA ALA A 84 -7.19 4.27 68.30
C ALA A 84 -6.44 3.49 67.22
N PHE A 85 -6.54 3.95 65.99
CA PHE A 85 -5.86 3.28 64.88
C PHE A 85 -4.36 3.49 64.95
N GLN A 86 -3.94 4.74 65.08
CA GLN A 86 -2.52 5.09 65.07
C GLN A 86 -1.71 4.22 66.04
N ASP A 87 -2.33 3.88 67.16
CA ASP A 87 -1.64 3.11 68.20
C ASP A 87 -1.59 1.62 67.88
N LYS A 88 -2.28 1.20 66.82
CA LYS A 88 -2.23 -0.19 66.39
C LYS A 88 -0.94 -0.51 65.65
N LEU A 89 -0.25 0.54 65.22
CA LEU A 89 1.01 0.40 64.50
C LEU A 89 2.16 1.01 65.30
N TYR A 90 3.39 0.63 64.96
CA TYR A 90 4.56 1.23 65.56
C TYR A 90 4.67 2.70 65.14
N PRO A 91 4.89 3.59 66.12
CA PRO A 91 4.93 5.04 65.91
C PRO A 91 5.97 5.50 64.89
N PHE A 92 7.05 4.75 64.74
CA PHE A 92 8.12 5.16 63.82
C PHE A 92 7.74 4.92 62.37
N THR A 93 6.78 4.02 62.14
CA THR A 93 6.27 3.78 60.80
C THR A 93 5.35 4.91 60.36
N TRP A 94 4.66 5.51 61.33
CA TRP A 94 3.86 6.70 61.07
C TRP A 94 4.76 7.88 60.72
N ASP A 95 5.98 7.86 61.24
CA ASP A 95 6.94 8.93 60.99
C ASP A 95 7.41 8.94 59.54
N ALA A 96 7.36 7.79 58.89
CA ALA A 96 7.76 7.67 57.50
C ALA A 96 6.65 8.17 56.56
N VAL A 97 5.42 8.18 57.06
CA VAL A 97 4.28 8.63 56.28
C VAL A 97 3.82 10.02 56.71
N ARG A 98 4.73 10.77 57.32
CA ARG A 98 4.43 12.12 57.79
C ARG A 98 5.17 13.14 56.94
N TYR A 99 4.41 14.03 56.30
CA TYR A 99 4.98 15.08 55.47
C TYR A 99 4.47 16.45 55.93
N ASN A 100 5.40 17.29 56.41
CA ASN A 100 5.06 18.59 56.96
C ASN A 100 4.11 18.50 58.15
N GLY A 101 4.21 17.40 58.89
CA GLY A 101 3.36 17.17 60.05
C GLY A 101 2.05 16.48 59.71
N LYS A 102 1.76 16.34 58.42
CA LYS A 102 0.52 15.72 57.98
C LYS A 102 0.73 14.27 57.52
N LEU A 103 -0.18 13.40 57.94
CA LEU A 103 -0.13 12.00 57.55
C LEU A 103 -0.65 11.82 56.12
N ILE A 104 0.19 11.22 55.28
CA ILE A 104 -0.10 11.14 53.85
C ILE A 104 -0.29 9.71 53.36
N ALA A 105 -0.08 8.74 54.23
CA ALA A 105 -0.23 7.34 53.86
C ALA A 105 -0.33 6.40 55.05
N TYR A 106 -0.92 5.23 54.83
CA TYR A 106 -0.98 4.19 55.84
C TYR A 106 0.20 3.24 55.66
N PRO A 107 1.11 3.20 56.65
CA PRO A 107 2.23 2.26 56.60
C PRO A 107 1.72 0.84 56.54
N ILE A 108 2.43 -0.04 55.83
CA ILE A 108 2.04 -1.44 55.79
C ILE A 108 3.13 -2.33 56.38
N ALA A 109 4.29 -2.38 55.73
CA ALA A 109 5.38 -3.25 56.19
C ALA A 109 6.74 -2.58 56.05
N VAL A 110 7.70 -3.07 56.84
CA VAL A 110 9.07 -2.57 56.80
C VAL A 110 9.93 -3.42 55.87
N GLU A 111 10.52 -2.79 54.86
CA GLU A 111 11.32 -3.47 53.87
C GLU A 111 12.80 -3.16 54.04
N ALA A 112 13.64 -4.19 53.88
CA ALA A 112 15.08 -4.04 53.99
C ALA A 112 15.78 -5.19 53.29
N LEU A 113 16.85 -4.89 52.56
CA LEU A 113 17.61 -5.92 51.86
C LEU A 113 18.45 -6.76 52.80
N SER A 114 18.71 -8.00 52.40
CA SER A 114 19.56 -8.91 53.16
C SER A 114 20.37 -9.77 52.21
N LEU A 115 21.31 -10.52 52.76
CA LEU A 115 22.08 -11.45 51.96
C LEU A 115 21.43 -12.83 52.02
N ILE A 116 20.97 -13.33 50.88
CA ILE A 116 20.41 -14.66 50.83
C ILE A 116 21.44 -15.63 50.27
N TYR A 117 21.74 -16.67 51.03
CA TYR A 117 22.76 -17.63 50.61
C TYR A 117 22.18 -19.04 50.48
N ASN A 118 22.87 -19.88 49.70
CA ASN A 118 22.46 -21.27 49.50
C ASN A 118 23.21 -22.19 50.45
N LYS A 119 22.49 -22.78 51.39
CA LYS A 119 23.09 -23.64 52.41
C LYS A 119 23.85 -24.83 51.81
N ASP A 120 23.18 -25.59 50.95
CA ASP A 120 23.76 -26.77 50.35
C ASP A 120 25.08 -26.47 49.66
N LEU A 121 25.18 -25.29 49.05
CA LEU A 121 26.41 -24.87 48.37
C LEU A 121 27.33 -24.09 49.29
N LEU A 122 26.78 -23.09 49.98
CA LEU A 122 27.57 -22.26 50.87
C LEU A 122 27.04 -22.32 52.29
N PRO A 123 27.56 -23.27 53.08
CA PRO A 123 27.14 -23.41 54.47
C PRO A 123 27.63 -22.23 55.30
N ASN A 124 28.76 -21.65 54.90
CA ASN A 124 29.37 -20.52 55.62
C ASN A 124 29.44 -19.25 54.78
N PRO A 125 28.33 -18.51 54.71
CA PRO A 125 28.31 -17.25 53.97
C PRO A 125 29.32 -16.25 54.53
N PRO A 126 29.90 -15.42 53.66
CA PRO A 126 30.91 -14.42 54.02
C PRO A 126 30.36 -13.36 54.98
N LYS A 127 31.22 -12.85 55.84
CA LYS A 127 30.86 -11.72 56.70
C LYS A 127 31.35 -10.42 56.08
N THR A 128 32.34 -10.52 55.21
CA THR A 128 32.91 -9.34 54.57
C THR A 128 32.65 -9.37 53.07
N TRP A 129 32.98 -8.28 52.38
CA TRP A 129 32.84 -8.21 50.93
C TRP A 129 34.14 -8.62 50.24
N GLU A 130 35.25 -8.41 50.94
CA GLU A 130 36.57 -8.71 50.40
C GLU A 130 36.78 -10.20 50.18
N GLU A 131 36.11 -11.01 51.00
CA GLU A 131 36.25 -12.47 50.90
C GLU A 131 35.30 -13.08 49.87
N ILE A 132 34.74 -12.24 49.00
CA ILE A 132 33.84 -12.72 47.95
C ILE A 132 34.59 -13.12 46.67
N PRO A 133 35.53 -12.28 46.20
CA PRO A 133 36.31 -12.67 45.03
C PRO A 133 37.02 -13.99 45.27
N ALA A 134 37.70 -14.10 46.40
CA ALA A 134 38.35 -15.35 46.77
C ALA A 134 37.35 -16.51 46.73
N LEU A 135 36.15 -16.25 47.24
CA LEU A 135 35.09 -17.25 47.25
C LEU A 135 34.56 -17.51 45.84
N ASP A 136 34.55 -16.48 45.01
CA ASP A 136 34.07 -16.62 43.64
C ASP A 136 34.93 -17.61 42.87
N LYS A 137 36.25 -17.46 42.99
CA LYS A 137 37.18 -18.35 42.31
C LYS A 137 36.90 -19.81 42.66
N GLU A 138 36.67 -20.08 43.94
CA GLU A 138 36.34 -21.42 44.40
C GLU A 138 35.08 -21.95 43.74
N LEU A 139 34.00 -21.20 43.88
CA LEU A 139 32.70 -21.61 43.35
C LEU A 139 32.69 -21.64 41.83
N LYS A 140 33.41 -20.71 41.21
CA LYS A 140 33.48 -20.62 39.76
C LYS A 140 34.09 -21.92 39.21
N ALA A 141 35.21 -22.32 39.79
CA ALA A 141 35.92 -23.53 39.37
C ALA A 141 35.18 -24.79 39.80
N LYS A 142 34.01 -24.61 40.41
CA LYS A 142 33.16 -25.73 40.79
C LYS A 142 31.98 -25.78 39.83
N GLY A 143 31.98 -24.89 38.85
CA GLY A 143 30.92 -24.83 37.85
C GLY A 143 29.82 -23.84 38.19
N LYS A 144 29.98 -23.15 39.32
CA LYS A 144 28.96 -22.19 39.79
C LYS A 144 29.52 -20.76 39.83
N SER A 145 28.97 -19.95 40.74
CA SER A 145 29.42 -18.58 40.92
C SER A 145 29.16 -18.13 42.37
N ALA A 146 29.56 -16.90 42.69
CA ALA A 146 29.48 -16.43 44.07
C ALA A 146 28.21 -15.64 44.37
N LEU A 147 28.15 -14.41 43.89
CA LEU A 147 27.09 -13.49 44.24
C LEU A 147 26.51 -12.79 43.03
N MET A 148 25.26 -13.10 42.71
CA MET A 148 24.55 -12.40 41.65
C MET A 148 23.35 -11.64 42.19
N PHE A 149 23.29 -10.34 41.91
CA PHE A 149 22.17 -9.51 42.33
C PHE A 149 21.97 -8.32 41.40
N ASN A 150 20.81 -7.68 41.50
CA ASN A 150 20.49 -6.56 40.61
C ASN A 150 21.46 -5.38 40.76
N LEU A 151 22.13 -5.05 39.67
CA LEU A 151 23.07 -3.93 39.67
C LEU A 151 22.42 -2.69 39.08
N GLN A 152 21.38 -2.90 38.28
CA GLN A 152 20.70 -1.83 37.55
C GLN A 152 20.05 -0.82 38.49
N GLU A 153 19.35 -1.31 39.50
CA GLU A 153 18.73 -0.43 40.49
C GLU A 153 19.72 -0.05 41.58
N PRO A 154 19.72 1.24 41.97
CA PRO A 154 20.61 1.75 43.00
C PRO A 154 20.22 1.22 44.37
N TYR A 155 18.93 0.96 44.55
CA TYR A 155 18.41 0.43 45.80
C TYR A 155 19.21 -0.79 46.24
N PHE A 156 19.71 -1.55 45.27
CA PHE A 156 20.41 -2.80 45.56
C PHE A 156 21.91 -2.62 45.76
N THR A 157 22.48 -1.57 45.17
CA THR A 157 23.92 -1.33 45.26
C THR A 157 24.27 -0.23 46.27
N TRP A 158 23.26 0.52 46.70
CA TRP A 158 23.47 1.61 47.65
C TRP A 158 24.11 1.13 48.96
N PRO A 159 23.72 -0.07 49.44
CA PRO A 159 24.30 -0.62 50.66
C PRO A 159 25.82 -0.56 50.67
N LEU A 160 26.43 -1.11 49.62
CA LEU A 160 27.88 -1.14 49.51
C LEU A 160 28.47 0.27 49.49
N ILE A 161 27.78 1.17 48.79
CA ILE A 161 28.22 2.55 48.65
C ILE A 161 28.15 3.30 49.97
N ALA A 162 26.95 3.35 50.55
CA ALA A 162 26.72 4.08 51.79
C ALA A 162 27.45 3.47 52.98
N ALA A 163 28.07 2.31 52.75
CA ALA A 163 28.73 1.58 53.82
C ALA A 163 29.87 2.36 54.48
N ASP A 164 30.86 2.74 53.68
CA ASP A 164 32.07 3.37 54.24
C ASP A 164 31.92 4.87 54.45
N GLY A 165 30.69 5.37 54.46
CA GLY A 165 30.44 6.77 54.77
C GLY A 165 29.56 7.49 53.79
N GLY A 166 28.98 6.75 52.85
CA GLY A 166 28.07 7.33 51.87
C GLY A 166 26.71 7.63 52.49
N TYR A 167 26.09 8.71 52.04
CA TYR A 167 24.77 9.08 52.54
C TYR A 167 24.02 9.98 51.57
N ALA A 168 22.70 9.91 51.59
CA ALA A 168 21.86 10.74 50.75
C ALA A 168 21.90 12.18 51.24
N PHE A 169 21.07 12.49 52.24
CA PHE A 169 21.04 13.82 52.82
C PHE A 169 21.46 13.76 54.28
N LYS A 170 22.40 14.64 54.66
CA LYS A 170 22.85 14.70 56.05
C LYS A 170 21.74 15.25 56.94
N TYR A 171 21.43 14.52 58.00
CA TYR A 171 20.38 14.93 58.93
C TYR A 171 20.97 15.76 60.08
N GLU A 172 20.61 17.04 60.10
CA GLU A 172 21.06 17.95 61.15
C GLU A 172 19.94 18.18 62.17
N ASN A 173 20.17 17.72 63.40
CA ASN A 173 19.18 17.78 64.47
C ASN A 173 17.91 18.57 64.16
N GLY A 174 16.94 17.89 63.55
CA GLY A 174 15.66 18.51 63.22
C GLY A 174 15.18 18.18 61.83
N LYS A 175 15.72 18.87 60.84
CA LYS A 175 15.29 18.71 59.45
C LYS A 175 16.41 18.22 58.55
N TYR A 176 16.04 17.74 57.37
CA TYR A 176 17.01 17.25 56.39
C TYR A 176 17.64 18.41 55.62
N ASP A 177 18.97 18.50 55.66
CA ASP A 177 19.70 19.53 54.94
C ASP A 177 19.83 19.15 53.47
N ILE A 178 18.87 19.58 52.66
CA ILE A 178 18.79 19.19 51.25
C ILE A 178 20.00 19.64 50.43
N LYS A 179 21.04 20.13 51.12
CA LYS A 179 22.26 20.56 50.45
C LYS A 179 23.41 19.59 50.70
N ASP A 180 23.54 19.14 51.94
CA ASP A 180 24.64 18.26 52.33
C ASP A 180 24.40 16.84 51.84
N VAL A 181 25.07 16.48 50.75
CA VAL A 181 24.90 15.15 50.14
C VAL A 181 26.24 14.41 50.09
N GLY A 182 26.21 13.13 50.46
CA GLY A 182 27.43 12.33 50.52
C GLY A 182 27.46 11.17 49.54
N VAL A 183 27.32 11.47 48.25
CA VAL A 183 27.45 10.46 47.21
C VAL A 183 28.76 10.65 46.46
N ASP A 184 29.51 11.69 46.87
CA ASP A 184 30.77 12.04 46.21
C ASP A 184 31.95 11.80 47.14
N ASN A 185 31.69 11.68 48.43
CA ASN A 185 32.74 11.55 49.43
C ASN A 185 33.60 10.29 49.29
N ALA A 186 34.77 10.31 49.94
CA ALA A 186 35.72 9.21 49.84
C ALA A 186 35.10 7.86 50.18
N GLY A 187 34.09 7.87 51.05
CA GLY A 187 33.40 6.66 51.46
C GLY A 187 32.56 6.08 50.33
N ALA A 188 31.87 6.94 49.61
CA ALA A 188 31.01 6.50 48.50
C ALA A 188 31.85 6.01 47.32
N LYS A 189 32.92 6.73 47.02
CA LYS A 189 33.76 6.39 45.88
C LYS A 189 34.48 5.06 46.05
N ALA A 190 35.22 4.91 47.16
CA ALA A 190 35.94 3.68 47.42
C ALA A 190 35.01 2.46 47.44
N GLY A 191 33.76 2.69 47.83
CA GLY A 191 32.76 1.62 47.89
C GLY A 191 32.30 1.17 46.52
N LEU A 192 31.88 2.13 45.70
CA LEU A 192 31.43 1.82 44.35
C LEU A 192 32.59 1.29 43.51
N THR A 193 33.80 1.73 43.82
CA THR A 193 34.99 1.22 43.16
C THR A 193 35.05 -0.29 43.32
N PHE A 194 34.77 -0.76 44.53
CA PHE A 194 34.79 -2.19 44.82
C PHE A 194 33.82 -2.97 43.94
N LEU A 195 32.61 -2.43 43.75
CA LEU A 195 31.64 -3.06 42.87
C LEU A 195 32.20 -3.15 41.46
N VAL A 196 32.78 -2.06 40.99
CA VAL A 196 33.43 -2.03 39.68
C VAL A 196 34.58 -3.01 39.65
N ASP A 197 35.29 -3.13 40.78
CA ASP A 197 36.40 -4.07 40.91
C ASP A 197 35.97 -5.50 40.66
N LEU A 198 34.80 -5.86 41.16
CA LEU A 198 34.26 -7.20 40.96
C LEU A 198 33.92 -7.44 39.49
N ILE A 199 33.41 -6.40 38.84
CA ILE A 199 33.11 -6.46 37.41
C ILE A 199 34.41 -6.63 36.61
N LYS A 200 35.43 -5.87 36.98
CA LYS A 200 36.72 -5.94 36.31
C LYS A 200 37.35 -7.33 36.42
N ASN A 201 37.17 -7.98 37.55
CA ASN A 201 37.74 -9.29 37.77
C ASN A 201 36.78 -10.42 37.45
N LYS A 202 35.83 -10.15 36.58
CA LYS A 202 34.91 -11.16 36.05
C LYS A 202 34.05 -11.83 37.13
N HIS A 203 33.85 -11.14 38.25
CA HIS A 203 33.03 -11.68 39.33
C HIS A 203 31.56 -11.34 39.14
N MET A 204 31.29 -10.38 38.26
CA MET A 204 29.92 -9.95 37.98
C MET A 204 29.81 -9.37 36.57
N ASN A 205 28.58 -9.25 36.08
CA ASN A 205 28.31 -8.64 34.79
C ASN A 205 27.56 -7.33 34.96
N ALA A 206 28.12 -6.25 34.41
CA ALA A 206 27.53 -4.92 34.56
C ALA A 206 26.03 -4.89 34.23
N ASP A 207 25.59 -5.84 33.42
CA ASP A 207 24.20 -5.84 32.93
C ASP A 207 23.27 -6.79 33.69
N THR A 208 23.77 -7.40 34.77
CA THR A 208 22.94 -8.31 35.55
C THR A 208 21.77 -7.56 36.17
N ASP A 209 20.55 -7.98 35.82
CA ASP A 209 19.34 -7.35 36.34
C ASP A 209 18.62 -8.24 37.35
N TYR A 210 17.48 -7.77 37.85
CA TYR A 210 16.71 -8.51 38.84
C TYR A 210 16.30 -9.88 38.31
N SER A 211 15.85 -9.92 37.06
CA SER A 211 15.34 -11.14 36.45
C SER A 211 16.40 -12.24 36.30
N ILE A 212 17.63 -11.84 36.04
CA ILE A 212 18.73 -12.80 35.89
C ILE A 212 19.18 -13.29 37.26
N ALA A 213 19.42 -12.34 38.16
CA ALA A 213 19.83 -12.66 39.52
C ALA A 213 18.85 -13.66 40.16
N GLU A 214 17.56 -13.38 40.01
CA GLU A 214 16.53 -14.24 40.60
C GLU A 214 16.59 -15.65 40.01
N ALA A 215 16.82 -15.74 38.70
CA ALA A 215 16.89 -17.03 38.03
C ALA A 215 18.15 -17.79 38.43
N ALA A 216 19.23 -17.06 38.65
CA ALA A 216 20.52 -17.66 38.98
C ALA A 216 20.47 -18.37 40.34
N PHE A 217 19.93 -17.70 41.34
CA PHE A 217 19.85 -18.27 42.66
C PHE A 217 18.82 -19.38 42.74
N ASN A 218 17.64 -19.14 42.18
CA ASN A 218 16.52 -20.09 42.27
C ASN A 218 16.71 -21.33 41.39
N LYS A 219 17.81 -21.39 40.67
CA LYS A 219 18.15 -22.57 39.88
C LYS A 219 19.46 -23.19 40.36
N GLY A 220 20.02 -22.59 41.42
CA GLY A 220 21.22 -23.11 42.05
C GLY A 220 22.47 -22.86 41.23
N GLU A 221 22.51 -21.72 40.54
CA GLU A 221 23.67 -21.38 39.73
C GLU A 221 24.64 -20.47 40.48
N THR A 222 24.11 -19.62 41.35
CA THR A 222 24.94 -18.75 42.17
C THR A 222 24.73 -19.05 43.65
N ALA A 223 25.75 -18.79 44.46
CA ALA A 223 25.71 -19.15 45.87
C ALA A 223 25.01 -18.09 46.73
N MET A 224 25.09 -16.84 46.29
CA MET A 224 24.50 -15.74 47.04
C MET A 224 23.69 -14.77 46.19
N THR A 225 22.84 -14.00 46.85
CA THR A 225 22.04 -12.97 46.19
C THR A 225 21.60 -11.93 47.21
N ILE A 226 21.14 -10.79 46.71
CA ILE A 226 20.67 -9.71 47.56
C ILE A 226 19.25 -9.35 47.16
N ASN A 227 18.34 -9.34 48.13
CA ASN A 227 16.94 -9.14 47.83
C ASN A 227 16.09 -8.98 49.09
N GLY A 228 14.93 -8.32 48.94
CA GLY A 228 14.02 -8.11 50.04
C GLY A 228 13.09 -9.30 50.24
N PRO A 229 12.23 -9.23 51.28
CA PRO A 229 11.31 -10.30 51.64
C PRO A 229 10.50 -10.83 50.45
N TRP A 230 9.87 -9.93 49.70
CA TRP A 230 9.04 -10.32 48.56
C TRP A 230 9.65 -11.44 47.70
N ALA A 231 10.97 -11.57 47.76
CA ALA A 231 11.69 -12.53 46.92
C ALA A 231 11.60 -13.97 47.42
N TRP A 232 11.38 -14.14 48.73
CA TRP A 232 11.39 -15.47 49.33
C TRP A 232 10.31 -16.40 48.77
N SER A 233 9.17 -15.81 48.42
CA SER A 233 8.03 -16.56 47.90
C SER A 233 8.40 -17.48 46.74
N ASN A 234 9.33 -17.03 45.89
CA ASN A 234 9.76 -17.83 44.76
C ASN A 234 10.85 -18.83 45.11
N ILE A 235 11.78 -18.42 45.98
CA ILE A 235 12.83 -19.33 46.42
C ILE A 235 12.20 -20.50 47.16
N ASP A 236 11.08 -20.22 47.82
CA ASP A 236 10.30 -21.27 48.48
C ASP A 236 9.85 -22.33 47.48
N THR A 237 9.37 -21.88 46.32
CA THR A 237 8.88 -22.79 45.29
C THR A 237 10.00 -23.61 44.70
N SER A 238 11.15 -22.96 44.48
CA SER A 238 12.30 -23.61 43.85
C SER A 238 12.83 -24.78 44.67
N LYS A 239 12.45 -24.83 45.95
CA LYS A 239 12.93 -25.86 46.84
C LYS A 239 14.45 -25.76 47.00
N VAL A 240 14.97 -24.54 47.01
CA VAL A 240 16.39 -24.31 47.22
C VAL A 240 16.67 -24.13 48.71
N ASN A 241 17.63 -24.88 49.23
CA ASN A 241 17.98 -24.77 50.64
C ASN A 241 18.73 -23.48 50.91
N TYR A 242 17.98 -22.41 51.18
CA TYR A 242 18.56 -21.09 51.32
C TYR A 242 18.47 -20.56 52.74
N GLY A 243 19.32 -19.57 53.04
CA GLY A 243 19.28 -18.89 54.32
C GLY A 243 19.28 -17.39 54.15
N VAL A 244 18.54 -16.70 55.01
CA VAL A 244 18.53 -15.24 55.00
C VAL A 244 19.37 -14.75 56.18
N THR A 245 20.38 -13.93 55.89
CA THR A 245 21.28 -13.47 56.94
C THR A 245 21.77 -12.03 56.71
N VAL A 246 22.65 -11.58 57.59
CA VAL A 246 23.18 -10.21 57.55
C VAL A 246 23.91 -9.94 56.25
N LEU A 247 23.86 -8.68 55.82
CA LEU A 247 24.64 -8.25 54.67
C LEU A 247 26.13 -8.20 55.04
N PRO A 248 26.99 -8.68 54.14
CA PRO A 248 28.43 -8.63 54.37
C PRO A 248 28.89 -7.19 54.60
N THR A 249 30.05 -7.04 55.23
CA THR A 249 30.58 -5.72 55.56
C THR A 249 31.65 -5.30 54.57
N PHE A 250 31.81 -3.99 54.40
CA PHE A 250 32.86 -3.45 53.53
C PHE A 250 33.86 -2.63 54.35
N LYS A 251 35.12 -3.03 54.30
CA LYS A 251 36.18 -2.38 55.08
C LYS A 251 35.75 -2.26 56.54
N GLY A 252 35.22 -3.35 57.09
CA GLY A 252 34.78 -3.38 58.48
C GLY A 252 33.44 -2.70 58.68
N GLN A 253 33.16 -1.71 57.83
CA GLN A 253 31.89 -0.99 57.88
C GLN A 253 30.76 -1.84 57.32
N PRO A 254 29.65 -1.94 58.06
CA PRO A 254 28.53 -2.79 57.67
C PRO A 254 27.72 -2.15 56.55
N SER A 255 27.15 -2.99 55.68
CA SER A 255 26.24 -2.50 54.65
C SER A 255 25.12 -1.73 55.31
N LYS A 256 24.75 -0.60 54.73
CA LYS A 256 23.68 0.23 55.29
C LYS A 256 22.54 0.44 54.29
N PRO A 257 21.73 -0.61 54.07
CA PRO A 257 20.63 -0.49 53.11
C PRO A 257 19.60 0.52 53.57
N PHE A 258 18.99 1.23 52.62
CA PHE A 258 17.89 2.12 52.93
C PHE A 258 16.67 1.30 53.30
N VAL A 259 15.97 1.73 54.34
CA VAL A 259 14.79 1.03 54.80
C VAL A 259 13.54 1.63 54.18
N GLY A 260 12.78 0.79 53.48
CA GLY A 260 11.54 1.21 52.86
C GLY A 260 10.35 0.81 53.70
N VAL A 261 9.36 1.69 53.75
CA VAL A 261 8.11 1.40 54.42
C VAL A 261 7.00 1.40 53.39
N LEU A 262 6.66 0.21 52.89
CA LEU A 262 5.57 0.08 51.94
C LEU A 262 4.34 0.77 52.52
N SER A 263 3.84 1.77 51.81
CA SER A 263 2.73 2.56 52.31
C SER A 263 1.60 2.63 51.29
N ALA A 264 0.49 3.24 51.68
CA ALA A 264 -0.66 3.32 50.81
C ALA A 264 -1.30 4.68 50.93
N GLY A 265 -1.31 5.42 49.82
CA GLY A 265 -1.91 6.74 49.80
C GLY A 265 -3.27 6.71 49.12
N ILE A 266 -4.07 7.74 49.41
CA ILE A 266 -5.35 7.91 48.76
C ILE A 266 -5.25 9.02 47.70
N ASN A 267 -5.60 8.67 46.47
CA ASN A 267 -5.53 9.63 45.37
C ASN A 267 -6.35 10.87 45.66
N ALA A 268 -5.69 12.03 45.61
CA ALA A 268 -6.33 13.31 45.91
C ALA A 268 -7.59 13.55 45.08
N ALA A 269 -7.70 12.85 43.96
CA ALA A 269 -8.83 13.04 43.06
C ALA A 269 -9.70 11.80 42.99
N SER A 270 -10.04 11.25 44.16
CA SER A 270 -10.86 10.05 44.21
C SER A 270 -12.19 10.32 44.91
N PRO A 271 -13.29 10.00 44.22
CA PRO A 271 -14.63 10.16 44.78
C PRO A 271 -14.96 9.02 45.73
N ASN A 272 -13.94 8.25 46.10
CA ASN A 272 -14.12 7.09 46.95
C ASN A 272 -13.24 7.12 48.20
N LYS A 273 -12.92 8.33 48.67
CA LYS A 273 -12.05 8.50 49.83
C LYS A 273 -12.59 7.82 51.09
N GLU A 274 -13.91 7.70 51.16
CA GLU A 274 -14.54 7.10 52.33
C GLU A 274 -14.34 5.60 52.33
N LEU A 275 -14.50 4.97 51.17
CA LEU A 275 -14.37 3.53 51.04
C LEU A 275 -12.89 3.12 51.06
N ALA A 276 -12.04 4.00 50.53
CA ALA A 276 -10.61 3.76 50.51
C ALA A 276 -10.06 3.67 51.92
N LYS A 277 -10.54 4.56 52.77
CA LYS A 277 -10.13 4.62 54.17
C LYS A 277 -10.55 3.35 54.91
N GLU A 278 -11.80 2.94 54.70
CA GLU A 278 -12.33 1.73 55.33
C GLU A 278 -11.57 0.49 54.92
N PHE A 279 -11.33 0.34 53.62
CA PHE A 279 -10.60 -0.81 53.13
C PHE A 279 -9.26 -0.96 53.84
N LEU A 280 -8.43 0.06 53.78
CA LEU A 280 -7.09 0.02 54.36
C LEU A 280 -7.10 -0.20 55.87
N GLU A 281 -7.94 0.53 56.59
CA GLU A 281 -7.94 0.48 58.04
C GLU A 281 -8.62 -0.77 58.61
N ASN A 282 -9.77 -1.12 58.06
CA ASN A 282 -10.56 -2.22 58.60
C ASN A 282 -10.45 -3.54 57.84
N TYR A 283 -9.72 -3.54 56.73
CA TYR A 283 -9.60 -4.76 55.93
C TYR A 283 -8.15 -5.17 55.66
N LEU A 284 -7.36 -4.25 55.12
CA LEU A 284 -5.97 -4.53 54.81
C LEU A 284 -5.12 -4.57 56.07
N LEU A 285 -5.13 -3.46 56.82
CA LEU A 285 -4.33 -3.36 58.04
C LEU A 285 -4.96 -4.09 59.22
N THR A 286 -5.31 -5.36 59.00
CA THR A 286 -5.76 -6.23 60.06
C THR A 286 -4.84 -7.45 60.05
N ASP A 287 -5.06 -8.37 60.99
CA ASP A 287 -4.27 -9.60 61.01
C ASP A 287 -4.49 -10.39 59.73
N GLU A 288 -5.76 -10.69 59.43
CA GLU A 288 -6.11 -11.51 58.27
C GLU A 288 -5.67 -10.86 56.98
N GLY A 289 -6.03 -9.60 56.81
CA GLY A 289 -5.66 -8.87 55.61
C GLY A 289 -4.19 -9.05 55.30
N LEU A 290 -3.34 -8.62 56.23
CA LEU A 290 -1.91 -8.67 56.03
C LEU A 290 -1.41 -10.09 55.82
N GLU A 291 -2.02 -11.05 56.50
CA GLU A 291 -1.68 -12.46 56.30
C GLU A 291 -1.94 -12.85 54.85
N ALA A 292 -3.16 -12.59 54.38
CA ALA A 292 -3.54 -12.92 53.01
C ALA A 292 -2.49 -12.43 52.01
N VAL A 293 -2.00 -11.21 52.23
CA VAL A 293 -0.99 -10.60 51.37
C VAL A 293 0.38 -11.24 51.60
N ASN A 294 0.70 -11.49 52.87
CA ASN A 294 1.97 -12.11 53.24
C ASN A 294 2.09 -13.53 52.70
N LYS A 295 0.98 -14.26 52.75
CA LYS A 295 0.94 -15.65 52.29
C LYS A 295 1.03 -15.74 50.75
N ASP A 296 1.00 -14.59 50.09
CA ASP A 296 1.26 -14.51 48.66
C ASP A 296 2.76 -14.23 48.50
N LYS A 297 3.17 -13.04 48.93
CA LYS A 297 4.57 -12.66 48.94
C LYS A 297 4.89 -11.86 50.20
N PRO A 298 5.99 -12.23 50.88
CA PRO A 298 6.38 -11.66 52.17
C PRO A 298 6.40 -10.13 52.18
N LEU A 299 5.66 -9.54 53.10
CA LEU A 299 5.65 -8.09 53.24
C LEU A 299 6.91 -7.62 53.94
N GLY A 300 7.40 -8.44 54.85
CA GLY A 300 8.56 -8.11 55.67
C GLY A 300 8.18 -8.08 57.13
N ALA A 301 8.57 -7.02 57.82
CA ALA A 301 8.19 -6.82 59.22
C ALA A 301 7.08 -5.78 59.27
N VAL A 302 5.83 -6.26 59.25
CA VAL A 302 4.67 -5.37 59.16
C VAL A 302 4.63 -4.30 60.25
N ALA A 303 3.96 -3.20 59.98
CA ALA A 303 3.80 -2.11 60.95
C ALA A 303 2.74 -2.45 61.99
N LEU A 304 1.75 -3.23 61.60
CA LEU A 304 0.69 -3.67 62.51
C LEU A 304 1.29 -4.54 63.61
N LYS A 305 1.47 -3.95 64.78
CA LYS A 305 2.18 -4.58 65.89
C LYS A 305 1.63 -5.95 66.31
N SER A 306 0.32 -6.12 66.19
CA SER A 306 -0.32 -7.38 66.55
C SER A 306 0.17 -8.54 65.69
N TYR A 307 0.28 -8.30 64.38
CA TYR A 307 0.75 -9.33 63.46
C TYR A 307 2.27 -9.39 63.38
N GLU A 308 2.93 -8.33 63.85
CA GLU A 308 4.39 -8.32 63.94
C GLU A 308 4.91 -9.39 64.88
N GLU A 309 4.42 -9.37 66.12
CA GLU A 309 4.88 -10.32 67.13
C GLU A 309 4.57 -11.75 66.72
N GLU A 310 3.45 -11.95 66.03
CA GLU A 310 3.08 -13.26 65.52
C GLU A 310 4.12 -13.76 64.52
N LEU A 311 4.66 -12.83 63.74
CA LEU A 311 5.56 -13.16 62.65
C LEU A 311 7.02 -12.97 63.05
N ALA A 312 7.24 -12.48 64.27
CA ALA A 312 8.58 -12.18 64.75
C ALA A 312 9.50 -13.40 64.82
N LYS A 313 8.90 -14.56 65.10
CA LYS A 313 9.65 -15.82 65.24
C LYS A 313 10.52 -16.14 64.03
N ASP A 314 10.00 -15.89 62.84
CA ASP A 314 10.69 -16.17 61.57
C ASP A 314 12.12 -15.61 61.54
N PRO A 315 13.12 -16.49 61.42
CA PRO A 315 14.52 -16.10 61.39
C PRO A 315 14.86 -15.18 60.22
N ARG A 316 14.12 -15.33 59.12
CA ARG A 316 14.34 -14.50 57.95
C ARG A 316 13.94 -13.05 58.23
N ILE A 317 12.85 -12.88 58.97
CA ILE A 317 12.37 -11.55 59.33
C ILE A 317 13.23 -10.97 60.44
N ALA A 318 13.84 -11.85 61.23
CA ALA A 318 14.74 -11.44 62.29
C ALA A 318 15.99 -10.82 61.67
N ALA A 319 16.49 -11.44 60.61
CA ALA A 319 17.66 -10.94 59.91
C ALA A 319 17.31 -9.71 59.08
N THR A 320 16.04 -9.62 58.67
CA THR A 320 15.57 -8.50 57.88
C THR A 320 15.55 -7.23 58.72
N MET A 321 15.09 -7.37 59.97
CA MET A 321 15.09 -6.25 60.89
C MET A 321 16.48 -5.99 61.44
N GLU A 322 17.35 -6.99 61.37
CA GLU A 322 18.74 -6.82 61.78
C GLU A 322 19.47 -5.90 60.81
N ASN A 323 19.30 -6.16 59.51
CA ASN A 323 19.90 -5.33 58.47
C ASN A 323 19.26 -3.95 58.40
N ALA A 324 17.99 -3.87 58.77
CA ALA A 324 17.27 -2.60 58.79
C ALA A 324 17.89 -1.67 59.82
N GLN A 325 18.13 -2.18 61.02
CA GLN A 325 18.72 -1.41 62.10
C GLN A 325 20.13 -0.94 61.72
N LYS A 326 20.88 -1.83 61.08
CA LYS A 326 22.24 -1.50 60.64
C LYS A 326 22.25 -0.40 59.59
N GLY A 327 21.27 -0.44 58.68
CA GLY A 327 21.09 0.62 57.71
C GLY A 327 20.30 1.77 58.29
N GLU A 328 19.91 2.73 57.45
CA GLU A 328 19.11 3.86 57.91
C GLU A 328 17.81 4.04 57.13
N ILE A 329 16.78 4.47 57.84
CA ILE A 329 15.46 4.70 57.25
C ILE A 329 15.55 5.66 56.07
N MET A 330 14.73 5.41 55.06
CA MET A 330 14.69 6.23 53.86
C MET A 330 13.97 7.54 54.15
N PRO A 331 14.55 8.67 53.74
CA PRO A 331 13.88 9.96 53.89
C PRO A 331 12.70 10.08 52.93
N ASN A 332 11.80 11.01 53.18
CA ASN A 332 10.60 11.13 52.36
C ASN A 332 10.50 12.43 51.57
N ILE A 333 11.45 13.33 51.81
CA ILE A 333 11.44 14.64 51.14
C ILE A 333 11.34 14.52 49.61
N PRO A 334 10.67 15.49 48.98
CA PRO A 334 10.43 15.54 47.53
C PRO A 334 11.69 15.51 46.68
N GLN A 335 12.85 15.42 47.34
CA GLN A 335 14.12 15.36 46.62
C GLN A 335 14.62 13.92 46.55
N MET A 336 13.99 13.04 47.31
CA MET A 336 14.38 11.63 47.34
C MET A 336 14.15 10.96 46.00
N CYS A 337 13.00 11.24 45.37
CA CYS A 337 12.72 10.70 44.04
C CYS A 337 13.72 11.23 43.03
N ALA A 338 14.16 12.47 43.25
CA ALA A 338 15.22 13.07 42.43
C ALA A 338 16.58 12.50 42.79
N PHE A 339 16.72 12.05 44.03
CA PHE A 339 17.95 11.42 44.50
C PHE A 339 18.27 10.14 43.74
N TRP A 340 17.24 9.33 43.49
CA TRP A 340 17.42 8.01 42.90
C TRP A 340 17.83 8.03 41.44
N TYR A 341 17.28 8.96 40.66
CA TYR A 341 17.63 9.07 39.25
C TYR A 341 19.14 9.25 39.10
N ALA A 342 19.67 10.25 39.79
CA ALA A 342 21.08 10.58 39.70
C ALA A 342 21.98 9.40 40.05
N VAL A 343 21.60 8.65 41.09
CA VAL A 343 22.37 7.50 41.50
C VAL A 343 22.24 6.36 40.50
N ARG A 344 21.02 6.14 40.02
CA ARG A 344 20.75 5.07 39.07
C ARG A 344 21.72 5.16 37.91
N THR A 345 21.87 6.36 37.37
CA THR A 345 22.73 6.61 36.22
C THR A 345 24.20 6.47 36.61
N ALA A 346 24.61 7.18 37.64
CA ALA A 346 26.00 7.18 38.10
C ALA A 346 26.56 5.76 38.19
N VAL A 347 25.82 4.88 38.86
CA VAL A 347 26.24 3.49 39.02
C VAL A 347 26.38 2.79 37.67
N ILE A 348 25.24 2.63 36.97
CA ILE A 348 25.24 1.95 35.68
C ILE A 348 26.42 2.35 34.81
N ASN A 349 26.67 3.66 34.71
CA ASN A 349 27.77 4.19 33.91
C ASN A 349 29.15 3.80 34.43
N ALA A 350 29.30 3.83 35.76
CA ALA A 350 30.55 3.41 36.39
C ALA A 350 30.71 1.90 36.29
N ALA A 351 29.59 1.19 36.45
CA ALA A 351 29.58 -0.26 36.36
C ALA A 351 29.84 -0.73 34.93
N SER A 352 29.32 0.02 33.95
CA SER A 352 29.51 -0.33 32.55
C SER A 352 30.94 -0.05 32.10
N GLY A 353 31.55 0.99 32.67
CA GLY A 353 32.93 1.34 32.33
C GLY A 353 33.03 2.59 31.48
N ARG A 354 31.88 3.20 31.21
CA ARG A 354 31.85 4.45 30.46
C ARG A 354 32.61 5.53 31.21
N GLN A 355 32.31 5.64 32.51
CA GLN A 355 33.00 6.57 33.39
C GLN A 355 33.74 5.79 34.46
N THR A 356 34.70 6.44 35.11
CA THR A 356 35.31 5.87 36.30
C THR A 356 34.40 6.19 37.48
N VAL A 357 34.76 5.70 38.66
CA VAL A 357 33.94 5.87 39.84
C VAL A 357 33.70 7.34 40.17
N ASP A 358 34.77 8.12 40.19
CA ASP A 358 34.71 9.53 40.60
C ASP A 358 33.89 10.37 39.63
N GLU A 359 34.18 10.23 38.34
CA GLU A 359 33.49 10.99 37.31
C GLU A 359 31.99 10.73 37.33
N ALA A 360 31.62 9.45 37.46
CA ALA A 360 30.22 9.06 37.47
C ALA A 360 29.49 9.60 38.70
N LEU A 361 30.17 9.59 39.84
CA LEU A 361 29.58 10.04 41.10
C LEU A 361 29.54 11.56 41.21
N LYS A 362 30.58 12.23 40.71
CA LYS A 362 30.64 13.69 40.75
C LYS A 362 29.53 14.30 39.91
N ASP A 363 29.03 13.51 38.95
CA ASP A 363 27.88 13.92 38.15
C ASP A 363 26.61 13.92 39.00
N ALA A 364 26.31 12.76 39.57
CA ALA A 364 25.13 12.62 40.43
C ALA A 364 25.15 13.65 41.55
N GLN A 365 26.33 13.98 42.03
CA GLN A 365 26.50 14.94 43.12
C GLN A 365 25.85 16.29 42.81
N THR A 366 26.18 16.85 41.65
CA THR A 366 25.69 18.17 41.28
C THR A 366 24.30 18.16 40.66
N ARG A 367 23.83 16.98 40.26
CA ARG A 367 22.49 16.83 39.71
C ARG A 367 21.44 16.91 40.81
N ILE A 368 21.84 16.58 42.02
CA ILE A 368 20.95 16.64 43.17
C ILE A 368 20.83 18.06 43.68
N THR A 369 21.98 18.66 43.99
CA THR A 369 22.03 20.03 44.48
C THR A 369 21.48 21.02 43.46
N LYS A 370 22.06 21.02 42.26
CA LYS A 370 21.66 21.92 41.18
C LYS A 370 21.48 23.36 41.66
N SER B 18 -34.74 17.66 4.20
CA SER B 18 -34.66 16.20 4.44
C SER B 18 -33.85 15.90 5.70
N VAL B 19 -32.60 15.48 5.51
CA VAL B 19 -31.70 15.22 6.63
C VAL B 19 -30.89 16.47 6.94
N LEU B 20 -31.03 17.47 6.09
CA LEU B 20 -30.38 18.76 6.27
C LEU B 20 -30.77 19.39 7.60
N GLY B 21 -32.08 19.39 7.88
CA GLY B 21 -32.62 19.98 9.09
C GLY B 21 -32.27 19.24 10.36
N LEU B 22 -32.28 17.91 10.30
CA LEU B 22 -32.02 17.08 11.47
C LEU B 22 -30.56 17.17 11.94
N LEU B 23 -29.64 17.10 10.99
CA LEU B 23 -28.22 17.24 11.30
C LEU B 23 -27.87 18.72 11.45
N GLY B 24 -28.74 19.58 10.93
CA GLY B 24 -28.63 21.01 11.13
C GLY B 24 -29.16 21.40 12.50
N LEU B 25 -29.79 20.45 13.17
CA LEU B 25 -30.26 20.66 14.53
C LEU B 25 -29.13 20.53 15.54
N LEU B 26 -28.21 19.61 15.27
CA LEU B 26 -27.02 19.47 16.10
C LEU B 26 -26.09 20.66 15.88
N VAL B 27 -26.28 21.35 14.76
CA VAL B 27 -25.62 22.62 14.51
C VAL B 27 -26.33 23.70 15.31
N GLY B 28 -25.75 24.03 16.46
CA GLY B 28 -26.37 24.94 17.41
C GLY B 28 -26.65 24.20 18.70
N TYR B 29 -27.11 22.97 18.57
CA TYR B 29 -27.38 22.12 19.73
C TYR B 29 -26.07 21.89 20.49
N LEU B 30 -25.06 21.39 19.79
CA LEU B 30 -23.74 21.18 20.38
C LEU B 30 -22.87 22.41 20.21
N VAL B 31 -23.16 23.20 19.16
CA VAL B 31 -22.34 24.36 18.85
C VAL B 31 -22.47 25.48 19.88
N VAL B 32 -23.70 25.78 20.30
CA VAL B 32 -23.93 26.80 21.33
C VAL B 32 -23.49 26.30 22.71
N LEU B 33 -23.50 24.98 22.88
CA LEU B 33 -22.97 24.37 24.10
C LEU B 33 -21.45 24.51 24.20
N MET B 34 -20.82 24.86 23.07
CA MET B 34 -19.39 25.13 23.05
C MET B 34 -19.11 26.54 23.58
N TYR B 35 -19.91 27.50 23.11
CA TYR B 35 -19.82 28.88 23.56
C TYR B 35 -20.11 28.97 25.06
N ALA B 36 -21.13 28.23 25.49
CA ALA B 36 -21.44 28.10 26.91
C ALA B 36 -20.43 27.16 27.57
N GLN B 37 -20.13 27.41 28.83
CA GLN B 37 -19.12 26.64 29.56
C GLN B 37 -17.70 26.97 29.09
N GLY B 38 -17.55 28.16 28.48
CA GLY B 38 -16.25 28.62 28.02
C GLY B 38 -15.78 27.95 26.74
N GLU B 39 -14.85 27.02 26.88
CA GLU B 39 -14.32 26.22 25.77
C GLU B 39 -14.24 26.96 24.44
N TYR B 40 -13.70 28.17 24.47
CA TYR B 40 -13.53 28.98 23.26
C TYR B 40 -12.43 28.40 22.37
N LEU B 41 -11.62 27.53 22.94
CA LEU B 41 -10.57 26.84 22.20
C LEU B 41 -11.18 25.88 21.19
N PHE B 42 -12.24 25.20 21.62
CA PHE B 42 -12.90 24.16 20.82
C PHE B 42 -14.29 24.59 20.37
N ALA B 43 -14.55 25.90 20.41
CA ALA B 43 -15.87 26.44 20.06
C ALA B 43 -15.97 26.92 18.62
N ILE B 44 -14.91 27.58 18.14
CA ILE B 44 -14.89 28.10 16.77
C ILE B 44 -14.69 26.98 15.76
N THR B 45 -13.78 26.06 16.09
CA THR B 45 -13.41 24.99 15.18
C THR B 45 -14.54 23.99 14.92
N THR B 46 -15.39 23.77 15.92
CA THR B 46 -16.51 22.84 15.78
C THR B 46 -17.61 23.40 14.88
N LEU B 47 -17.78 24.71 14.89
CA LEU B 47 -18.78 25.36 14.04
C LEU B 47 -18.27 25.61 12.63
N ILE B 48 -17.00 26.04 12.52
CA ILE B 48 -16.40 26.34 11.23
C ILE B 48 -16.20 25.08 10.40
N LEU B 49 -15.69 24.01 11.02
CA LEU B 49 -15.46 22.76 10.31
C LEU B 49 -16.76 21.98 10.06
N SER B 50 -17.86 22.44 10.66
CA SER B 50 -19.15 21.81 10.46
C SER B 50 -19.96 22.53 9.39
N SER B 51 -19.89 23.87 9.40
CA SER B 51 -20.64 24.70 8.47
C SER B 51 -20.16 24.56 7.02
N ALA B 52 -19.01 23.94 6.83
CA ALA B 52 -18.48 23.68 5.50
C ALA B 52 -19.07 22.39 4.94
N GLY B 53 -19.28 21.42 5.83
CA GLY B 53 -19.86 20.14 5.44
C GLY B 53 -21.30 20.27 4.99
N LEU B 54 -22.04 21.15 5.69
CA LEU B 54 -23.42 21.43 5.34
C LEU B 54 -23.49 22.17 4.01
N TYR B 55 -22.65 23.20 3.88
CA TYR B 55 -22.59 24.00 2.66
C TYR B 55 -22.27 23.15 1.44
N ILE B 56 -21.38 22.19 1.62
CA ILE B 56 -20.91 21.35 0.52
C ILE B 56 -21.92 20.29 0.11
N PHE B 57 -22.45 19.56 1.09
CA PHE B 57 -23.35 18.44 0.81
C PHE B 57 -24.76 18.88 0.44
N ALA B 58 -25.03 20.18 0.58
CA ALA B 58 -26.35 20.73 0.27
C ALA B 58 -26.55 20.88 -1.24
N ASN B 59 -26.08 22.00 -1.77
CA ASN B 59 -26.18 22.26 -3.21
C ASN B 59 -25.34 21.29 -4.03
N ARG B 60 -25.52 21.34 -5.35
CA ARG B 60 -24.80 20.40 -6.23
C ARG B 60 -23.71 21.09 -7.05
N LYS B 61 -23.44 22.36 -6.75
CA LYS B 61 -22.38 23.09 -7.41
C LYS B 61 -21.03 22.77 -6.77
N ALA B 62 -21.07 22.10 -5.63
CA ALA B 62 -19.86 21.63 -4.96
C ALA B 62 -19.91 20.11 -4.79
N TYR B 63 -19.97 19.40 -5.91
CA TYR B 63 -20.05 17.95 -5.91
C TYR B 63 -18.68 17.32 -5.69
N ALA B 64 -17.63 18.05 -6.06
CA ALA B 64 -16.26 17.55 -5.93
C ALA B 64 -15.82 17.48 -4.47
N TRP B 65 -16.18 18.49 -3.70
CA TRP B 65 -15.76 18.58 -2.30
C TRP B 65 -16.46 17.56 -1.41
N ARG B 66 -17.50 16.91 -1.95
CA ARG B 66 -18.23 15.88 -1.21
C ARG B 66 -17.36 14.64 -1.00
N TYR B 67 -16.42 14.41 -1.91
CA TYR B 67 -15.54 13.26 -1.82
C TYR B 67 -14.25 13.58 -1.08
N VAL B 68 -14.02 14.87 -0.82
CA VAL B 68 -12.78 15.31 -0.19
C VAL B 68 -13.00 15.85 1.22
N TYR B 69 -14.24 16.19 1.54
CA TYR B 69 -14.58 16.70 2.86
C TYR B 69 -14.35 15.67 3.97
N PRO B 70 -15.02 14.51 3.89
CA PRO B 70 -14.93 13.53 4.96
C PRO B 70 -13.48 13.11 5.22
N GLY B 71 -12.65 13.19 4.19
CA GLY B 71 -11.24 12.85 4.33
C GLY B 71 -10.47 13.91 5.10
N MET B 72 -10.45 15.13 4.55
CA MET B 72 -9.71 16.23 5.16
C MET B 72 -10.23 16.60 6.54
N ALA B 73 -11.49 16.29 6.80
CA ALA B 73 -12.05 16.50 8.13
C ALA B 73 -11.19 15.75 9.14
N GLY B 74 -10.89 14.48 8.83
CA GLY B 74 -10.01 13.67 9.66
C GLY B 74 -8.63 14.28 9.84
N MET B 75 -8.02 14.63 8.71
CA MET B 75 -6.72 15.32 8.72
C MET B 75 -6.77 16.49 9.69
N GLY B 76 -7.77 17.36 9.51
CA GLY B 76 -7.91 18.55 10.34
C GLY B 76 -7.95 18.25 11.83
N LEU B 77 -8.98 17.52 12.25
CA LEU B 77 -9.19 17.24 13.66
C LEU B 77 -8.07 16.46 14.33
N PHE B 78 -7.68 15.34 13.73
CA PHE B 78 -6.82 14.37 14.41
C PHE B 78 -5.36 14.44 14.00
N VAL B 79 -5.04 15.31 13.05
CA VAL B 79 -3.66 15.48 12.61
C VAL B 79 -3.24 16.94 12.65
N LEU B 80 -3.95 17.78 11.90
CA LEU B 80 -3.61 19.21 11.80
C LEU B 80 -3.83 19.93 13.13
N PHE B 81 -4.95 19.67 13.79
CA PHE B 81 -5.28 20.34 15.04
C PHE B 81 -4.23 20.11 16.12
N PRO B 82 -4.00 18.84 16.51
CA PRO B 82 -3.04 18.53 17.57
C PRO B 82 -1.66 19.11 17.27
N LEU B 83 -1.41 19.46 16.02
CA LEU B 83 -0.16 20.10 15.65
C LEU B 83 -0.21 21.60 15.98
N VAL B 84 -1.21 22.28 15.45
CA VAL B 84 -1.41 23.69 15.73
C VAL B 84 -1.46 23.90 17.25
N CYS B 85 -2.22 23.05 17.92
CA CYS B 85 -2.35 23.10 19.36
C CYS B 85 -0.99 22.89 20.02
N THR B 86 -0.27 21.85 19.59
CA THR B 86 1.03 21.52 20.17
C THR B 86 2.03 22.67 20.00
N ILE B 87 1.78 23.53 19.02
CA ILE B 87 2.62 24.69 18.76
C ILE B 87 2.35 25.81 19.77
N ALA B 88 1.08 26.03 20.07
CA ALA B 88 0.69 27.01 21.08
C ALA B 88 1.17 26.56 22.46
N ILE B 89 1.41 25.26 22.60
CA ILE B 89 1.96 24.70 23.84
C ILE B 89 3.38 25.20 24.04
N ALA B 90 4.08 25.44 22.94
CA ALA B 90 5.47 25.91 22.98
C ALA B 90 5.56 27.31 23.56
N PHE B 91 4.50 28.10 23.37
CA PHE B 91 4.46 29.46 23.86
C PHE B 91 4.06 29.52 25.34
N THR B 92 4.23 28.42 26.05
CA THR B 92 3.89 28.37 27.48
C THR B 92 4.74 27.37 28.26
N ASN B 93 4.76 27.53 29.58
CA ASN B 93 5.62 26.72 30.45
C ASN B 93 5.03 25.36 30.82
N TYR B 94 4.01 24.94 30.07
CA TYR B 94 3.35 23.65 30.27
C TYR B 94 4.35 22.59 30.76
N SER B 95 4.13 22.07 31.96
CA SER B 95 5.06 21.11 32.55
C SER B 95 4.38 20.19 33.57
N SER B 96 5.12 19.19 34.03
CA SER B 96 4.61 18.27 35.04
C SER B 96 4.17 19.03 36.29
N THR B 97 4.94 20.06 36.63
CA THR B 97 4.62 20.93 37.76
C THR B 97 3.46 21.86 37.40
N ASN B 98 3.58 22.51 36.25
CA ASN B 98 2.57 23.46 35.80
C ASN B 98 1.77 22.87 34.65
N GLN B 99 0.65 22.23 34.97
CA GLN B 99 -0.02 21.35 34.02
C GLN B 99 -1.47 21.72 33.70
N LEU B 100 -2.30 21.79 34.74
CA LEU B 100 -3.73 22.09 34.56
C LEU B 100 -3.94 23.55 34.22
N THR B 101 -5.18 23.90 33.88
CA THR B 101 -5.55 25.31 33.67
C THR B 101 -5.78 25.97 35.02
N PHE B 102 -5.91 27.29 35.02
CA PHE B 102 -6.10 28.02 36.27
C PHE B 102 -7.40 27.66 36.98
N GLU B 103 -8.46 27.47 36.21
CA GLU B 103 -9.78 27.19 36.79
C GLU B 103 -9.84 25.80 37.44
N ARG B 104 -9.09 24.84 36.90
CA ARG B 104 -9.01 23.51 37.50
C ARG B 104 -8.08 23.51 38.70
N ALA B 105 -7.03 24.31 38.64
CA ALA B 105 -6.04 24.38 39.72
C ALA B 105 -6.66 24.85 41.04
N GLN B 106 -7.55 25.83 40.96
CA GLN B 106 -8.23 26.30 42.15
C GLN B 106 -9.32 25.31 42.56
N GLU B 107 -9.94 24.68 41.58
CA GLU B 107 -10.97 23.68 41.81
C GLU B 107 -10.40 22.49 42.60
N VAL B 108 -9.15 22.15 42.30
CA VAL B 108 -8.44 21.09 43.02
C VAL B 108 -8.06 21.55 44.43
N LEU B 109 -7.57 22.78 44.52
CA LEU B 109 -7.12 23.34 45.78
C LEU B 109 -8.25 23.53 46.80
N LEU B 110 -9.46 23.72 46.29
CA LEU B 110 -10.63 23.89 47.16
C LEU B 110 -11.26 22.56 47.52
N ASP B 111 -11.00 21.55 46.69
CA ASP B 111 -11.57 20.22 46.90
C ASP B 111 -10.94 19.54 48.10
N ARG B 112 -9.78 20.03 48.53
CA ARG B 112 -9.07 19.44 49.67
C ARG B 112 -9.60 20.00 50.99
N SER B 113 -9.23 19.35 52.10
CA SER B 113 -9.74 19.72 53.41
C SER B 113 -8.82 19.32 54.55
N TRP B 114 -9.17 19.74 55.77
CA TRP B 114 -8.40 19.42 56.96
C TRP B 114 -9.33 19.07 58.11
N GLN B 115 -8.88 18.17 58.99
CA GLN B 115 -9.69 17.78 60.14
C GLN B 115 -9.53 18.76 61.30
N ALA B 116 -10.65 19.32 61.76
CA ALA B 116 -10.62 20.34 62.80
C ALA B 116 -11.30 19.88 64.09
N GLY B 117 -11.84 18.67 64.08
CA GLY B 117 -12.53 18.13 65.26
C GLY B 117 -12.04 16.76 65.65
N LYS B 118 -12.88 16.01 66.36
CA LYS B 118 -12.53 14.65 66.78
C LYS B 118 -13.16 13.62 65.86
N THR B 119 -13.14 12.36 66.29
CA THR B 119 -13.73 11.29 65.51
C THR B 119 -14.83 10.60 66.30
N TYR B 120 -15.98 10.41 65.65
CA TYR B 120 -17.14 9.82 66.28
C TYR B 120 -17.57 8.59 65.50
N ASN B 121 -17.84 7.50 66.20
CA ASN B 121 -18.34 6.31 65.54
C ASN B 121 -19.84 6.37 65.37
N PHE B 122 -20.28 6.38 64.11
CA PHE B 122 -21.71 6.53 63.82
C PHE B 122 -22.41 5.20 63.63
N GLY B 123 -23.73 5.23 63.61
CA GLY B 123 -24.52 4.04 63.36
C GLY B 123 -25.79 4.43 62.64
N LEU B 124 -26.30 3.51 61.82
CA LEU B 124 -27.54 3.76 61.12
C LEU B 124 -28.62 2.82 61.63
N TYR B 125 -29.72 3.38 62.10
CA TYR B 125 -30.81 2.59 62.66
C TYR B 125 -32.13 3.00 62.04
N PRO B 126 -32.76 2.08 61.30
CA PRO B 126 -33.99 2.39 60.58
C PRO B 126 -35.17 2.64 61.52
N ALA B 127 -35.93 3.69 61.23
CA ALA B 127 -37.13 4.01 61.99
C ALA B 127 -38.32 4.08 61.04
N GLY B 128 -38.96 2.92 60.83
CA GLY B 128 -40.01 2.82 59.82
C GLY B 128 -39.40 2.89 58.44
N ASP B 129 -39.97 3.75 57.59
CA ASP B 129 -39.38 4.01 56.27
C ASP B 129 -38.19 4.95 56.43
N GLU B 130 -38.17 5.68 57.54
CA GLU B 130 -37.15 6.69 57.80
C GLU B 130 -35.96 6.07 58.53
N TRP B 131 -34.86 6.81 58.58
CA TRP B 131 -33.63 6.32 59.20
C TRP B 131 -33.19 7.21 60.34
N GLN B 132 -32.15 6.79 61.05
CA GLN B 132 -31.68 7.54 62.21
C GLN B 132 -30.18 7.35 62.45
N LEU B 133 -29.50 8.46 62.74
CA LEU B 133 -28.06 8.47 62.92
C LEU B 133 -27.68 8.62 64.39
N ALA B 134 -26.54 8.08 64.77
CA ALA B 134 -26.05 8.18 66.13
C ALA B 134 -24.53 8.29 66.16
N LEU B 135 -24.01 9.10 67.07
CA LEU B 135 -22.57 9.22 67.26
C LEU B 135 -22.20 8.88 68.70
N SER B 136 -20.92 8.67 68.95
CA SER B 136 -20.45 8.33 70.29
C SER B 136 -19.11 8.98 70.59
N ASP B 137 -19.05 9.74 71.68
CA ASP B 137 -17.82 10.44 72.05
C ASP B 137 -16.96 9.56 72.96
N GLY B 138 -15.75 9.27 72.51
CA GLY B 138 -14.84 8.39 73.25
C GLY B 138 -14.17 9.07 74.43
N GLU B 139 -14.07 10.39 74.37
CA GLU B 139 -13.44 11.16 75.44
C GLU B 139 -14.38 11.31 76.64
N THR B 140 -15.65 11.58 76.34
CA THR B 140 -16.64 11.87 77.37
C THR B 140 -17.55 10.68 77.68
N GLY B 141 -17.59 9.72 76.77
CA GLY B 141 -18.42 8.53 76.95
C GLY B 141 -19.86 8.75 76.54
N LYS B 142 -20.29 10.01 76.54
CA LYS B 142 -21.66 10.38 76.19
C LYS B 142 -22.00 10.07 74.74
N ASN B 143 -23.27 9.81 74.47
CA ASN B 143 -23.74 9.49 73.13
C ASN B 143 -24.76 10.50 72.62
N TYR B 144 -24.82 10.67 71.31
CA TYR B 144 -25.70 11.66 70.69
C TYR B 144 -26.49 11.00 69.56
N LEU B 145 -27.75 11.39 69.41
CA LEU B 145 -28.65 10.72 68.47
C LEU B 145 -29.55 11.69 67.72
N SER B 146 -29.83 11.38 66.45
CA SER B 146 -30.60 12.27 65.59
C SER B 146 -32.09 11.93 65.59
N ASP B 147 -32.87 12.74 64.89
CA ASP B 147 -34.29 12.47 64.71
C ASP B 147 -34.51 11.71 63.41
N ALA B 148 -35.61 10.97 63.34
CA ALA B 148 -35.94 10.19 62.15
C ALA B 148 -35.91 11.08 60.90
N PHE B 149 -34.97 10.80 60.01
CA PHE B 149 -34.81 11.59 58.80
C PHE B 149 -34.97 10.73 57.55
N LYS B 150 -34.97 11.37 56.39
CA LYS B 150 -35.09 10.67 55.11
C LYS B 150 -33.91 10.96 54.22
N PHE B 151 -33.28 9.91 53.71
CA PHE B 151 -32.13 10.04 52.82
C PHE B 151 -32.47 10.82 51.55
N GLY B 152 -31.54 11.63 51.08
CA GLY B 152 -31.73 12.36 49.83
C GLY B 152 -31.53 13.86 49.96
N GLY B 153 -30.39 14.34 49.46
CA GLY B 153 -30.09 15.77 49.46
C GLY B 153 -29.29 16.22 50.66
N GLU B 154 -28.58 17.33 50.50
CA GLU B 154 -27.83 17.94 51.59
C GLU B 154 -28.77 18.41 52.68
N GLN B 155 -28.55 17.91 53.89
CA GLN B 155 -29.38 18.28 55.03
C GLN B 155 -28.54 18.35 56.29
N LYS B 156 -28.84 19.30 57.16
CA LYS B 156 -28.18 19.39 58.44
C LYS B 156 -29.02 18.65 59.48
N LEU B 157 -28.35 18.01 60.42
CA LEU B 157 -29.03 17.29 61.49
C LEU B 157 -28.49 17.74 62.85
N GLN B 158 -29.38 17.84 63.82
CA GLN B 158 -28.96 18.18 65.17
C GLN B 158 -29.04 16.95 66.06
N LEU B 159 -27.95 16.67 66.77
CA LEU B 159 -27.88 15.49 67.61
C LEU B 159 -28.17 15.82 69.06
N LYS B 160 -29.06 15.05 69.67
CA LYS B 160 -29.43 15.24 71.07
C LYS B 160 -28.79 14.14 71.91
N GLU B 161 -28.33 14.51 73.11
CA GLU B 161 -27.71 13.53 74.01
C GLU B 161 -28.76 12.59 74.58
N THR B 162 -28.43 11.30 74.63
CA THR B 162 -29.35 10.30 75.15
C THR B 162 -28.61 9.17 75.87
N THR B 163 -29.35 8.45 76.72
CA THR B 163 -28.77 7.35 77.47
C THR B 163 -29.31 6.00 76.98
N ALA B 164 -30.44 6.06 76.28
CA ALA B 164 -31.12 4.85 75.80
C ALA B 164 -30.64 4.44 74.42
N GLN B 165 -30.87 3.17 74.08
CA GLN B 165 -30.54 2.62 72.77
C GLN B 165 -31.68 2.91 71.80
N PRO B 166 -31.35 3.13 70.53
CA PRO B 166 -32.38 3.33 69.51
C PRO B 166 -33.09 2.02 69.20
N GLU B 167 -34.37 2.11 68.83
CA GLU B 167 -35.13 0.91 68.48
C GLU B 167 -34.89 0.54 67.02
N GLY B 168 -34.43 -0.69 66.80
CA GLY B 168 -34.09 -1.16 65.47
C GLY B 168 -32.65 -1.62 65.40
N GLU B 169 -32.43 -2.72 64.68
CA GLU B 169 -31.10 -3.30 64.57
C GLU B 169 -30.18 -2.44 63.71
N ARG B 170 -28.95 -2.24 64.18
CA ARG B 170 -27.97 -1.44 63.48
C ARG B 170 -27.79 -1.92 62.05
N ALA B 171 -27.65 -0.98 61.11
CA ALA B 171 -27.46 -1.32 59.71
C ALA B 171 -26.02 -1.77 59.43
N ASN B 172 -25.88 -2.89 58.74
CA ASN B 172 -24.57 -3.42 58.40
C ASN B 172 -23.91 -2.65 57.25
N LEU B 173 -22.60 -2.82 57.12
CA LEU B 173 -21.83 -2.09 56.11
C LEU B 173 -22.51 -2.02 54.75
N ARG B 174 -22.96 -3.17 54.25
CA ARG B 174 -23.58 -3.23 52.92
C ARG B 174 -24.73 -2.26 52.78
N VAL B 175 -25.53 -2.11 53.84
CA VAL B 175 -26.67 -1.21 53.81
C VAL B 175 -26.22 0.24 53.89
N ILE B 176 -25.23 0.52 54.73
CA ILE B 176 -24.71 1.89 54.84
C ILE B 176 -23.92 2.26 53.59
N THR B 177 -23.28 1.26 52.98
CA THR B 177 -22.55 1.46 51.74
C THR B 177 -23.49 1.83 50.60
N GLN B 178 -24.69 1.27 50.63
CA GLN B 178 -25.70 1.54 49.61
C GLN B 178 -26.26 2.95 49.76
N ASN B 179 -26.21 3.48 50.98
CA ASN B 179 -26.70 4.82 51.23
C ASN B 179 -25.58 5.83 51.47
N ARG B 180 -24.36 5.43 51.12
CA ARG B 180 -23.19 6.30 51.25
C ARG B 180 -23.44 7.65 50.61
N GLN B 181 -24.20 7.64 49.52
CA GLN B 181 -24.48 8.84 48.75
C GLN B 181 -25.11 9.94 49.60
N ALA B 182 -26.30 9.66 50.13
CA ALA B 182 -27.03 10.64 50.90
C ALA B 182 -26.41 10.84 52.27
N LEU B 183 -25.58 9.89 52.68
CA LEU B 183 -24.95 9.94 54.00
C LEU B 183 -23.78 10.91 54.02
N SER B 184 -23.20 11.13 52.85
CA SER B 184 -22.06 12.04 52.73
C SER B 184 -22.51 13.50 52.69
N ASP B 185 -23.78 13.71 52.37
CA ASP B 185 -24.34 15.06 52.27
C ASP B 185 -24.96 15.53 53.59
N ILE B 186 -25.24 14.58 54.48
CA ILE B 186 -25.73 14.89 55.81
C ILE B 186 -24.58 15.45 56.66
N THR B 187 -24.72 16.70 57.06
CA THR B 187 -23.69 17.39 57.84
C THR B 187 -24.10 17.58 59.29
N ALA B 188 -24.20 16.47 60.02
CA ALA B 188 -24.64 16.49 61.42
C ALA B 188 -23.74 17.34 62.32
N ILE B 189 -24.28 17.75 63.45
CA ILE B 189 -23.56 18.60 64.40
C ILE B 189 -24.03 18.39 65.85
N LEU B 190 -23.06 18.27 66.74
CA LEU B 190 -23.34 18.11 68.17
C LEU B 190 -24.03 19.38 68.71
N PRO B 191 -24.55 19.31 69.94
CA PRO B 191 -25.12 20.52 70.52
C PRO B 191 -24.04 21.56 70.79
N ASP B 192 -22.95 21.10 71.39
CA ASP B 192 -21.82 21.96 71.77
C ASP B 192 -20.67 21.85 70.77
N GLY B 193 -20.43 20.64 70.29
CA GLY B 193 -19.35 20.38 69.34
C GLY B 193 -19.60 20.99 67.97
N ASN B 194 -18.54 21.13 67.18
CA ASN B 194 -18.65 21.73 65.86
C ASN B 194 -19.20 20.74 64.82
N LYS B 195 -19.36 21.20 63.58
CA LYS B 195 -19.95 20.37 62.53
C LYS B 195 -19.11 19.11 62.23
N VAL B 196 -19.79 18.05 61.84
CA VAL B 196 -19.14 16.75 61.66
C VAL B 196 -19.83 15.89 60.59
N MET B 197 -19.05 15.47 59.60
CA MET B 197 -19.59 14.68 58.48
C MET B 197 -18.95 13.30 58.38
N MET B 198 -19.39 12.53 57.39
CA MET B 198 -18.91 11.16 57.21
C MET B 198 -17.47 11.11 56.74
N SER B 199 -16.70 10.18 57.29
CA SER B 199 -15.30 9.99 56.88
C SER B 199 -15.01 8.55 56.48
N SER B 200 -15.83 7.62 56.97
CA SER B 200 -15.71 6.21 56.60
C SER B 200 -17.08 5.55 56.72
N LEU B 201 -17.10 4.22 56.69
CA LEU B 201 -18.35 3.50 56.83
C LEU B 201 -18.74 3.31 58.29
N ARG B 202 -17.86 3.74 59.19
CA ARG B 202 -18.09 3.55 60.61
C ARG B 202 -17.81 4.82 61.42
N GLN B 203 -17.27 5.85 60.77
CA GLN B 203 -16.87 7.05 61.49
C GLN B 203 -17.26 8.38 60.85
N PHE B 204 -17.68 9.30 61.72
CA PHE B 204 -17.91 10.69 61.36
C PHE B 204 -16.81 11.52 61.98
N SER B 205 -16.33 12.55 61.27
CA SER B 205 -15.32 13.44 61.83
C SER B 205 -15.50 14.88 61.34
N GLY B 206 -14.98 15.83 62.12
CA GLY B 206 -15.13 17.24 61.81
C GLY B 206 -14.19 17.71 60.71
N THR B 207 -14.59 17.49 59.46
CA THR B 207 -13.80 17.86 58.30
C THR B 207 -14.30 19.16 57.69
N GLN B 208 -13.39 20.10 57.45
CA GLN B 208 -13.74 21.40 56.87
C GLN B 208 -12.77 21.79 55.76
N PRO B 209 -13.25 22.50 54.73
CA PRO B 209 -12.42 22.96 53.62
C PRO B 209 -11.18 23.72 54.09
N LEU B 210 -10.05 23.45 53.46
CA LEU B 210 -8.78 24.04 53.85
C LEU B 210 -8.75 25.52 53.50
N TYR B 211 -9.21 25.84 52.28
CA TYR B 211 -9.21 27.22 51.79
C TYR B 211 -10.62 27.71 51.49
N THR B 212 -10.79 29.02 51.49
CA THR B 212 -12.04 29.64 51.05
C THR B 212 -11.74 30.74 50.04
N LEU B 213 -12.64 30.96 49.09
CA LEU B 213 -12.45 31.95 48.04
C LEU B 213 -13.57 32.98 48.00
N ASP B 214 -13.23 34.24 48.22
CA ASP B 214 -14.23 35.32 48.20
C ASP B 214 -14.27 36.05 46.85
N GLY B 215 -14.69 37.31 46.89
CA GLY B 215 -14.87 38.12 45.69
C GLY B 215 -13.69 38.12 44.73
N ASP B 216 -12.51 38.48 45.25
CA ASP B 216 -11.29 38.45 44.45
C ASP B 216 -10.63 37.07 44.50
N GLY B 217 -9.75 36.80 43.53
CA GLY B 217 -9.12 35.50 43.40
C GLY B 217 -8.13 35.16 44.50
N THR B 218 -8.34 35.73 45.68
CA THR B 218 -7.45 35.52 46.82
C THR B 218 -7.90 34.34 47.68
N LEU B 219 -7.03 33.35 47.81
CA LEU B 219 -7.31 32.18 48.65
C LEU B 219 -6.73 32.36 50.04
N THR B 220 -7.53 32.02 51.05
CA THR B 220 -7.09 32.16 52.43
C THR B 220 -7.15 30.84 53.20
N ASN B 221 -6.04 30.50 53.85
CA ASN B 221 -5.95 29.28 54.64
C ASN B 221 -6.79 29.37 55.90
N ASN B 222 -7.30 28.23 56.36
CA ASN B 222 -8.16 28.19 57.53
C ASN B 222 -7.56 27.44 58.71
N GLN B 223 -6.28 27.08 58.59
CA GLN B 223 -5.56 26.43 59.69
C GLN B 223 -4.45 27.33 60.22
N SER B 224 -3.52 27.69 59.35
CA SER B 224 -2.43 28.59 59.71
C SER B 224 -2.86 30.03 59.50
N GLY B 225 -3.92 30.23 58.72
CA GLY B 225 -4.50 31.54 58.48
C GLY B 225 -3.68 32.42 57.56
N VAL B 226 -3.08 31.81 56.54
CA VAL B 226 -2.28 32.54 55.57
C VAL B 226 -3.12 32.89 54.36
N LYS B 227 -2.71 33.93 53.62
CA LYS B 227 -3.39 34.31 52.40
C LYS B 227 -2.51 34.11 51.17
N TYR B 228 -3.09 33.53 50.12
CA TYR B 228 -2.36 33.22 48.89
C TYR B 228 -2.96 33.91 47.67
N ARG B 229 -2.12 34.24 46.69
CA ARG B 229 -2.58 34.88 45.46
C ARG B 229 -1.95 34.23 44.24
N PRO B 230 -2.73 34.12 43.14
CA PRO B 230 -2.28 33.50 41.91
C PRO B 230 -1.13 34.25 41.25
N ASN B 231 0.07 33.67 41.31
CA ASN B 231 1.23 34.28 40.68
C ASN B 231 1.36 33.82 39.23
N ASN B 232 0.87 34.64 38.30
CA ASN B 232 0.90 34.29 36.89
C ASN B 232 2.28 34.48 36.26
N GLN B 233 3.27 34.84 37.09
CA GLN B 233 4.66 34.94 36.64
C GLN B 233 5.31 33.57 36.60
N ILE B 234 4.82 32.66 37.44
CA ILE B 234 5.35 31.30 37.49
C ILE B 234 4.23 30.27 37.40
N GLY B 235 2.99 30.73 37.46
CA GLY B 235 1.84 29.85 37.31
C GLY B 235 1.47 29.07 38.55
N PHE B 236 1.87 29.57 39.71
CA PHE B 236 1.55 28.94 40.98
C PHE B 236 0.77 29.89 41.89
N TYR B 237 0.27 29.36 43.00
CA TYR B 237 -0.26 30.19 44.07
C TYR B 237 0.85 30.46 45.07
N GLN B 238 0.98 31.72 45.48
CA GLN B 238 2.07 32.13 46.35
C GLN B 238 1.58 33.09 47.43
N SER B 239 2.40 33.31 48.45
CA SER B 239 2.04 34.19 49.55
C SER B 239 3.01 35.37 49.68
N ILE B 240 2.52 36.46 50.25
CA ILE B 240 3.36 37.64 50.49
C ILE B 240 3.19 38.13 51.92
N THR B 241 4.21 38.79 52.44
CA THR B 241 4.17 39.33 53.80
C THR B 241 3.11 40.41 53.93
N ALA B 242 2.52 40.51 55.12
CA ALA B 242 1.48 41.50 55.37
C ALA B 242 2.07 42.91 55.45
N ASP B 248 9.08 32.79 50.79
CA ASP B 248 7.61 32.76 50.72
C ASP B 248 7.11 31.37 50.34
N GLU B 249 5.87 31.08 50.73
CA GLU B 249 5.25 29.77 50.48
C GLU B 249 4.83 29.64 49.01
N LYS B 250 4.81 28.40 48.52
CA LYS B 250 4.38 28.13 47.14
C LYS B 250 3.49 26.88 47.04
N LEU B 251 2.20 27.09 46.84
CA LEU B 251 1.25 26.00 46.65
C LEU B 251 1.57 25.25 45.36
N SER B 252 1.72 23.93 45.47
CA SER B 252 2.25 23.15 44.35
C SER B 252 1.32 22.12 43.70
N PRO B 253 0.05 22.48 43.46
CA PRO B 253 -0.68 21.81 42.38
C PRO B 253 -0.33 22.41 41.02
N GLY B 254 -0.34 23.75 40.93
CA GLY B 254 0.19 24.47 39.75
C GLY B 254 -0.70 24.52 38.52
N TYR B 255 -0.74 25.68 37.88
CA TYR B 255 -1.54 25.87 36.66
C TYR B 255 -0.71 26.45 35.50
N THR B 256 -1.05 26.03 34.28
CA THR B 256 -0.34 26.48 33.08
C THR B 256 -0.63 27.93 32.73
N VAL B 257 0.41 28.66 32.34
CA VAL B 257 0.27 30.07 31.97
C VAL B 257 1.24 30.45 30.84
N THR B 258 0.88 31.44 30.04
CA THR B 258 1.64 31.84 28.85
C THR B 258 3.04 32.39 29.14
N THR B 259 3.99 32.00 28.30
CA THR B 259 5.38 32.44 28.43
C THR B 259 6.01 32.76 27.07
N GLY B 260 5.42 33.71 26.35
CA GLY B 260 5.93 34.19 25.06
C GLY B 260 6.88 33.27 24.30
N TRP B 261 8.10 33.75 24.06
CA TRP B 261 9.09 32.99 23.30
C TRP B 261 10.15 32.37 24.20
N LYS B 262 9.84 32.28 25.49
CA LYS B 262 10.81 31.85 26.50
C LYS B 262 11.40 30.47 26.21
N ASN B 263 10.56 29.55 25.76
CA ASN B 263 11.01 28.20 25.45
C ASN B 263 11.91 28.14 24.23
N PHE B 264 11.51 28.83 23.17
CA PHE B 264 12.29 28.89 21.94
C PHE B 264 13.67 29.48 22.20
N THR B 265 13.71 30.59 22.94
CA THR B 265 14.97 31.29 23.22
C THR B 265 15.96 30.42 23.97
N ARG B 266 15.46 29.45 24.73
CA ARG B 266 16.33 28.56 25.48
C ARG B 266 17.01 27.55 24.57
N VAL B 267 16.32 27.16 23.50
CA VAL B 267 16.88 26.19 22.56
C VAL B 267 18.05 26.81 21.82
N PHE B 268 17.91 28.08 21.44
CA PHE B 268 19.00 28.80 20.78
C PHE B 268 20.07 29.23 21.78
N THR B 269 19.74 29.18 23.06
CA THR B 269 20.65 29.61 24.12
C THR B 269 21.45 28.45 24.73
N ASP B 270 20.75 27.50 25.31
CA ASP B 270 21.38 26.43 26.09
C ASP B 270 22.49 25.70 25.35
N GLU B 271 23.55 25.37 26.08
CA GLU B 271 24.69 24.64 25.54
C GLU B 271 24.40 23.15 25.59
N GLY B 272 23.83 22.71 26.70
CA GLY B 272 23.57 21.29 26.93
C GLY B 272 22.47 20.70 26.07
N ILE B 273 21.67 21.57 25.45
CA ILE B 273 20.58 21.11 24.59
C ILE B 273 21.03 21.06 23.14
N GLN B 274 21.80 22.05 22.73
CA GLN B 274 22.23 22.19 21.34
C GLN B 274 23.27 21.14 20.95
N LYS B 275 24.19 20.85 21.86
CA LYS B 275 25.31 19.95 21.57
C LYS B 275 24.89 18.60 20.99
N PRO B 276 23.97 17.89 21.68
CA PRO B 276 23.53 16.60 21.16
C PRO B 276 22.42 16.72 20.11
N PHE B 277 21.76 17.88 20.07
CA PHE B 277 20.65 18.08 19.14
C PHE B 277 21.09 17.87 17.69
N LEU B 278 22.21 18.49 17.31
CA LEU B 278 22.75 18.32 15.97
C LEU B 278 23.56 17.04 15.86
N ALA B 279 23.82 16.40 17.00
CA ALA B 279 24.57 15.15 17.01
C ALA B 279 23.67 13.99 16.65
N ILE B 280 22.44 14.01 17.15
CA ILE B 280 21.47 12.97 16.84
C ILE B 280 20.82 13.24 15.49
N PHE B 281 20.71 14.51 15.12
CA PHE B 281 20.21 14.87 13.80
C PHE B 281 20.97 14.08 12.75
N VAL B 282 22.24 13.81 13.04
CA VAL B 282 23.05 12.97 12.18
C VAL B 282 22.55 11.54 12.23
N TRP B 283 22.49 10.98 13.43
CA TRP B 283 22.08 9.59 13.60
C TRP B 283 20.72 9.29 12.98
N THR B 284 19.75 10.20 13.17
CA THR B 284 18.42 10.00 12.63
C THR B 284 18.40 9.89 11.11
N VAL B 285 19.01 10.87 10.44
CA VAL B 285 19.04 10.89 8.99
C VAL B 285 19.83 9.71 8.44
N VAL B 286 20.89 9.34 9.14
CA VAL B 286 21.70 8.19 8.75
C VAL B 286 20.94 6.89 8.97
N PHE B 287 20.41 6.72 10.17
CA PHE B 287 19.66 5.51 10.53
C PHE B 287 18.57 5.18 9.54
N SER B 288 17.81 6.19 9.11
CA SER B 288 16.71 5.95 8.20
C SER B 288 17.20 5.77 6.76
N LEU B 289 18.38 6.30 6.47
CA LEU B 289 19.00 6.10 5.15
C LEU B 289 19.46 4.66 5.01
N ILE B 290 20.28 4.21 5.95
CA ILE B 290 20.79 2.85 5.91
C ILE B 290 19.65 1.84 5.91
N THR B 291 18.62 2.12 6.70
CA THR B 291 17.42 1.29 6.72
C THR B 291 16.83 1.19 5.32
N VAL B 292 16.44 2.32 4.77
CA VAL B 292 15.83 2.34 3.45
C VAL B 292 16.72 1.64 2.43
N PHE B 293 18.04 1.82 2.55
CA PHE B 293 18.97 1.21 1.61
C PHE B 293 19.05 -0.31 1.74
N LEU B 294 18.98 -0.80 2.97
CA LEU B 294 19.10 -2.24 3.22
C LEU B 294 17.76 -2.94 3.03
N THR B 295 16.68 -2.28 3.42
CA THR B 295 15.35 -2.85 3.31
C THR B 295 14.93 -3.03 1.85
N VAL B 296 15.30 -2.07 1.01
CA VAL B 296 15.09 -2.20 -0.42
C VAL B 296 15.97 -3.30 -0.98
N ALA B 297 17.28 -3.16 -0.76
CA ALA B 297 18.24 -4.13 -1.26
C ALA B 297 17.73 -5.55 -1.08
N VAL B 298 17.45 -5.93 0.16
CA VAL B 298 17.00 -7.27 0.45
C VAL B 298 15.62 -7.51 -0.15
N GLY B 299 14.68 -6.65 0.19
CA GLY B 299 13.32 -6.78 -0.28
C GLY B 299 13.28 -7.09 -1.76
N MET B 300 13.99 -6.29 -2.54
CA MET B 300 14.01 -6.41 -3.99
C MET B 300 14.62 -7.72 -4.45
N VAL B 301 15.85 -7.99 -4.00
CA VAL B 301 16.55 -9.20 -4.41
C VAL B 301 15.69 -10.44 -4.21
N LEU B 302 15.00 -10.50 -3.07
CA LEU B 302 14.13 -11.62 -2.78
C LEU B 302 12.95 -11.66 -3.75
N ALA B 303 12.28 -10.52 -3.91
CA ALA B 303 11.15 -10.43 -4.83
C ALA B 303 11.50 -10.99 -6.19
N CYS B 304 12.73 -10.73 -6.64
CA CYS B 304 13.20 -11.29 -7.90
C CYS B 304 13.30 -12.81 -7.80
N LEU B 305 14.09 -13.30 -6.85
CA LEU B 305 14.30 -14.72 -6.67
C LEU B 305 13.01 -15.50 -6.53
N VAL B 306 12.07 -14.97 -5.76
CA VAL B 306 10.84 -15.69 -5.43
C VAL B 306 9.89 -15.83 -6.62
N GLN B 307 9.77 -14.77 -7.41
CA GLN B 307 8.88 -14.84 -8.57
C GLN B 307 9.62 -15.26 -9.84
N TRP B 308 10.87 -15.68 -9.67
CA TRP B 308 11.65 -16.23 -10.76
C TRP B 308 11.01 -17.52 -11.26
N GLU B 309 10.60 -17.52 -12.53
CA GLU B 309 9.89 -18.65 -13.13
C GLU B 309 10.46 -20.02 -12.78
N ALA B 310 11.78 -20.17 -12.92
CA ALA B 310 12.43 -21.48 -12.80
C ALA B 310 12.53 -22.00 -11.37
N LEU B 311 12.04 -21.23 -10.40
CA LEU B 311 12.06 -21.67 -9.00
C LEU B 311 10.89 -22.61 -8.71
N ARG B 312 11.05 -23.45 -7.70
CA ARG B 312 10.05 -24.46 -7.39
C ARG B 312 8.95 -23.96 -6.44
N GLY B 313 9.20 -24.03 -5.14
CA GLY B 313 8.17 -23.73 -4.15
C GLY B 313 7.97 -22.25 -3.85
N LYS B 314 7.65 -21.47 -4.88
CA LYS B 314 7.43 -20.04 -4.72
C LYS B 314 6.37 -19.75 -3.66
N ALA B 315 5.26 -20.45 -3.76
CA ALA B 315 4.11 -20.22 -2.87
C ALA B 315 4.43 -20.43 -1.40
N VAL B 316 5.31 -21.38 -1.11
CA VAL B 316 5.75 -21.62 0.25
C VAL B 316 6.76 -20.56 0.67
N TYR B 317 7.80 -20.40 -0.15
CA TYR B 317 8.82 -19.38 0.10
C TYR B 317 8.20 -18.03 0.40
N ARG B 318 7.13 -17.72 -0.31
CA ARG B 318 6.46 -16.43 -0.20
C ARG B 318 5.88 -16.21 1.19
N VAL B 319 5.05 -17.14 1.65
CA VAL B 319 4.38 -17.00 2.94
C VAL B 319 5.37 -17.07 4.10
N LEU B 320 6.51 -17.71 3.87
CA LEU B 320 7.55 -17.81 4.90
C LEU B 320 8.30 -16.49 5.08
N LEU B 321 8.70 -15.89 3.97
CA LEU B 321 9.48 -14.66 4.01
C LEU B 321 8.64 -13.48 4.43
N ILE B 322 7.36 -13.73 4.70
CA ILE B 322 6.45 -12.67 5.12
C ILE B 322 6.09 -12.76 6.59
N LEU B 323 6.39 -13.89 7.22
CA LEU B 323 5.99 -14.11 8.61
C LEU B 323 6.36 -12.98 9.56
N PRO B 324 7.60 -12.44 9.45
CA PRO B 324 8.00 -11.33 10.32
C PRO B 324 7.01 -10.17 10.31
N TYR B 325 6.38 -9.92 9.17
CA TYR B 325 5.42 -8.83 9.03
C TYR B 325 4.09 -9.16 9.70
N ALA B 326 3.78 -10.45 9.81
CA ALA B 326 2.54 -10.90 10.43
C ALA B 326 2.66 -10.97 11.96
N VAL B 327 3.83 -10.59 12.46
CA VAL B 327 4.08 -10.51 13.90
C VAL B 327 4.22 -9.05 14.31
N PRO B 328 3.28 -8.56 15.12
CA PRO B 328 3.24 -7.17 15.55
C PRO B 328 4.60 -6.63 15.97
N SER B 329 4.96 -5.45 15.45
CA SER B 329 6.28 -4.86 15.66
C SER B 329 6.74 -4.93 17.12
N PHE B 330 6.02 -4.25 17.99
CA PHE B 330 6.41 -4.15 19.39
C PHE B 330 6.87 -5.48 19.99
N ILE B 331 6.12 -6.55 19.75
CA ILE B 331 6.47 -7.84 20.33
C ILE B 331 7.76 -8.41 19.73
N SER B 332 7.97 -8.15 18.44
CA SER B 332 9.20 -8.59 17.79
C SER B 332 10.39 -7.82 18.31
N ILE B 333 10.23 -6.52 18.46
CA ILE B 333 11.27 -5.67 19.05
C ILE B 333 11.62 -6.20 20.43
N LEU B 334 10.58 -6.51 21.21
CA LEU B 334 10.77 -6.98 22.57
C LEU B 334 11.50 -8.31 22.64
N ILE B 335 11.06 -9.29 21.85
CA ILE B 335 11.71 -10.60 21.90
C ILE B 335 13.16 -10.46 21.48
N PHE B 336 13.42 -9.51 20.58
CA PHE B 336 14.77 -9.21 20.14
C PHE B 336 15.54 -8.58 21.29
N LYS B 337 14.96 -7.53 21.88
CA LYS B 337 15.61 -6.81 22.98
C LYS B 337 16.27 -7.78 23.94
N GLY B 338 15.60 -8.91 24.19
CA GLY B 338 16.14 -9.93 25.06
C GLY B 338 17.23 -10.77 24.41
N LEU B 339 16.99 -11.21 23.17
CA LEU B 339 17.97 -12.01 22.45
C LEU B 339 19.30 -11.28 22.37
N PHE B 340 19.24 -9.96 22.24
CA PHE B 340 20.43 -9.15 22.06
C PHE B 340 21.12 -8.75 23.36
N ASN B 341 20.74 -9.38 24.47
CA ASN B 341 21.41 -9.13 25.75
C ASN B 341 22.92 -9.35 25.64
N GLN B 342 23.68 -8.55 26.36
CA GLN B 342 25.14 -8.57 26.23
C GLN B 342 25.77 -9.81 26.84
N SER B 343 25.64 -9.97 28.16
CA SER B 343 26.29 -11.08 28.86
C SER B 343 25.50 -12.37 28.76
N PHE B 344 24.18 -12.25 28.70
CA PHE B 344 23.31 -13.40 28.52
C PHE B 344 22.53 -13.20 27.23
N GLY B 345 21.45 -13.94 27.04
CA GLY B 345 20.65 -13.80 25.83
C GLY B 345 21.22 -14.62 24.69
N GLU B 346 20.37 -15.44 24.08
CA GLU B 346 20.79 -16.51 23.18
C GLU B 346 21.70 -16.14 21.99
N ILE B 347 21.70 -14.87 21.58
CA ILE B 347 22.49 -14.48 20.43
C ILE B 347 23.98 -14.55 20.71
N ASN B 348 24.42 -13.88 21.76
CA ASN B 348 25.83 -13.88 22.14
C ASN B 348 26.31 -15.21 22.72
N MET B 349 25.36 -16.06 23.10
CA MET B 349 25.67 -17.42 23.51
C MET B 349 26.30 -18.15 22.33
N MET B 350 25.58 -18.18 21.21
CA MET B 350 26.07 -18.82 20.00
C MET B 350 27.19 -17.99 19.38
N LEU B 351 27.17 -16.69 19.65
CA LEU B 351 28.14 -15.77 19.08
C LEU B 351 29.49 -15.86 19.78
N SER B 352 29.53 -16.55 20.92
CA SER B 352 30.79 -16.84 21.58
C SER B 352 31.12 -18.32 21.43
N ALA B 353 30.27 -19.03 20.70
CA ALA B 353 30.50 -20.45 20.40
C ALA B 353 31.46 -20.59 19.23
N LEU B 354 31.08 -20.02 18.08
CA LEU B 354 31.95 -20.04 16.90
C LEU B 354 33.08 -18.99 17.02
N PHE B 355 32.70 -17.72 16.91
CA PHE B 355 33.64 -16.64 17.19
C PHE B 355 33.78 -16.50 18.71
N GLY B 356 34.88 -15.92 19.17
CA GLY B 356 35.11 -15.77 20.61
C GLY B 356 34.74 -14.41 21.15
N VAL B 357 33.66 -13.82 20.62
CA VAL B 357 33.29 -12.46 20.98
C VAL B 357 31.88 -12.37 21.55
N LYS B 358 31.67 -11.40 22.45
CA LYS B 358 30.35 -11.06 22.93
C LYS B 358 30.13 -9.56 22.83
N PRO B 359 29.70 -9.08 21.65
CA PRO B 359 29.53 -7.66 21.36
C PRO B 359 28.51 -7.00 22.28
N ALA B 360 28.81 -5.78 22.72
CA ALA B 360 27.94 -5.05 23.64
C ALA B 360 26.89 -4.24 22.87
N TRP B 361 25.75 -4.87 22.62
CA TRP B 361 24.70 -4.26 21.80
C TRP B 361 23.95 -3.14 22.50
N PHE B 362 24.25 -2.92 23.78
CA PHE B 362 23.53 -1.93 24.58
C PHE B 362 24.45 -0.91 25.25
N SER B 363 25.75 -1.21 25.27
CA SER B 363 26.74 -0.37 25.96
C SER B 363 27.52 0.50 25.00
N ASP B 364 27.96 -0.10 23.89
CA ASP B 364 28.73 0.61 22.88
C ASP B 364 27.80 1.32 21.90
N PRO B 365 27.91 2.65 21.82
CA PRO B 365 27.08 3.45 20.93
C PRO B 365 26.95 2.81 19.55
N THR B 366 28.07 2.44 18.95
CA THR B 366 28.07 1.90 17.60
C THR B 366 27.43 0.51 17.53
N THR B 367 27.84 -0.38 18.42
CA THR B 367 27.30 -1.73 18.43
C THR B 367 25.79 -1.67 18.60
N ALA B 368 25.33 -0.76 19.45
CA ALA B 368 23.91 -0.52 19.61
C ALA B 368 23.31 -0.06 18.29
N ARG B 369 23.94 0.93 17.67
CA ARG B 369 23.49 1.44 16.38
C ARG B 369 23.46 0.33 15.34
N THR B 370 24.45 -0.56 15.39
CA THR B 370 24.49 -1.71 14.51
C THR B 370 23.29 -2.61 14.75
N MET B 371 22.97 -2.82 16.02
CA MET B 371 21.84 -3.65 16.40
C MET B 371 20.56 -3.09 15.80
N LEU B 372 20.18 -1.88 16.22
CA LEU B 372 19.01 -1.21 15.68
C LEU B 372 18.78 -1.59 14.22
N ILE B 373 19.83 -1.45 13.41
CA ILE B 373 19.72 -1.68 11.98
C ILE B 373 19.52 -3.15 11.63
N ILE B 374 20.21 -4.04 12.34
CA ILE B 374 20.00 -5.47 12.12
C ILE B 374 18.55 -5.82 12.39
N VAL B 375 18.00 -5.24 13.44
CA VAL B 375 16.61 -5.46 13.78
C VAL B 375 15.70 -4.79 12.76
N ASN B 376 15.81 -3.47 12.63
CA ASN B 376 14.93 -2.72 11.76
C ASN B 376 14.83 -3.35 10.37
N THR B 377 15.95 -3.84 9.85
CA THR B 377 16.01 -4.50 8.56
C THR B 377 15.15 -5.77 8.56
N TRP B 378 15.25 -6.54 9.65
CA TRP B 378 14.43 -7.71 9.84
C TRP B 378 12.96 -7.32 9.81
N LEU B 379 12.66 -6.10 10.23
CA LEU B 379 11.29 -5.61 10.35
C LEU B 379 10.74 -5.09 9.03
N GLY B 380 11.61 -4.49 8.23
CA GLY B 380 11.18 -3.73 7.07
C GLY B 380 11.24 -4.44 5.74
N TYR B 381 12.07 -5.47 5.64
CA TYR B 381 12.28 -6.17 4.38
C TYR B 381 10.98 -6.74 3.79
N PRO B 382 10.14 -7.38 4.61
CA PRO B 382 8.95 -7.91 3.97
C PRO B 382 8.17 -6.82 3.22
N TYR B 383 8.01 -5.66 3.84
CA TYR B 383 7.28 -4.56 3.23
C TYR B 383 7.82 -4.19 1.86
N MET B 384 9.15 -4.10 1.74
CA MET B 384 9.76 -3.73 0.46
C MET B 384 9.65 -4.87 -0.54
N MET B 385 9.75 -6.10 -0.05
CA MET B 385 9.63 -7.26 -0.92
C MET B 385 8.24 -7.35 -1.52
N ILE B 386 7.21 -7.26 -0.68
CA ILE B 386 5.82 -7.28 -1.14
C ILE B 386 5.64 -6.19 -2.17
N LEU B 387 6.15 -5.00 -1.84
CA LEU B 387 6.09 -3.86 -2.74
C LEU B 387 6.70 -4.20 -4.08
N CYS B 388 7.95 -4.68 -4.07
CA CYS B 388 8.64 -5.03 -5.29
C CYS B 388 7.96 -6.15 -6.06
N MET B 389 7.43 -7.13 -5.34
CA MET B 389 6.72 -8.25 -5.96
C MET B 389 5.61 -7.75 -6.88
N GLY B 390 4.76 -6.88 -6.35
CA GLY B 390 3.66 -6.31 -7.12
C GLY B 390 4.19 -5.38 -8.19
N LEU B 391 5.18 -4.58 -7.83
CA LEU B 391 5.77 -3.61 -8.75
C LEU B 391 6.54 -4.31 -9.87
N LEU B 392 6.97 -5.54 -9.62
CA LEU B 392 7.80 -6.29 -10.55
C LEU B 392 7.00 -6.79 -11.75
N LYS B 393 5.68 -6.80 -11.61
CA LYS B 393 4.82 -7.33 -12.67
C LYS B 393 4.45 -6.25 -13.67
N ALA B 394 4.84 -5.02 -13.39
CA ALA B 394 4.64 -3.90 -14.30
C ALA B 394 5.62 -3.99 -15.46
N ILE B 395 6.55 -4.94 -15.34
CA ILE B 395 7.55 -5.17 -16.38
C ILE B 395 7.09 -6.29 -17.32
N PRO B 396 6.87 -5.95 -18.60
CA PRO B 396 6.41 -6.92 -19.60
C PRO B 396 7.44 -8.02 -19.85
N ASP B 397 6.99 -9.27 -19.73
CA ASP B 397 7.88 -10.42 -19.82
C ASP B 397 8.86 -10.32 -20.98
N ASP B 398 8.37 -9.83 -22.12
CA ASP B 398 9.13 -9.86 -23.37
C ASP B 398 10.42 -9.05 -23.33
N LEU B 399 10.60 -8.20 -22.34
CA LEU B 399 11.84 -7.47 -22.20
C LEU B 399 12.97 -8.43 -21.82
N TYR B 400 12.64 -9.37 -20.93
CA TYR B 400 13.59 -10.38 -20.49
C TYR B 400 13.80 -11.43 -21.58
N GLU B 401 12.78 -11.62 -22.42
CA GLU B 401 12.89 -12.54 -23.56
C GLU B 401 13.81 -11.95 -24.61
N ALA B 402 13.72 -10.64 -24.81
CA ALA B 402 14.59 -9.94 -25.75
C ALA B 402 15.99 -9.87 -25.16
N SER B 403 16.06 -9.82 -23.84
CA SER B 403 17.34 -9.81 -23.12
C SER B 403 18.04 -11.16 -23.28
N ALA B 404 17.29 -12.24 -23.04
CA ALA B 404 17.83 -13.59 -23.14
C ALA B 404 18.24 -13.95 -24.57
N MET B 405 17.76 -13.18 -25.54
CA MET B 405 18.16 -13.37 -26.93
C MET B 405 19.58 -12.86 -27.13
N ASP B 406 19.88 -11.72 -26.51
CA ASP B 406 21.19 -11.09 -26.64
C ASP B 406 22.24 -11.75 -25.75
N GLY B 407 21.79 -12.74 -24.96
CA GLY B 407 22.68 -13.52 -24.11
C GLY B 407 22.95 -12.87 -22.77
N ALA B 408 21.89 -12.75 -21.96
CA ALA B 408 22.02 -12.07 -20.67
C ALA B 408 21.86 -13.03 -19.49
N GLY B 409 22.81 -12.96 -18.56
CA GLY B 409 22.76 -13.77 -17.35
C GLY B 409 21.98 -13.05 -16.26
N PRO B 410 21.64 -13.77 -15.18
CA PRO B 410 20.88 -13.22 -14.06
C PRO B 410 21.42 -11.87 -13.58
N PHE B 411 22.73 -11.80 -13.37
CA PHE B 411 23.38 -10.57 -12.90
C PHE B 411 23.29 -9.43 -13.92
N GLN B 412 23.33 -9.79 -15.21
CA GLN B 412 23.20 -8.80 -16.27
C GLN B 412 21.79 -8.25 -16.32
N ASN B 413 20.81 -9.14 -16.27
CA ASN B 413 19.41 -8.73 -16.19
C ASN B 413 19.18 -7.74 -15.08
N PHE B 414 19.48 -8.18 -13.86
CA PHE B 414 19.21 -7.40 -12.66
C PHE B 414 19.69 -5.96 -12.75
N PHE B 415 20.91 -5.77 -13.24
CA PHE B 415 21.53 -4.44 -13.22
C PHE B 415 21.20 -3.58 -14.44
N LYS B 416 20.94 -4.22 -15.58
CA LYS B 416 20.71 -3.47 -16.81
C LYS B 416 19.22 -3.29 -17.11
N ILE B 417 18.40 -4.22 -16.64
CA ILE B 417 16.95 -4.15 -16.85
C ILE B 417 16.20 -3.94 -15.55
N THR B 418 16.19 -4.97 -14.71
CA THR B 418 15.36 -5.00 -13.52
C THR B 418 15.51 -3.78 -12.62
N LEU B 419 16.74 -3.52 -12.18
CA LEU B 419 17.00 -2.48 -11.19
C LEU B 419 16.63 -1.08 -11.67
N PRO B 420 17.21 -0.64 -12.79
CA PRO B 420 16.95 0.72 -13.25
C PRO B 420 15.51 0.92 -13.71
N LEU B 421 14.76 -0.18 -13.76
CA LEU B 421 13.36 -0.14 -14.18
C LEU B 421 12.44 -0.18 -12.96
N LEU B 422 13.03 -0.30 -11.78
CA LEU B 422 12.26 -0.39 -10.54
C LEU B 422 12.40 0.86 -9.66
N ILE B 423 13.52 1.56 -9.80
CA ILE B 423 13.81 2.72 -8.95
C ILE B 423 12.84 3.89 -9.18
N LYS B 424 12.43 4.09 -10.43
CA LYS B 424 11.53 5.18 -10.78
C LYS B 424 10.22 5.08 -10.01
N PRO B 425 9.53 3.92 -10.09
CA PRO B 425 8.27 3.77 -9.36
C PRO B 425 8.50 3.61 -7.87
N LEU B 426 9.74 3.33 -7.48
CA LEU B 426 10.09 3.03 -6.11
C LEU B 426 10.40 4.28 -5.29
N THR B 427 10.93 5.30 -5.96
CA THR B 427 11.34 6.55 -5.30
C THR B 427 10.30 7.07 -4.30
N PRO B 428 9.12 7.48 -4.80
CA PRO B 428 8.14 8.08 -3.91
C PRO B 428 7.91 7.23 -2.67
N LEU B 429 7.99 5.92 -2.83
CA LEU B 429 7.76 5.00 -1.72
C LEU B 429 8.95 4.94 -0.78
N MET B 430 10.16 5.04 -1.32
CA MET B 430 11.33 5.03 -0.45
C MET B 430 11.63 6.39 0.19
N ILE B 431 11.22 7.47 -0.47
CA ILE B 431 11.31 8.78 0.19
C ILE B 431 10.29 8.84 1.31
N ALA B 432 9.16 8.17 1.11
CA ALA B 432 8.14 8.07 2.14
C ALA B 432 8.63 7.17 3.27
N SER B 433 9.35 6.11 2.91
CA SER B 433 9.93 5.19 3.87
C SER B 433 11.08 5.83 4.64
N PHE B 434 11.65 6.90 4.08
CA PHE B 434 12.67 7.66 4.78
C PHE B 434 12.06 8.41 5.95
N ALA B 435 10.92 9.06 5.72
CA ALA B 435 10.23 9.85 6.73
C ALA B 435 9.63 8.98 7.84
N PHE B 436 9.19 7.78 7.48
CA PHE B 436 8.67 6.84 8.45
C PHE B 436 9.75 6.47 9.44
N ASN B 437 10.88 5.99 8.91
CA ASN B 437 12.01 5.61 9.75
C ASN B 437 12.71 6.80 10.38
N PHE B 438 12.40 8.01 9.92
CA PHE B 438 12.92 9.23 10.51
C PHE B 438 12.25 9.47 11.85
N ASN B 439 11.00 9.02 11.98
CA ASN B 439 10.25 9.18 13.22
C ASN B 439 9.89 7.84 13.86
N ASN B 440 10.75 6.85 13.68
CA ASN B 440 10.50 5.51 14.22
C ASN B 440 10.69 5.47 15.74
N PHE B 441 9.69 5.98 16.44
CA PHE B 441 9.70 6.11 17.89
C PHE B 441 9.63 4.75 18.59
N VAL B 442 8.64 3.95 18.23
CA VAL B 442 8.40 2.65 18.85
C VAL B 442 9.67 1.78 18.94
N LEU B 443 10.36 1.63 17.82
CA LEU B 443 11.57 0.81 17.79
C LEU B 443 12.54 1.18 18.90
N ILE B 444 12.94 2.45 18.90
CA ILE B 444 13.97 2.92 19.80
C ILE B 444 13.56 2.81 21.26
N GLN B 445 12.46 3.46 21.62
CA GLN B 445 12.00 3.46 23.00
C GLN B 445 11.99 2.05 23.55
N LEU B 446 11.48 1.12 22.75
CA LEU B 446 11.33 -0.25 23.20
C LEU B 446 12.67 -0.98 23.24
N LEU B 447 13.36 -1.07 22.11
CA LEU B 447 14.60 -1.82 22.03
C LEU B 447 15.66 -1.32 23.02
N THR B 448 15.91 -0.02 23.01
CA THR B 448 17.02 0.56 23.75
C THR B 448 16.60 1.76 24.57
N ASN B 449 15.61 2.49 24.09
CA ASN B 449 15.16 3.74 24.72
C ASN B 449 16.27 4.79 24.75
N GLY B 450 16.96 4.94 23.62
CA GLY B 450 18.06 5.88 23.51
C GLY B 450 19.42 5.22 23.58
N GLY B 451 19.43 3.93 23.90
CA GLY B 451 20.68 3.18 23.99
C GLY B 451 21.63 3.77 25.01
N PRO B 452 22.94 3.57 24.81
CA PRO B 452 23.96 4.08 25.72
C PRO B 452 23.78 5.57 25.97
N ASP B 453 24.13 6.00 27.18
CA ASP B 453 23.81 7.35 27.64
C ASP B 453 24.81 8.37 27.14
N ARG B 454 24.32 9.54 26.76
CA ARG B 454 25.17 10.67 26.42
C ARG B 454 25.51 11.46 27.68
N LEU B 455 26.81 11.66 27.91
CA LEU B 455 27.27 12.31 29.12
C LEU B 455 27.40 13.82 28.95
N GLY B 456 27.12 14.55 30.03
CA GLY B 456 27.23 16.00 30.03
C GLY B 456 26.08 16.69 29.32
N THR B 457 24.86 16.22 29.59
CA THR B 457 23.67 16.80 28.98
C THR B 457 22.74 17.39 30.05
N THR B 458 22.33 18.64 29.84
CA THR B 458 21.39 19.31 30.75
C THR B 458 20.00 18.70 30.60
N THR B 459 19.82 17.90 29.56
CA THR B 459 18.57 17.20 29.32
C THR B 459 18.88 15.75 28.92
N PRO B 460 17.94 14.82 29.21
CA PRO B 460 18.10 13.40 28.88
C PRO B 460 18.33 13.16 27.40
N ALA B 461 19.36 12.38 27.09
CA ALA B 461 19.71 12.08 25.70
C ALA B 461 20.55 10.80 25.62
N GLY B 462 20.16 9.90 24.71
CA GLY B 462 20.91 8.68 24.48
C GLY B 462 21.71 8.75 23.18
N TYR B 463 22.43 7.68 22.87
CA TYR B 463 23.23 7.63 21.64
C TYR B 463 22.42 7.07 20.46
N THR B 464 21.31 6.40 20.74
CA THR B 464 20.45 5.88 19.68
C THR B 464 19.07 6.51 19.69
N ASP B 465 18.92 7.62 20.42
CA ASP B 465 17.68 8.37 20.39
C ASP B 465 17.45 8.95 19.01
N LEU B 466 16.20 8.98 18.58
CA LEU B 466 15.84 9.72 17.37
C LEU B 466 15.32 11.09 17.79
N LEU B 467 15.20 12.00 16.83
CA LEU B 467 14.72 13.34 17.13
C LEU B 467 13.37 13.30 17.86
N VAL B 468 12.53 12.35 17.48
CA VAL B 468 11.26 12.15 18.16
C VAL B 468 11.50 11.64 19.57
N ASN B 469 12.43 10.70 19.71
CA ASN B 469 12.76 10.13 21.02
C ASN B 469 13.32 11.17 21.98
N TYR B 470 14.31 11.92 21.52
CA TYR B 470 14.94 12.97 22.30
C TYR B 470 13.93 13.98 22.83
N THR B 471 13.02 14.41 21.97
CA THR B 471 11.98 15.36 22.35
C THR B 471 10.97 14.71 23.30
N TYR B 472 10.68 13.44 23.08
CA TYR B 472 9.80 12.68 23.96
C TYR B 472 10.42 12.51 25.33
N ARG B 473 11.73 12.29 25.35
CA ARG B 473 12.50 12.15 26.59
C ARG B 473 12.32 13.38 27.47
N ILE B 474 12.63 14.55 26.90
CA ILE B 474 12.54 15.81 27.63
C ILE B 474 11.18 16.02 28.26
N ALA B 475 10.13 15.56 27.57
CA ALA B 475 8.77 15.79 28.00
C ALA B 475 8.27 14.81 29.08
N PHE B 476 8.34 13.52 28.78
CA PHE B 476 7.65 12.53 29.61
C PHE B 476 8.55 11.76 30.57
N GLU B 477 9.85 11.71 30.29
CA GLU B 477 10.74 10.92 31.13
C GLU B 477 10.94 11.55 32.51
N GLY B 478 10.48 10.85 33.54
CA GLY B 478 10.58 11.33 34.91
C GLY B 478 12.02 11.46 35.39
N GLY B 479 12.26 12.45 36.23
CA GLY B 479 13.59 12.70 36.77
C GLY B 479 14.55 13.21 35.72
N GLY B 480 14.65 14.54 35.61
CA GLY B 480 15.52 15.16 34.62
C GLY B 480 14.76 16.17 33.78
N GLY B 481 13.88 16.93 34.43
CA GLY B 481 13.08 17.95 33.76
C GLY B 481 11.98 17.33 32.91
N GLN B 482 10.76 17.80 33.11
CA GLN B 482 9.63 17.32 32.33
C GLN B 482 8.88 18.48 31.71
N ASP B 483 9.59 19.26 30.91
CA ASP B 483 9.05 20.47 30.30
C ASP B 483 8.31 20.13 29.01
N PHE B 484 6.99 20.12 29.08
CA PHE B 484 6.16 19.90 27.90
C PHE B 484 6.28 21.08 26.94
N GLY B 485 6.51 22.25 27.50
CA GLY B 485 6.66 23.47 26.71
C GLY B 485 7.91 23.45 25.86
N LEU B 486 9.03 23.02 26.47
CA LEU B 486 10.30 22.96 25.75
C LEU B 486 10.25 21.91 24.64
N ALA B 487 9.64 20.78 24.94
CA ALA B 487 9.50 19.70 23.97
C ALA B 487 8.59 20.11 22.82
N ALA B 488 7.53 20.86 23.15
CA ALA B 488 6.63 21.38 22.13
C ALA B 488 7.36 22.34 21.22
N ALA B 489 8.30 23.10 21.80
CA ALA B 489 9.09 24.06 21.06
C ALA B 489 10.00 23.37 20.05
N ILE B 490 10.81 22.44 20.53
CA ILE B 490 11.71 21.69 19.65
C ILE B 490 10.93 20.97 18.55
N ALA B 491 9.80 20.37 18.91
CA ALA B 491 8.96 19.69 17.95
C ALA B 491 8.51 20.63 16.84
N THR B 492 8.06 21.82 17.23
CA THR B 492 7.63 22.84 16.28
C THR B 492 8.82 23.29 15.44
N LEU B 493 9.98 23.43 16.08
CA LEU B 493 11.19 23.87 15.42
C LEU B 493 11.57 22.90 14.30
N ILE B 494 11.52 21.61 14.60
CA ILE B 494 11.86 20.58 13.62
C ILE B 494 10.88 20.58 12.44
N PHE B 495 9.59 20.49 12.74
CA PHE B 495 8.58 20.36 11.69
C PHE B 495 8.68 21.45 10.62
N LEU B 496 8.74 22.70 11.04
CA LEU B 496 8.76 23.82 10.09
C LEU B 496 10.04 23.82 9.25
N LEU B 497 11.09 23.20 9.78
CA LEU B 497 12.35 23.06 9.05
C LEU B 497 12.27 21.95 8.01
N VAL B 498 11.61 20.84 8.38
CA VAL B 498 11.37 19.75 7.45
C VAL B 498 10.27 20.13 6.46
N GLY B 499 9.42 21.08 6.86
CA GLY B 499 8.42 21.65 5.98
C GLY B 499 9.07 22.57 4.97
N ALA B 500 10.18 23.19 5.37
CA ALA B 500 10.98 24.00 4.47
C ALA B 500 11.83 23.10 3.57
N LEU B 501 12.26 21.96 4.11
CA LEU B 501 12.99 20.97 3.33
C LEU B 501 12.12 20.41 2.21
N ALA B 502 10.86 20.14 2.52
CA ALA B 502 9.93 19.57 1.56
C ALA B 502 9.31 20.62 0.64
N ILE B 503 9.63 21.88 0.89
CA ILE B 503 9.19 22.96 0.01
C ILE B 503 10.32 23.39 -0.92
N VAL B 504 11.36 22.55 -1.01
CA VAL B 504 12.51 22.83 -1.85
C VAL B 504 13.01 21.56 -2.56
N ASN B 505 12.81 20.41 -1.91
CA ASN B 505 13.22 19.13 -2.46
C ASN B 505 12.26 18.63 -3.55
N ALA C 2 8.03 -21.53 -21.07
CA ALA C 2 9.15 -22.49 -20.87
C ALA C 2 10.27 -22.24 -21.87
N MET C 3 11.07 -21.22 -21.61
CA MET C 3 12.24 -20.92 -22.43
C MET C 3 13.37 -21.88 -22.08
N VAL C 4 14.12 -22.30 -23.09
CA VAL C 4 15.26 -23.19 -22.89
C VAL C 4 16.35 -22.49 -22.09
N GLN C 5 16.83 -23.13 -21.03
CA GLN C 5 17.78 -22.52 -20.11
C GLN C 5 19.17 -23.11 -20.25
N PRO C 6 20.20 -22.25 -20.18
CA PRO C 6 21.59 -22.62 -20.40
C PRO C 6 22.37 -22.95 -19.13
N LYS C 7 23.70 -23.03 -19.26
CA LYS C 7 24.62 -23.36 -18.17
C LYS C 7 24.02 -24.21 -17.04
N SER C 8 23.77 -25.48 -17.35
CA SER C 8 23.23 -26.45 -16.38
C SER C 8 22.20 -25.87 -15.40
N GLN C 9 21.76 -24.64 -15.65
CA GLN C 9 20.69 -24.01 -14.88
C GLN C 9 20.82 -24.18 -13.36
N LYS C 10 20.81 -25.43 -12.91
CA LYS C 10 20.85 -25.75 -11.49
C LYS C 10 21.94 -25.00 -10.72
N ALA C 11 23.12 -24.89 -11.32
CA ALA C 11 24.23 -24.17 -10.70
C ALA C 11 23.74 -22.96 -9.90
N ARG C 12 22.74 -22.27 -10.44
CA ARG C 12 22.16 -21.11 -9.78
C ARG C 12 20.84 -21.47 -9.11
N LEU C 13 20.06 -22.34 -9.76
CA LEU C 13 18.78 -22.77 -9.21
C LEU C 13 18.98 -23.52 -7.88
N PHE C 14 19.90 -24.47 -7.87
CA PHE C 14 20.22 -25.23 -6.65
C PHE C 14 20.87 -24.34 -5.59
N ILE C 15 21.77 -23.46 -6.03
CA ILE C 15 22.51 -22.60 -5.12
C ILE C 15 21.61 -21.49 -4.56
N THR C 16 20.41 -21.36 -5.14
CA THR C 16 19.43 -20.39 -4.67
C THR C 16 18.54 -21.00 -3.58
N HIS C 17 18.07 -22.22 -3.82
CA HIS C 17 17.29 -22.93 -2.82
C HIS C 17 18.02 -22.98 -1.49
N LEU C 18 19.34 -23.10 -1.53
CA LEU C 18 20.15 -23.10 -0.32
C LEU C 18 20.17 -21.71 0.32
N LEU C 19 20.44 -20.68 -0.49
CA LEU C 19 20.47 -19.32 0.03
C LEU C 19 19.14 -18.91 0.66
N LEU C 20 18.05 -19.16 -0.05
CA LEU C 20 16.72 -18.91 0.47
C LEU C 20 16.43 -19.75 1.70
N LEU C 21 16.90 -20.99 1.68
CA LEU C 21 16.70 -21.92 2.78
C LEU C 21 17.45 -21.45 4.02
N LEU C 22 18.68 -20.99 3.81
CA LEU C 22 19.48 -20.44 4.90
C LEU C 22 18.85 -19.15 5.41
N PHE C 23 18.31 -18.35 4.50
CA PHE C 23 17.72 -17.06 4.86
C PHE C 23 16.49 -17.19 5.75
N ILE C 24 15.54 -18.05 5.37
CA ILE C 24 14.35 -18.25 6.18
C ILE C 24 14.74 -18.71 7.58
N ALA C 25 15.83 -19.47 7.66
CA ALA C 25 16.31 -19.99 8.94
C ALA C 25 16.78 -18.85 9.83
N ALA C 26 17.55 -17.95 9.26
CA ALA C 26 18.10 -16.82 10.00
C ALA C 26 17.01 -15.87 10.50
N ILE C 27 15.96 -15.71 9.70
CA ILE C 27 14.87 -14.80 10.04
C ILE C 27 13.77 -15.49 10.82
N MET C 28 13.74 -16.82 10.77
CA MET C 28 12.77 -17.59 11.53
C MET C 28 13.27 -17.80 12.95
N PHE C 29 14.59 -17.81 13.12
CA PHE C 29 15.22 -18.09 14.40
C PHE C 29 14.55 -17.40 15.59
N PRO C 30 14.43 -16.06 15.55
CA PRO C 30 13.79 -15.30 16.63
C PRO C 30 12.38 -15.80 16.93
N LEU C 31 11.61 -16.08 15.89
CA LEU C 31 10.23 -16.56 16.07
C LEU C 31 10.18 -17.97 16.67
N LEU C 32 11.13 -18.81 16.27
CA LEU C 32 11.21 -20.15 16.86
C LEU C 32 11.72 -20.08 18.29
N MET C 33 12.44 -19.01 18.62
CA MET C 33 12.90 -18.78 19.98
C MET C 33 11.74 -18.60 20.93
N VAL C 34 10.77 -17.79 20.50
CA VAL C 34 9.62 -17.49 21.33
C VAL C 34 8.78 -18.73 21.58
N VAL C 35 8.40 -19.42 20.50
CA VAL C 35 7.67 -20.66 20.62
C VAL C 35 8.32 -21.57 21.68
N ALA C 36 9.65 -21.61 21.66
CA ALA C 36 10.40 -22.42 22.61
C ALA C 36 10.27 -21.90 24.04
N ILE C 37 10.36 -20.58 24.20
CA ILE C 37 10.24 -19.96 25.50
C ILE C 37 8.85 -20.18 26.10
N SER C 38 7.86 -20.22 25.22
CA SER C 38 6.47 -20.39 25.64
C SER C 38 6.15 -21.85 26.00
N LEU C 39 7.12 -22.74 25.78
CA LEU C 39 6.95 -24.15 26.14
C LEU C 39 7.91 -24.56 27.24
N ARG C 40 8.82 -23.65 27.57
CA ARG C 40 9.80 -23.88 28.64
C ARG C 40 9.19 -23.53 29.99
N GLN C 41 9.31 -24.44 30.96
CA GLN C 41 8.76 -24.18 32.28
C GLN C 41 9.56 -23.13 33.02
N GLY C 42 8.88 -22.32 33.82
CA GLY C 42 9.52 -21.23 34.52
C GLY C 42 9.33 -19.96 33.73
N ASN C 43 9.36 -18.82 34.43
CA ASN C 43 9.11 -17.54 33.81
C ASN C 43 10.38 -16.72 33.70
N PHE C 44 11.52 -17.40 33.87
CA PHE C 44 12.83 -16.73 33.90
C PHE C 44 13.22 -16.14 32.55
N ALA C 45 14.09 -15.14 32.60
CA ALA C 45 14.57 -14.48 31.39
C ALA C 45 15.52 -15.41 30.64
N THR C 46 16.28 -16.18 31.41
CA THR C 46 17.23 -17.13 30.87
C THR C 46 16.69 -18.56 30.96
N GLY C 47 17.09 -19.40 30.01
CA GLY C 47 16.70 -20.80 30.01
C GLY C 47 17.32 -21.55 28.84
N SER C 48 17.31 -22.87 28.92
CA SER C 48 17.86 -23.71 27.85
C SER C 48 17.17 -23.45 26.52
N LEU C 49 17.96 -23.34 25.46
CA LEU C 49 17.44 -23.02 24.13
C LEU C 49 16.25 -23.88 23.76
N ILE C 50 16.43 -25.20 23.84
CA ILE C 50 15.34 -26.15 23.63
C ILE C 50 14.94 -26.78 24.96
N PRO C 51 13.66 -26.61 25.33
CA PRO C 51 13.13 -27.09 26.62
C PRO C 51 13.49 -28.54 26.91
N GLU C 52 13.82 -28.81 28.18
CA GLU C 52 14.09 -30.17 28.64
C GLU C 52 12.80 -30.99 28.60
N GLN C 53 11.70 -30.34 28.96
CA GLN C 53 10.37 -30.93 28.87
C GLN C 53 9.32 -29.84 28.68
N ILE C 54 8.29 -30.15 27.90
CA ILE C 54 7.24 -29.19 27.58
C ILE C 54 6.52 -28.72 28.84
N SER C 55 5.92 -27.55 28.78
CA SER C 55 5.13 -27.02 29.89
C SER C 55 3.97 -26.18 29.36
N TRP C 56 2.75 -26.66 29.58
CA TRP C 56 1.58 -25.99 29.03
C TRP C 56 1.15 -24.77 29.85
N ASP C 57 1.68 -24.67 31.06
CA ASP C 57 1.33 -23.58 31.98
C ASP C 57 1.17 -22.23 31.29
N HIS C 58 2.22 -21.77 30.61
CA HIS C 58 2.22 -20.45 30.00
C HIS C 58 1.08 -20.25 29.01
N TRP C 59 0.78 -21.30 28.24
CA TRP C 59 -0.32 -21.25 27.29
C TRP C 59 -1.67 -21.37 27.98
N LYS C 60 -1.71 -22.04 29.12
CA LYS C 60 -2.95 -22.14 29.88
C LYS C 60 -3.44 -20.76 30.32
N LEU C 61 -2.65 -20.08 31.13
CA LEU C 61 -3.05 -18.77 31.65
C LEU C 61 -3.04 -17.67 30.58
N ALA C 62 -2.63 -18.02 29.38
CA ALA C 62 -2.74 -17.11 28.25
C ALA C 62 -4.13 -17.22 27.66
N LEU C 63 -4.73 -18.39 27.80
CA LEU C 63 -6.08 -18.65 27.31
C LEU C 63 -7.11 -18.30 28.37
N GLY C 64 -6.63 -18.06 29.60
CA GLY C 64 -7.50 -17.62 30.68
C GLY C 64 -7.68 -18.65 31.78
N PHE C 65 -6.94 -19.75 31.69
CA PHE C 65 -7.04 -20.82 32.68
C PHE C 65 -6.13 -20.56 33.87
N SER C 66 -6.67 -20.71 35.07
CA SER C 66 -5.83 -20.69 36.27
C SER C 66 -5.09 -22.01 36.32
N VAL C 67 -3.91 -22.02 36.93
CA VAL C 67 -3.14 -23.26 37.03
C VAL C 67 -2.70 -23.54 38.45
N GLU C 68 -2.92 -24.78 38.88
CA GLU C 68 -2.53 -25.19 40.22
C GLU C 68 -1.18 -25.88 40.20
N GLN C 69 -0.15 -25.18 40.64
CA GLN C 69 1.15 -25.79 40.86
C GLN C 69 1.09 -26.51 42.21
N ALA C 70 1.80 -27.63 42.31
CA ALA C 70 1.80 -28.43 43.54
C ALA C 70 2.34 -27.64 44.73
N ASP C 71 2.71 -26.38 44.49
CA ASP C 71 3.29 -25.51 45.51
C ASP C 71 2.29 -24.49 46.06
N GLY C 72 2.25 -23.31 45.43
CA GLY C 72 1.47 -22.17 45.92
C GLY C 72 0.05 -22.04 45.40
N ARG C 73 -0.67 -23.17 45.36
CA ARG C 73 -2.09 -23.19 44.98
C ARG C 73 -2.36 -22.71 43.55
N ILE C 74 -3.57 -22.21 43.35
CA ILE C 74 -4.02 -21.76 42.03
C ILE C 74 -3.66 -20.30 41.75
N THR C 75 -2.79 -20.10 40.77
CA THR C 75 -2.45 -18.77 40.31
C THR C 75 -3.23 -18.41 39.05
N PRO C 76 -4.10 -17.39 39.15
CA PRO C 76 -5.02 -17.04 38.06
C PRO C 76 -4.27 -16.31 36.95
N PRO C 77 -4.86 -16.30 35.73
CA PRO C 77 -4.21 -15.60 34.63
C PRO C 77 -4.09 -14.11 34.94
N PRO C 78 -2.89 -13.55 34.81
CA PRO C 78 -2.64 -12.14 35.15
C PRO C 78 -3.34 -11.16 34.22
N PHE C 79 -3.38 -11.49 32.93
CA PHE C 79 -3.90 -10.55 31.93
C PHE C 79 -4.89 -11.20 30.97
N PRO C 80 -5.98 -10.47 30.63
CA PRO C 80 -6.97 -10.93 29.68
C PRO C 80 -6.45 -10.82 28.25
N VAL C 81 -5.45 -11.64 27.93
CA VAL C 81 -4.83 -11.61 26.61
C VAL C 81 -5.87 -11.71 25.50
N LEU C 82 -6.76 -12.68 25.62
CA LEU C 82 -7.82 -12.85 24.63
C LEU C 82 -8.64 -11.57 24.44
N LEU C 83 -9.07 -10.97 25.55
CA LEU C 83 -9.82 -9.72 25.49
C LEU C 83 -9.04 -8.72 24.64
N TRP C 84 -7.80 -8.45 25.05
CA TRP C 84 -6.92 -7.54 24.32
C TRP C 84 -6.79 -7.90 22.85
N LEU C 85 -6.79 -9.21 22.58
CA LEU C 85 -6.66 -9.75 21.23
C LEU C 85 -7.88 -9.32 20.41
N TRP C 86 -9.06 -9.42 21.03
CA TRP C 86 -10.30 -8.98 20.41
C TRP C 86 -10.30 -7.47 20.22
N ASN C 87 -9.81 -6.76 21.23
CA ASN C 87 -9.67 -5.30 21.17
C ASN C 87 -8.78 -4.84 20.03
N SER C 88 -7.66 -5.53 19.84
CA SER C 88 -6.73 -5.17 18.78
C SER C 88 -7.37 -5.37 17.41
N VAL C 89 -8.16 -6.44 17.28
CA VAL C 89 -8.83 -6.74 16.03
C VAL C 89 -10.00 -5.79 15.78
N LYS C 90 -10.58 -5.26 16.86
CA LYS C 90 -11.63 -4.26 16.73
C LYS C 90 -11.05 -2.96 16.22
N VAL C 91 -10.26 -2.28 17.05
CA VAL C 91 -9.69 -0.99 16.72
C VAL C 91 -9.02 -0.98 15.33
N ALA C 92 -8.37 -2.08 14.97
CA ALA C 92 -7.66 -2.14 13.69
C ALA C 92 -8.61 -2.36 12.51
N GLY C 93 -9.48 -3.37 12.64
CA GLY C 93 -10.46 -3.67 11.60
C GLY C 93 -11.32 -2.47 11.25
N ILE C 94 -12.08 -2.00 12.21
CA ILE C 94 -12.93 -0.83 12.05
C ILE C 94 -12.12 0.36 11.55
N SER C 95 -10.96 0.56 12.15
CA SER C 95 -10.05 1.65 11.79
C SER C 95 -9.69 1.62 10.30
N ALA C 96 -9.36 0.44 9.81
CA ALA C 96 -8.91 0.28 8.43
C ALA C 96 -10.03 0.55 7.42
N ILE C 97 -11.17 -0.08 7.63
CA ILE C 97 -12.32 0.14 6.77
C ILE C 97 -12.60 1.62 6.67
N GLY C 98 -12.66 2.29 7.83
CA GLY C 98 -12.85 3.73 7.87
C GLY C 98 -11.84 4.47 7.02
N ILE C 99 -10.58 4.07 7.13
CA ILE C 99 -9.48 4.71 6.41
C ILE C 99 -9.56 4.52 4.90
N VAL C 100 -9.96 3.33 4.47
CA VAL C 100 -10.11 3.04 3.05
C VAL C 100 -11.32 3.79 2.47
N ALA C 101 -12.40 3.83 3.23
CA ALA C 101 -13.59 4.57 2.85
C ALA C 101 -13.25 6.04 2.61
N LEU C 102 -12.50 6.62 3.54
CA LEU C 102 -12.13 8.04 3.46
C LEU C 102 -11.16 8.34 2.31
N SER C 103 -10.13 7.51 2.19
CA SER C 103 -9.06 7.76 1.21
C SER C 103 -9.39 7.33 -0.23
N THR C 104 -10.27 6.34 -0.39
CA THR C 104 -10.66 5.92 -1.73
C THR C 104 -11.70 6.84 -2.33
N THR C 105 -12.42 7.57 -1.48
CA THR C 105 -13.34 8.59 -1.96
C THR C 105 -12.55 9.82 -2.39
N CYS C 106 -11.57 10.21 -1.57
CA CYS C 106 -10.74 11.37 -1.85
C CYS C 106 -9.93 11.15 -3.13
N ALA C 107 -9.20 10.04 -3.16
CA ALA C 107 -8.39 9.70 -4.33
C ALA C 107 -9.20 9.75 -5.61
N TYR C 108 -10.44 9.30 -5.52
CA TYR C 108 -11.34 9.27 -6.66
C TYR C 108 -11.62 10.68 -7.18
N ALA C 109 -11.72 11.63 -6.27
CA ALA C 109 -11.96 13.02 -6.63
C ALA C 109 -10.71 13.68 -7.20
N PHE C 110 -9.56 13.37 -6.62
CA PHE C 110 -8.29 13.93 -7.09
C PHE C 110 -7.96 13.46 -8.50
N ALA C 111 -8.17 12.18 -8.77
CA ALA C 111 -7.73 11.58 -10.03
C ALA C 111 -8.64 11.87 -11.22
N ARG C 112 -9.92 12.16 -10.95
CA ARG C 112 -10.89 12.37 -12.02
C ARG C 112 -11.44 13.79 -12.06
N MET C 113 -11.96 14.25 -10.92
CA MET C 113 -12.59 15.56 -10.84
C MET C 113 -11.57 16.69 -10.82
N ARG C 114 -11.78 17.67 -11.68
CA ARG C 114 -10.90 18.83 -11.74
C ARG C 114 -11.36 19.92 -10.76
N PHE C 115 -10.48 20.25 -9.82
CA PHE C 115 -10.73 21.36 -8.91
C PHE C 115 -9.43 22.02 -8.45
N PRO C 116 -9.26 23.31 -8.76
CA PRO C 116 -8.05 24.09 -8.49
C PRO C 116 -7.46 23.84 -7.11
N GLY C 117 -6.14 23.65 -7.07
CA GLY C 117 -5.42 23.45 -5.82
C GLY C 117 -5.32 21.99 -5.41
N LYS C 118 -5.69 21.09 -6.31
CA LYS C 118 -5.70 19.66 -5.99
C LYS C 118 -4.29 19.10 -5.85
N ALA C 119 -3.32 19.79 -6.45
CA ALA C 119 -1.93 19.36 -6.39
C ALA C 119 -1.24 19.90 -5.14
N THR C 120 -1.59 21.13 -4.78
CA THR C 120 -1.00 21.77 -3.60
C THR C 120 -1.67 21.33 -2.30
N LEU C 121 -2.87 20.76 -2.42
CA LEU C 121 -3.54 20.16 -1.27
C LEU C 121 -2.83 18.89 -0.84
N LEU C 122 -2.81 17.90 -1.72
CA LEU C 122 -2.19 16.61 -1.43
C LEU C 122 -0.75 16.80 -0.99
N LYS C 123 -0.05 17.75 -1.62
CA LYS C 123 1.33 18.04 -1.25
C LYS C 123 1.41 18.49 0.21
N GLY C 124 0.46 19.34 0.62
CA GLY C 124 0.36 19.76 2.01
C GLY C 124 -0.07 18.62 2.90
N MET C 125 -0.92 17.75 2.37
CA MET C 125 -1.39 16.58 3.12
C MET C 125 -0.23 15.69 3.54
N LEU C 126 0.62 15.34 2.59
CA LEU C 126 1.78 14.51 2.86
C LEU C 126 2.68 15.15 3.91
N ILE C 127 2.99 16.42 3.73
CA ILE C 127 3.88 17.16 4.62
C ILE C 127 3.36 17.21 6.06
N PHE C 128 2.08 17.56 6.22
CA PHE C 128 1.48 17.63 7.54
C PHE C 128 1.46 16.28 8.24
N GLN C 129 1.63 15.22 7.47
CA GLN C 129 1.57 13.87 8.02
C GLN C 129 2.95 13.38 8.43
N MET C 130 3.98 14.14 8.08
CA MET C 130 5.35 13.79 8.45
C MET C 130 5.61 14.07 9.92
N PHE C 131 4.83 14.98 10.49
CA PHE C 131 4.94 15.30 11.91
C PHE C 131 4.51 14.12 12.78
N PRO C 132 5.41 13.66 13.66
CA PRO C 132 5.17 12.52 14.54
C PRO C 132 4.01 12.75 15.50
N ALA C 133 3.01 11.88 15.44
CA ALA C 133 1.86 11.95 16.34
C ALA C 133 2.34 11.82 17.79
N VAL C 134 3.52 11.23 17.96
CA VAL C 134 4.11 11.04 19.27
C VAL C 134 4.39 12.37 19.96
N LEU C 135 4.65 13.41 19.17
CA LEU C 135 4.94 14.72 19.73
C LEU C 135 3.66 15.57 19.80
N SER C 136 2.59 14.97 20.28
CA SER C 136 1.30 15.64 20.35
C SER C 136 0.50 15.20 21.57
N LEU C 137 0.76 13.97 22.01
CA LEU C 137 -0.01 13.32 23.08
C LEU C 137 -0.71 14.31 24.03
N VAL C 138 0.04 15.31 24.49
CA VAL C 138 -0.51 16.32 25.39
C VAL C 138 -1.75 16.98 24.80
N ALA C 139 -1.62 17.49 23.59
CA ALA C 139 -2.73 18.12 22.88
C ALA C 139 -3.78 17.08 22.49
N LEU C 140 -3.34 15.85 22.25
CA LEU C 140 -4.24 14.75 21.89
C LEU C 140 -5.09 14.34 23.08
N TYR C 141 -4.46 14.20 24.24
CA TYR C 141 -5.17 13.90 25.47
C TYR C 141 -6.24 14.95 25.68
N ALA C 142 -5.85 16.22 25.53
CA ALA C 142 -6.75 17.34 25.70
C ALA C 142 -7.98 17.23 24.80
N LEU C 143 -7.74 16.90 23.53
CA LEU C 143 -8.82 16.80 22.56
C LEU C 143 -9.90 15.79 22.97
N PHE C 144 -9.48 14.57 23.26
CA PHE C 144 -10.42 13.51 23.63
C PHE C 144 -10.98 13.68 25.05
N ASP C 145 -10.49 14.68 25.77
CA ASP C 145 -11.03 14.99 27.10
C ASP C 145 -12.31 15.80 26.96
N ARG C 146 -12.29 16.81 26.09
CA ARG C 146 -13.50 17.59 25.82
C ARG C 146 -14.43 16.81 24.91
N LEU C 147 -13.89 16.38 23.76
CA LEU C 147 -14.65 15.60 22.79
C LEU C 147 -15.36 14.44 23.45
N GLY C 148 -14.82 13.98 24.57
CA GLY C 148 -15.36 12.84 25.30
C GLY C 148 -16.69 13.08 25.97
N GLU C 149 -16.79 14.17 26.72
CA GLU C 149 -18.00 14.46 27.48
C GLU C 149 -19.15 14.96 26.61
N TYR C 150 -18.82 15.41 25.40
CA TYR C 150 -19.83 15.83 24.45
C TYR C 150 -20.39 14.62 23.69
N ILE C 151 -19.54 13.95 22.93
CA ILE C 151 -19.90 12.66 22.34
C ILE C 151 -19.11 11.56 23.06
N PRO C 152 -19.78 10.86 23.98
CA PRO C 152 -19.16 9.92 24.93
C PRO C 152 -18.40 8.76 24.28
N PHE C 153 -19.04 8.05 23.35
CA PHE C 153 -18.47 6.81 22.82
C PHE C 153 -17.19 7.00 22.00
N ILE C 154 -16.69 8.22 21.95
CA ILE C 154 -15.44 8.51 21.23
C ILE C 154 -14.53 9.46 21.99
N GLY C 155 -14.49 9.32 23.32
CA GLY C 155 -13.61 10.13 24.15
C GLY C 155 -12.44 9.32 24.67
N LEU C 156 -11.89 9.75 25.80
CA LEU C 156 -10.83 9.00 26.46
C LEU C 156 -11.35 7.63 26.90
N ASN C 157 -10.44 6.66 26.97
CA ASN C 157 -10.76 5.32 27.45
C ASN C 157 -11.77 4.57 26.58
N THR C 158 -12.03 5.08 25.37
CA THR C 158 -12.92 4.41 24.44
C THR C 158 -12.17 3.88 23.23
N HIS C 159 -12.59 2.72 22.74
CA HIS C 159 -12.03 2.14 21.53
C HIS C 159 -12.25 3.08 20.34
N GLY C 160 -13.44 3.70 20.30
CA GLY C 160 -13.77 4.66 19.26
C GLY C 160 -12.81 5.83 19.25
N GLY C 161 -12.43 6.28 20.45
CA GLY C 161 -11.45 7.35 20.59
C GLY C 161 -10.22 7.04 19.77
N VAL C 162 -9.60 5.90 20.05
CA VAL C 162 -8.41 5.47 19.33
C VAL C 162 -8.67 5.33 17.83
N ILE C 163 -9.78 4.70 17.48
CA ILE C 163 -10.14 4.52 16.08
C ILE C 163 -10.14 5.86 15.34
N PHE C 164 -10.94 6.80 15.82
CA PHE C 164 -11.02 8.12 15.23
C PHE C 164 -9.67 8.83 15.17
N ALA C 165 -8.80 8.53 16.13
CA ALA C 165 -7.47 9.13 16.16
C ALA C 165 -6.63 8.63 14.98
N TYR C 166 -6.88 7.40 14.55
CA TYR C 166 -6.15 6.81 13.44
C TYR C 166 -6.70 7.23 12.08
N LEU C 167 -7.92 7.77 12.07
CA LEU C 167 -8.56 8.14 10.82
C LEU C 167 -7.91 9.37 10.18
N GLY C 168 -7.01 9.99 10.93
CA GLY C 168 -6.30 11.17 10.46
C GLY C 168 -5.38 10.90 9.28
N GLY C 169 -4.52 9.89 9.42
CA GLY C 169 -3.51 9.58 8.42
C GLY C 169 -4.02 8.89 7.17
N ILE C 170 -4.20 9.64 6.10
CA ILE C 170 -4.64 9.08 4.82
C ILE C 170 -3.86 9.68 3.64
N ALA C 171 -3.02 10.67 3.92
CA ALA C 171 -2.28 11.34 2.87
C ALA C 171 -1.58 10.34 1.95
N LEU C 172 -0.78 9.46 2.55
CA LEU C 172 -0.01 8.47 1.79
C LEU C 172 -0.92 7.56 0.99
N HIS C 173 -1.98 7.07 1.64
CA HIS C 173 -2.94 6.18 1.00
C HIS C 173 -3.65 6.86 -0.17
N VAL C 174 -4.21 8.04 0.08
CA VAL C 174 -4.85 8.82 -0.98
C VAL C 174 -3.98 8.85 -2.23
N TRP C 175 -2.69 9.13 -2.06
CA TRP C 175 -1.77 9.18 -3.18
C TRP C 175 -1.70 7.86 -3.93
N THR C 176 -1.48 6.77 -3.19
CA THR C 176 -1.35 5.45 -3.80
C THR C 176 -2.61 5.07 -4.56
N ILE C 177 -3.76 5.24 -3.93
CA ILE C 177 -5.05 4.92 -4.56
C ILE C 177 -5.31 5.84 -5.75
N LYS C 178 -4.96 7.11 -5.60
CA LYS C 178 -5.05 8.06 -6.70
C LYS C 178 -4.16 7.61 -7.84
N GLY C 179 -2.93 7.26 -7.51
CA GLY C 179 -1.97 6.78 -8.50
C GLY C 179 -2.48 5.54 -9.21
N TYR C 180 -3.18 4.68 -8.48
CA TYR C 180 -3.71 3.45 -9.05
C TYR C 180 -4.84 3.72 -10.04
N PHE C 181 -5.71 4.67 -9.69
CA PHE C 181 -6.82 5.04 -10.58
C PHE C 181 -6.29 5.57 -11.90
N GLU C 182 -5.36 6.50 -11.83
CA GLU C 182 -4.77 7.11 -13.02
C GLU C 182 -4.05 6.08 -13.88
N THR C 183 -4.28 4.80 -13.57
CA THR C 183 -3.72 3.70 -14.33
C THR C 183 -4.78 2.96 -15.14
N ILE C 184 -6.02 2.97 -14.62
CA ILE C 184 -7.12 2.27 -15.27
C ILE C 184 -7.50 2.93 -16.60
N ASP C 185 -8.13 2.16 -17.48
CA ASP C 185 -8.59 2.65 -18.78
C ASP C 185 -9.68 3.71 -18.62
N SER C 186 -9.43 4.87 -19.22
CA SER C 186 -10.37 5.98 -19.16
C SER C 186 -11.69 5.62 -19.83
N SER C 187 -11.60 4.78 -20.86
CA SER C 187 -12.75 4.38 -21.66
C SER C 187 -13.85 3.74 -20.82
N LEU C 188 -13.46 2.79 -19.97
CA LEU C 188 -14.42 2.10 -19.11
C LEU C 188 -15.32 3.10 -18.39
N GLU C 189 -14.78 4.26 -18.06
CA GLU C 189 -15.53 5.30 -17.37
C GLU C 189 -16.30 6.17 -18.34
N GLU C 190 -15.63 6.63 -19.38
CA GLU C 190 -16.27 7.42 -20.42
C GLU C 190 -17.48 6.69 -20.97
N ALA C 191 -17.28 5.42 -21.32
CA ALA C 191 -18.35 4.58 -21.84
C ALA C 191 -19.49 4.49 -20.85
N ALA C 192 -19.14 4.48 -19.57
CA ALA C 192 -20.12 4.46 -18.51
C ALA C 192 -20.89 5.78 -18.49
N ALA C 193 -20.18 6.88 -18.68
CA ALA C 193 -20.81 8.21 -18.68
C ALA C 193 -21.86 8.31 -19.77
N LEU C 194 -21.51 7.82 -20.96
CA LEU C 194 -22.44 7.82 -22.09
C LEU C 194 -23.62 6.89 -21.83
N ASP C 195 -23.40 5.91 -20.95
CA ASP C 195 -24.45 4.98 -20.56
C ASP C 195 -25.41 5.64 -19.57
N GLY C 196 -25.06 6.84 -19.12
CA GLY C 196 -25.92 7.63 -18.25
C GLY C 196 -25.65 7.49 -16.77
N ALA C 197 -24.47 6.97 -16.43
CA ALA C 197 -24.10 6.75 -15.04
C ALA C 197 -23.57 8.02 -14.39
N THR C 198 -24.09 8.32 -13.21
CA THR C 198 -23.62 9.46 -12.43
C THR C 198 -22.24 9.15 -11.88
N PRO C 199 -21.45 10.20 -11.56
CA PRO C 199 -20.08 9.97 -11.10
C PRO C 199 -19.98 8.90 -10.03
N TRP C 200 -20.91 8.94 -9.06
CA TRP C 200 -20.96 7.92 -8.02
C TRP C 200 -21.27 6.55 -8.62
N GLN C 201 -22.34 6.47 -9.41
CA GLN C 201 -22.69 5.21 -10.07
C GLN C 201 -21.46 4.57 -10.70
N ALA C 202 -20.58 5.40 -11.24
CA ALA C 202 -19.34 4.94 -11.84
C ALA C 202 -18.36 4.47 -10.79
N PHE C 203 -18.13 5.32 -9.79
CA PHE C 203 -17.26 5.00 -8.68
C PHE C 203 -17.58 3.62 -8.17
N ARG C 204 -18.84 3.40 -7.81
CA ARG C 204 -19.27 2.15 -7.19
C ARG C 204 -19.37 1.00 -8.19
N LEU C 205 -20.21 1.17 -9.21
CA LEU C 205 -20.52 0.07 -10.13
C LEU C 205 -19.36 -0.32 -11.05
N VAL C 206 -18.46 0.62 -11.31
CA VAL C 206 -17.42 0.42 -12.31
C VAL C 206 -15.99 0.50 -11.78
N LEU C 207 -15.68 1.60 -11.09
CA LEU C 207 -14.30 1.87 -10.68
C LEU C 207 -13.85 1.02 -9.49
N LEU C 208 -14.68 0.96 -8.46
CA LEU C 208 -14.34 0.23 -7.23
C LEU C 208 -14.10 -1.26 -7.44
N PRO C 209 -15.04 -1.95 -8.12
CA PRO C 209 -14.86 -3.39 -8.32
C PRO C 209 -13.55 -3.69 -9.04
N LEU C 210 -13.12 -2.79 -9.92
CA LEU C 210 -11.86 -2.96 -10.65
C LEU C 210 -10.64 -2.60 -9.80
N SER C 211 -10.88 -2.14 -8.58
CA SER C 211 -9.80 -1.67 -7.73
C SER C 211 -9.61 -2.56 -6.50
N VAL C 212 -10.48 -3.56 -6.34
CA VAL C 212 -10.41 -4.43 -5.16
C VAL C 212 -8.99 -4.59 -4.65
N PRO C 213 -8.08 -5.16 -5.47
CA PRO C 213 -6.71 -5.41 -5.07
C PRO C 213 -6.02 -4.24 -4.34
N ILE C 214 -6.03 -3.05 -4.93
CA ILE C 214 -5.34 -1.92 -4.31
C ILE C 214 -5.99 -1.53 -2.99
N LEU C 215 -7.31 -1.67 -2.90
CA LEU C 215 -8.01 -1.42 -1.65
C LEU C 215 -7.57 -2.45 -0.61
N ALA C 216 -7.42 -3.69 -1.04
CA ALA C 216 -6.98 -4.77 -0.15
C ALA C 216 -5.61 -4.46 0.45
N VAL C 217 -4.69 -4.00 -0.38
CA VAL C 217 -3.35 -3.67 0.09
C VAL C 217 -3.40 -2.55 1.12
N VAL C 218 -4.13 -1.48 0.79
CA VAL C 218 -4.33 -0.38 1.72
C VAL C 218 -4.87 -0.90 3.05
N PHE C 219 -5.97 -1.65 2.99
CA PHE C 219 -6.57 -2.26 4.19
C PHE C 219 -5.51 -2.97 5.03
N ILE C 220 -4.86 -3.96 4.43
CA ILE C 220 -3.85 -4.74 5.13
C ILE C 220 -2.78 -3.84 5.73
N LEU C 221 -2.19 -2.98 4.92
CA LEU C 221 -1.19 -2.03 5.40
C LEU C 221 -1.70 -1.22 6.59
N SER C 222 -2.93 -0.75 6.50
CA SER C 222 -3.53 0.02 7.57
C SER C 222 -3.85 -0.85 8.78
N PHE C 223 -4.15 -2.12 8.52
CA PHE C 223 -4.49 -3.05 9.58
C PHE C 223 -3.27 -3.32 10.45
N ILE C 224 -2.19 -3.74 9.80
CA ILE C 224 -0.94 -4.02 10.50
C ILE C 224 -0.52 -2.77 11.28
N ALA C 225 -0.70 -1.61 10.66
CA ALA C 225 -0.38 -0.34 11.30
C ALA C 225 -1.04 -0.22 12.68
N ALA C 226 -2.37 -0.22 12.70
CA ALA C 226 -3.12 -0.07 13.95
C ALA C 226 -2.77 -1.17 14.97
N ILE C 227 -2.73 -2.42 14.50
CA ILE C 227 -2.35 -3.54 15.35
C ILE C 227 -1.12 -3.24 16.20
N THR C 228 -0.14 -2.57 15.63
CA THR C 228 1.12 -2.36 16.34
C THR C 228 1.31 -0.95 16.91
N GLU C 229 0.44 -0.03 16.53
CA GLU C 229 0.50 1.33 17.04
C GLU C 229 0.54 1.33 18.58
N VAL C 230 1.49 2.06 19.15
CA VAL C 230 1.69 2.06 20.59
C VAL C 230 1.45 3.39 21.30
N PRO C 231 2.21 4.44 20.92
CA PRO C 231 2.18 5.73 21.63
C PRO C 231 0.78 6.28 21.91
N VAL C 232 0.00 6.48 20.84
CA VAL C 232 -1.36 7.01 21.00
C VAL C 232 -2.28 6.04 21.74
N ALA C 233 -2.23 4.77 21.37
CA ALA C 233 -3.12 3.77 21.94
C ALA C 233 -3.00 3.70 23.45
N SER C 234 -1.77 3.64 23.95
CA SER C 234 -1.54 3.52 25.39
C SER C 234 -1.64 4.87 26.11
N LEU C 235 -1.87 5.93 25.34
CA LEU C 235 -2.15 7.24 25.91
C LEU C 235 -3.63 7.33 26.24
N LEU C 236 -4.47 6.95 25.29
CA LEU C 236 -5.92 7.09 25.42
C LEU C 236 -6.57 5.97 26.25
N LEU C 237 -6.03 4.75 26.14
CA LEU C 237 -6.62 3.61 26.85
C LEU C 237 -6.02 3.41 28.24
N ARG C 238 -6.85 3.60 29.26
CA ARG C 238 -6.41 3.49 30.65
C ARG C 238 -6.90 2.20 31.31
N ASP C 239 -8.13 1.81 30.99
CA ASP C 239 -8.72 0.58 31.55
C ASP C 239 -8.02 -0.65 31.00
N VAL C 240 -7.59 -1.53 31.90
CA VAL C 240 -6.90 -2.75 31.50
C VAL C 240 -7.80 -3.57 30.60
N ASN C 241 -9.08 -3.60 30.93
CA ASN C 241 -10.05 -4.37 30.16
C ASN C 241 -10.39 -3.73 28.81
N SER C 242 -9.79 -2.57 28.56
CA SER C 242 -9.96 -1.92 27.25
C SER C 242 -8.61 -1.74 26.55
N TYR C 243 -7.53 -2.13 27.21
CA TYR C 243 -6.21 -2.13 26.59
C TYR C 243 -6.27 -2.90 25.28
N THR C 244 -5.49 -2.46 24.29
CA THR C 244 -5.24 -3.28 23.13
C THR C 244 -3.99 -4.12 23.40
N LEU C 245 -3.70 -5.05 22.50
CA LEU C 245 -2.55 -5.91 22.68
C LEU C 245 -1.33 -5.04 22.86
N ALA C 246 -1.15 -4.08 21.95
CA ALA C 246 0.02 -3.21 21.94
C ALA C 246 0.30 -2.54 23.28
N VAL C 247 -0.77 -2.16 23.99
CA VAL C 247 -0.62 -1.56 25.31
C VAL C 247 -0.26 -2.64 26.33
N GLY C 248 -1.17 -3.60 26.49
CA GLY C 248 -1.08 -4.59 27.55
C GLY C 248 0.11 -5.51 27.50
N MET C 249 0.61 -5.78 26.30
CA MET C 249 1.70 -6.75 26.12
C MET C 249 2.98 -6.33 26.82
N GLN C 250 3.04 -5.08 27.28
CA GLN C 250 4.22 -4.55 27.95
C GLN C 250 4.17 -4.73 29.47
N GLN C 251 2.98 -4.91 30.01
CA GLN C 251 2.81 -5.16 31.44
C GLN C 251 3.45 -6.48 31.85
N TYR C 252 3.79 -7.31 30.86
CA TYR C 252 4.39 -8.61 31.11
C TYR C 252 5.82 -8.50 31.63
N LEU C 253 6.53 -7.48 31.17
CA LEU C 253 7.96 -7.42 31.41
C LEU C 253 8.36 -6.30 32.36
N ASN C 254 7.78 -6.32 33.56
CA ASN C 254 8.33 -5.55 34.67
C ASN C 254 9.60 -6.27 35.12
N PRO C 255 10.68 -5.51 35.31
CA PRO C 255 11.94 -6.12 35.74
C PRO C 255 11.77 -6.97 37.00
N GLN C 256 10.99 -6.47 37.95
CA GLN C 256 10.84 -7.13 39.23
C GLN C 256 9.70 -8.16 39.20
N ASN C 257 9.15 -8.37 38.00
CA ASN C 257 8.07 -9.33 37.80
C ASN C 257 8.09 -9.77 36.34
N TYR C 258 9.25 -10.24 35.90
CA TYR C 258 9.48 -10.56 34.50
C TYR C 258 8.81 -11.85 34.11
N LEU C 259 7.58 -11.74 33.57
CA LEU C 259 6.81 -12.91 33.15
C LEU C 259 7.14 -13.29 31.71
N TRP C 260 8.37 -13.75 31.51
CA TRP C 260 8.93 -14.04 30.19
C TRP C 260 8.21 -15.17 29.46
N GLY C 261 7.83 -16.20 30.20
CA GLY C 261 7.14 -17.34 29.62
C GLY C 261 5.70 -17.01 29.30
N ASP C 262 4.99 -16.48 30.30
CA ASP C 262 3.61 -16.06 30.13
C ASP C 262 3.51 -15.12 28.94
N PHE C 263 4.49 -14.22 28.84
CA PHE C 263 4.57 -13.27 27.75
C PHE C 263 4.74 -13.97 26.41
N ALA C 264 5.66 -14.93 26.36
CA ALA C 264 5.98 -15.63 25.11
C ALA C 264 4.77 -16.32 24.52
N ALA C 265 3.96 -16.93 25.38
CA ALA C 265 2.78 -17.65 24.93
C ALA C 265 1.79 -16.70 24.27
N ALA C 266 1.59 -15.53 24.88
CA ALA C 266 0.66 -14.55 24.36
C ALA C 266 1.21 -13.93 23.08
N ALA C 267 2.53 -13.85 22.99
CA ALA C 267 3.20 -13.26 21.84
C ALA C 267 2.90 -14.04 20.56
N VAL C 268 3.07 -15.36 20.62
CA VAL C 268 2.73 -16.23 19.50
C VAL C 268 1.27 -16.00 19.14
N MET C 269 0.42 -15.91 20.15
CA MET C 269 -1.00 -15.72 19.95
C MET C 269 -1.26 -14.41 19.23
N SER C 270 -0.47 -13.39 19.56
CA SER C 270 -0.64 -12.05 18.98
C SER C 270 -0.26 -11.98 17.50
N ALA C 271 0.40 -13.02 16.99
CA ALA C 271 0.78 -13.05 15.58
C ALA C 271 -0.29 -13.74 14.76
N LEU C 272 -1.49 -13.80 15.31
CA LEU C 272 -2.58 -14.53 14.67
C LEU C 272 -3.37 -13.64 13.71
N PRO C 273 -3.76 -12.44 14.16
CA PRO C 273 -4.61 -11.55 13.36
C PRO C 273 -4.06 -11.31 11.95
N ILE C 274 -2.88 -10.70 11.86
CA ILE C 274 -2.31 -10.34 10.56
C ILE C 274 -2.10 -11.59 9.69
N THR C 275 -1.66 -12.68 10.32
CA THR C 275 -1.47 -13.93 9.61
C THR C 275 -2.74 -14.36 8.91
N ILE C 276 -3.84 -14.33 9.66
CA ILE C 276 -5.17 -14.62 9.11
C ILE C 276 -5.43 -13.75 7.88
N VAL C 277 -5.20 -12.46 8.01
CA VAL C 277 -5.38 -11.52 6.91
C VAL C 277 -4.51 -11.90 5.70
N PHE C 278 -3.24 -12.16 5.94
CA PHE C 278 -2.32 -12.59 4.88
C PHE C 278 -2.78 -13.90 4.23
N LEU C 279 -3.41 -14.77 5.02
CA LEU C 279 -3.91 -16.04 4.52
C LEU C 279 -5.19 -15.86 3.70
N LEU C 280 -6.14 -15.11 4.24
CA LEU C 280 -7.36 -14.77 3.51
C LEU C 280 -7.04 -13.87 2.32
N ALA C 281 -5.86 -13.27 2.35
CA ALA C 281 -5.42 -12.39 1.28
C ALA C 281 -4.92 -13.17 0.07
N GLN C 282 -5.10 -14.49 0.11
CA GLN C 282 -4.68 -15.35 -0.99
C GLN C 282 -5.69 -15.36 -2.13
N ARG C 283 -6.69 -14.50 -2.03
CA ARG C 283 -7.64 -14.29 -3.12
C ARG C 283 -7.08 -13.26 -4.09
N ALA D 2 -30.60 13.14 -34.93
CA ALA D 2 -30.11 12.10 -35.88
C ALA D 2 -29.61 12.71 -37.19
N SER D 3 -29.15 13.96 -37.11
CA SER D 3 -28.65 14.67 -38.28
C SER D 3 -27.53 15.62 -37.88
N VAL D 4 -26.48 15.08 -37.27
CA VAL D 4 -25.36 15.87 -36.76
C VAL D 4 -24.82 16.86 -37.79
N GLN D 5 -24.40 18.03 -37.31
CA GLN D 5 -23.72 19.01 -38.17
C GLN D 5 -22.87 19.97 -37.34
N LEU D 6 -21.79 20.44 -37.95
CA LEU D 6 -20.83 21.29 -37.26
C LEU D 6 -20.65 22.64 -37.96
N GLN D 7 -20.58 23.71 -37.17
CA GLN D 7 -20.36 25.05 -37.69
C GLN D 7 -19.18 25.71 -36.98
N ASN D 8 -18.18 26.12 -37.76
CA ASN D 8 -16.99 26.78 -37.22
C ASN D 8 -16.45 26.12 -35.97
N VAL D 9 -16.47 24.79 -35.94
CA VAL D 9 -15.99 24.04 -34.78
C VAL D 9 -14.47 24.09 -34.66
N THR D 10 -14.00 24.32 -33.44
CA THR D 10 -12.57 24.47 -33.18
C THR D 10 -12.19 23.88 -31.81
N LYS D 11 -11.18 23.02 -31.81
CA LYS D 11 -10.64 22.48 -30.56
C LYS D 11 -9.23 23.01 -30.31
N ALA D 12 -8.92 23.31 -29.05
CA ALA D 12 -7.62 23.84 -28.69
C ALA D 12 -7.05 23.18 -27.44
N TRP D 13 -5.73 23.26 -27.29
CA TRP D 13 -5.04 22.75 -26.11
C TRP D 13 -4.14 23.84 -25.52
N GLY D 14 -4.75 24.85 -24.93
CA GLY D 14 -4.01 25.97 -24.36
C GLY D 14 -3.64 26.98 -25.41
N GLU D 15 -2.57 26.69 -26.15
CA GLU D 15 -2.11 27.57 -27.23
C GLU D 15 -2.11 26.83 -28.57
N VAL D 16 -1.90 25.52 -28.52
CA VAL D 16 -1.91 24.69 -29.71
C VAL D 16 -3.32 24.66 -30.32
N VAL D 17 -3.43 25.01 -31.59
CA VAL D 17 -4.71 24.97 -32.29
C VAL D 17 -4.73 23.81 -33.29
N VAL D 18 -5.21 22.66 -32.83
CA VAL D 18 -5.24 21.46 -33.68
C VAL D 18 -6.15 21.64 -34.90
N SER D 19 -7.42 21.95 -34.66
CA SER D 19 -8.39 22.08 -35.73
C SER D 19 -8.87 23.52 -35.92
N LYS D 20 -8.71 24.04 -37.12
CA LYS D 20 -9.23 25.36 -37.47
C LYS D 20 -10.69 25.24 -37.87
N ASP D 21 -11.49 26.26 -37.54
CA ASP D 21 -12.93 26.20 -37.75
C ASP D 21 -13.34 25.33 -38.93
N ILE D 22 -13.89 24.16 -38.61
CA ILE D 22 -14.30 23.20 -39.63
C ILE D 22 -15.81 23.08 -39.71
N ASN D 23 -16.32 22.92 -40.93
CA ASN D 23 -17.75 22.80 -41.16
C ASN D 23 -18.13 21.43 -41.73
N LEU D 24 -19.14 20.81 -41.12
CA LEU D 24 -19.61 19.51 -41.57
C LEU D 24 -21.13 19.41 -41.52
N ASP D 25 -21.74 19.12 -42.67
CA ASP D 25 -23.17 18.89 -42.74
C ASP D 25 -23.45 17.42 -43.00
N ILE D 26 -24.05 16.74 -42.03
CA ILE D 26 -24.34 15.32 -42.16
C ILE D 26 -25.84 15.08 -42.05
N HIS D 27 -26.41 14.46 -43.08
CA HIS D 27 -27.85 14.23 -43.14
C HIS D 27 -28.27 13.00 -42.34
N GLU D 28 -29.59 12.78 -42.30
CA GLU D 28 -30.18 11.62 -41.63
C GLU D 28 -29.66 10.31 -42.23
N GLY D 29 -29.51 9.30 -41.37
CA GLY D 29 -29.14 7.96 -41.81
C GLY D 29 -27.95 7.90 -42.74
N GLU D 30 -27.09 8.90 -42.65
CA GLU D 30 -25.93 9.00 -43.51
C GLU D 30 -24.73 8.32 -42.86
N PHE D 31 -24.04 7.47 -43.62
CA PHE D 31 -22.87 6.77 -43.13
C PHE D 31 -21.63 7.60 -43.44
N VAL D 32 -21.15 8.34 -42.46
CA VAL D 32 -19.99 9.22 -42.65
C VAL D 32 -18.73 8.61 -42.08
N VAL D 33 -17.62 8.75 -42.79
CA VAL D 33 -16.35 8.23 -42.31
C VAL D 33 -15.30 9.33 -42.23
N PHE D 34 -14.67 9.47 -41.06
CA PHE D 34 -13.55 10.39 -40.91
C PHE D 34 -12.24 9.64 -41.12
N VAL D 35 -11.50 10.01 -42.17
CA VAL D 35 -10.25 9.32 -42.50
C VAL D 35 -9.01 10.21 -42.50
N GLY D 36 -7.90 9.61 -42.10
CA GLY D 36 -6.61 10.28 -42.05
C GLY D 36 -5.60 9.39 -41.36
N PRO D 37 -4.33 9.85 -41.32
CA PRO D 37 -3.29 9.11 -40.60
C PRO D 37 -3.54 9.12 -39.10
N SER D 38 -2.62 8.52 -38.34
CA SER D 38 -2.72 8.53 -36.88
C SER D 38 -2.37 9.91 -36.32
N GLY D 39 -3.20 10.40 -35.41
CA GLY D 39 -2.98 11.70 -34.78
C GLY D 39 -3.26 12.86 -35.71
N CYS D 40 -4.35 12.78 -36.46
CA CYS D 40 -4.72 13.85 -37.38
C CYS D 40 -5.99 14.58 -36.91
N GLY D 41 -6.70 13.97 -35.97
CA GLY D 41 -7.92 14.58 -35.43
C GLY D 41 -9.15 13.71 -35.54
N LYS D 42 -9.10 12.71 -36.43
CA LYS D 42 -10.22 11.79 -36.63
C LYS D 42 -10.96 11.50 -35.32
N SER D 43 -10.22 10.99 -34.34
CA SER D 43 -10.81 10.56 -33.08
C SER D 43 -11.38 11.73 -32.31
N THR D 44 -10.62 12.82 -32.23
CA THR D 44 -11.05 13.99 -31.48
C THR D 44 -12.43 14.49 -31.93
N LEU D 45 -12.61 14.63 -33.24
CA LEU D 45 -13.91 14.99 -33.79
C LEU D 45 -15.00 14.12 -33.18
N LEU D 46 -14.91 12.82 -33.41
CA LEU D 46 -15.86 11.87 -32.88
C LEU D 46 -16.08 12.09 -31.38
N ARG D 47 -14.98 12.27 -30.66
CA ARG D 47 -15.02 12.45 -29.20
C ARG D 47 -15.58 13.81 -28.79
N MET D 48 -15.51 14.78 -29.71
CA MET D 48 -16.12 16.08 -29.46
C MET D 48 -17.61 16.01 -29.74
N ILE D 49 -17.99 15.29 -30.80
CA ILE D 49 -19.39 15.04 -31.09
C ILE D 49 -20.01 14.24 -29.94
N ALA D 50 -19.23 13.33 -29.38
CA ALA D 50 -19.71 12.51 -28.26
C ALA D 50 -19.81 13.32 -26.98
N GLY D 51 -18.99 14.36 -26.87
CA GLY D 51 -18.99 15.20 -25.69
C GLY D 51 -17.94 14.79 -24.69
N LEU D 52 -17.09 13.85 -25.09
CA LEU D 52 -15.99 13.40 -24.24
C LEU D 52 -14.82 14.37 -24.36
N GLU D 53 -15.03 15.46 -25.09
CA GLU D 53 -13.98 16.43 -25.35
C GLU D 53 -14.59 17.79 -25.64
N THR D 54 -14.25 18.78 -24.82
CA THR D 54 -14.84 20.11 -24.92
C THR D 54 -14.57 20.77 -26.27
N ILE D 55 -15.47 21.67 -26.68
CA ILE D 55 -15.28 22.43 -27.90
C ILE D 55 -14.89 23.88 -27.58
N THR D 56 -13.70 24.27 -28.03
CA THR D 56 -13.15 25.60 -27.73
C THR D 56 -13.97 26.70 -28.39
N SER D 57 -14.48 26.42 -29.58
CA SER D 57 -15.19 27.43 -30.37
C SER D 57 -15.96 26.77 -31.50
N GLY D 58 -17.22 27.18 -31.67
CA GLY D 58 -18.05 26.65 -32.74
C GLY D 58 -19.35 26.06 -32.23
N ASP D 59 -20.18 25.58 -33.16
CA ASP D 59 -21.49 25.07 -32.81
C ASP D 59 -21.71 23.65 -33.32
N LEU D 60 -22.11 22.76 -32.42
CA LEU D 60 -22.44 21.39 -32.78
C LEU D 60 -23.94 21.16 -32.64
N PHE D 61 -24.57 20.76 -33.73
CA PHE D 61 -26.00 20.46 -33.71
C PHE D 61 -26.25 19.00 -33.98
N ILE D 62 -27.12 18.39 -33.18
CA ILE D 62 -27.58 17.04 -33.46
C ILE D 62 -29.10 17.04 -33.39
N GLY D 63 -29.74 16.86 -34.54
CA GLY D 63 -31.20 16.93 -34.61
C GLY D 63 -31.67 18.36 -34.43
N GLU D 64 -30.90 19.30 -34.97
CA GLU D 64 -31.25 20.71 -34.94
C GLU D 64 -31.34 21.31 -33.53
N LYS D 65 -30.35 21.01 -32.70
CA LYS D 65 -30.21 21.68 -31.41
C LYS D 65 -28.75 21.69 -30.95
N ARG D 66 -28.30 22.82 -30.41
CA ARG D 66 -26.92 22.96 -29.98
C ARG D 66 -26.58 21.94 -28.89
N MET D 67 -25.47 21.24 -29.05
CA MET D 67 -25.12 20.15 -28.13
C MET D 67 -23.80 20.37 -27.39
N ASN D 68 -23.16 21.50 -27.64
CA ASN D 68 -21.85 21.80 -27.03
C ASN D 68 -21.74 21.54 -25.53
N ASP D 69 -22.76 21.97 -24.77
CA ASP D 69 -22.67 21.91 -23.31
C ASP D 69 -23.53 20.81 -22.69
N THR D 70 -24.22 20.04 -23.52
CA THR D 70 -25.07 18.95 -23.04
C THR D 70 -24.21 17.78 -22.62
N PRO D 71 -24.48 17.22 -21.43
CA PRO D 71 -23.80 16.01 -20.97
C PRO D 71 -23.89 14.90 -22.01
N PRO D 72 -22.80 14.13 -22.16
CA PRO D 72 -22.69 13.07 -23.16
C PRO D 72 -23.91 12.15 -23.22
N ALA D 73 -24.35 11.67 -22.06
CA ALA D 73 -25.45 10.72 -21.98
C ALA D 73 -26.74 11.24 -22.59
N GLU D 74 -26.84 12.54 -22.75
CA GLU D 74 -28.07 13.17 -23.23
C GLU D 74 -27.92 13.75 -24.63
N ARG D 75 -27.16 13.07 -25.49
CA ARG D 75 -26.93 13.57 -26.84
C ARG D 75 -27.62 12.72 -27.92
N GLY D 76 -28.21 11.61 -27.51
CA GLY D 76 -28.81 10.67 -28.45
C GLY D 76 -27.71 10.03 -29.28
N VAL D 77 -26.53 9.98 -28.69
CA VAL D 77 -25.34 9.46 -29.36
C VAL D 77 -24.89 8.19 -28.64
N GLY D 78 -24.28 7.28 -29.39
CA GLY D 78 -23.77 6.03 -28.82
C GLY D 78 -22.41 5.69 -29.38
N MET D 79 -21.50 5.23 -28.52
CA MET D 79 -20.12 5.02 -28.94
C MET D 79 -19.60 3.59 -28.83
N VAL D 80 -18.95 3.14 -29.89
CA VAL D 80 -18.19 1.90 -29.86
C VAL D 80 -16.74 2.30 -29.72
N PHE D 81 -16.19 2.11 -28.52
CA PHE D 81 -14.85 2.57 -28.21
C PHE D 81 -13.77 1.78 -28.94
N GLN D 82 -12.59 2.38 -29.05
CA GLN D 82 -11.48 1.77 -29.75
C GLN D 82 -10.98 0.52 -29.00
N SER D 83 -11.01 0.59 -27.67
CA SER D 83 -10.57 -0.54 -26.85
C SER D 83 -11.76 -1.39 -26.43
N TYR D 84 -12.91 -1.16 -27.06
CA TYR D 84 -14.15 -1.85 -26.74
C TYR D 84 -14.77 -1.36 -25.43
N ALA D 85 -13.91 -1.03 -24.46
CA ALA D 85 -14.35 -0.53 -23.16
C ALA D 85 -15.35 -1.47 -22.50
N LEU D 86 -15.15 -2.77 -22.70
CA LEU D 86 -16.00 -3.77 -22.06
C LEU D 86 -15.65 -3.89 -20.60
N TYR D 87 -16.61 -3.60 -19.72
CA TYR D 87 -16.38 -3.71 -18.29
C TYR D 87 -15.96 -5.13 -17.94
N PRO D 88 -14.68 -5.30 -17.55
CA PRO D 88 -14.05 -6.60 -17.36
C PRO D 88 -14.77 -7.43 -16.30
N HIS D 89 -15.31 -6.75 -15.30
CA HIS D 89 -15.91 -7.39 -14.14
C HIS D 89 -17.39 -7.69 -14.36
N LEU D 90 -17.90 -7.40 -15.56
CA LEU D 90 -19.31 -7.66 -15.85
C LEU D 90 -19.45 -8.65 -16.99
N SER D 91 -20.56 -9.38 -17.00
CA SER D 91 -20.82 -10.37 -18.03
C SER D 91 -21.09 -9.71 -19.38
N VAL D 92 -21.12 -10.52 -20.43
CA VAL D 92 -21.40 -10.02 -21.76
C VAL D 92 -22.78 -9.36 -21.80
N ALA D 93 -23.78 -10.07 -21.29
CA ALA D 93 -25.13 -9.55 -21.28
C ALA D 93 -25.19 -8.22 -20.52
N GLU D 94 -24.46 -8.15 -19.41
CA GLU D 94 -24.43 -6.94 -18.59
C GLU D 94 -23.75 -5.78 -19.30
N ASN D 95 -22.69 -6.08 -20.04
CA ASN D 95 -21.94 -5.06 -20.76
C ASN D 95 -22.81 -4.33 -21.76
N MET D 96 -23.64 -5.07 -22.47
CA MET D 96 -24.49 -4.51 -23.53
C MET D 96 -25.67 -3.72 -22.96
N SER D 97 -26.14 -4.12 -21.79
CA SER D 97 -27.33 -3.52 -21.20
C SER D 97 -27.03 -2.66 -19.98
N PHE D 98 -25.75 -2.38 -19.75
CA PHE D 98 -25.33 -1.62 -18.57
C PHE D 98 -25.99 -0.26 -18.49
N GLY D 99 -26.12 0.41 -19.64
CA GLY D 99 -26.71 1.74 -19.69
C GLY D 99 -28.13 1.78 -19.15
N LEU D 100 -28.94 0.81 -19.56
CA LEU D 100 -30.35 0.78 -19.18
C LEU D 100 -30.63 -0.17 -18.02
N LYS D 101 -29.56 -0.63 -17.36
CA LYS D 101 -29.69 -1.35 -16.11
C LYS D 101 -29.74 -0.32 -15.00
N LEU D 102 -28.80 0.61 -15.05
CA LEU D 102 -28.80 1.75 -14.14
C LEU D 102 -29.76 2.79 -14.69
N ALA D 103 -30.08 3.79 -13.88
CA ALA D 103 -31.03 4.83 -14.29
C ALA D 103 -32.30 4.21 -14.87
N GLY D 104 -33.08 3.56 -14.00
CA GLY D 104 -34.31 2.89 -14.41
C GLY D 104 -34.04 1.53 -15.03
N ALA D 105 -34.42 0.48 -14.32
CA ALA D 105 -34.23 -0.88 -14.80
C ALA D 105 -35.55 -1.52 -15.19
N LYS D 106 -35.49 -2.52 -16.07
CA LYS D 106 -36.67 -3.27 -16.46
C LYS D 106 -36.30 -4.74 -16.68
N LYS D 107 -36.19 -5.48 -15.58
CA LYS D 107 -35.78 -6.88 -15.62
C LYS D 107 -36.32 -7.62 -16.83
N GLU D 108 -37.64 -7.66 -16.95
CA GLU D 108 -38.29 -8.36 -18.05
C GLU D 108 -37.84 -7.82 -19.41
N VAL D 109 -37.76 -6.50 -19.52
CA VAL D 109 -37.40 -5.85 -20.77
C VAL D 109 -35.97 -6.17 -21.20
N ILE D 110 -35.01 -5.81 -20.35
CA ILE D 110 -33.60 -6.06 -20.64
C ILE D 110 -33.41 -7.40 -21.33
N ASN D 111 -33.94 -8.46 -20.73
CA ASN D 111 -33.88 -9.80 -21.30
C ASN D 111 -34.11 -9.83 -22.80
N GLN D 112 -35.17 -9.17 -23.25
CA GLN D 112 -35.52 -9.16 -24.67
C GLN D 112 -34.48 -8.40 -25.50
N ARG D 113 -34.17 -7.17 -25.08
CA ARG D 113 -33.25 -6.32 -25.84
C ARG D 113 -31.86 -6.92 -25.97
N VAL D 114 -31.38 -7.55 -24.91
CA VAL D 114 -30.10 -8.23 -24.96
C VAL D 114 -30.17 -9.42 -25.91
N ASN D 115 -31.20 -10.24 -25.74
CA ASN D 115 -31.38 -11.44 -26.58
C ASN D 115 -31.55 -11.13 -28.07
N GLN D 116 -32.36 -10.12 -28.37
CA GLN D 116 -32.59 -9.73 -29.76
C GLN D 116 -31.32 -9.25 -30.42
N VAL D 117 -30.56 -8.41 -29.73
CA VAL D 117 -29.32 -7.87 -30.26
C VAL D 117 -28.24 -8.95 -30.33
N ALA D 118 -28.29 -9.90 -29.40
CA ALA D 118 -27.32 -10.99 -29.38
C ALA D 118 -27.69 -12.07 -30.39
N GLU D 119 -28.93 -12.05 -30.87
CA GLU D 119 -29.37 -12.95 -31.91
C GLU D 119 -28.77 -12.56 -33.25
N VAL D 120 -28.78 -11.26 -33.53
CA VAL D 120 -28.29 -10.75 -34.81
C VAL D 120 -26.76 -10.69 -34.85
N LEU D 121 -26.14 -10.41 -33.70
CA LEU D 121 -24.69 -10.32 -33.62
C LEU D 121 -24.05 -11.68 -33.35
N GLN D 122 -24.90 -12.67 -33.04
CA GLN D 122 -24.45 -14.02 -32.71
C GLN D 122 -23.59 -14.05 -31.45
N LEU D 123 -24.12 -13.44 -30.39
CA LEU D 123 -23.47 -13.45 -29.09
C LEU D 123 -24.33 -14.22 -28.11
N ALA D 124 -25.14 -15.14 -28.63
CA ALA D 124 -26.12 -15.86 -27.85
C ALA D 124 -25.50 -16.75 -26.78
N HIS D 125 -24.56 -17.60 -27.19
CA HIS D 125 -23.98 -18.60 -26.30
C HIS D 125 -22.93 -18.02 -25.35
N LEU D 126 -22.80 -16.70 -25.34
CA LEU D 126 -21.75 -16.04 -24.57
C LEU D 126 -22.28 -15.03 -23.56
N LEU D 127 -23.59 -14.85 -23.53
CA LEU D 127 -24.21 -13.85 -22.66
C LEU D 127 -23.65 -13.91 -21.23
N ASP D 128 -23.56 -15.11 -20.68
CA ASP D 128 -23.13 -15.30 -19.29
C ASP D 128 -21.62 -15.22 -19.10
N ARG D 129 -20.89 -15.07 -20.19
CA ARG D 129 -19.42 -15.03 -20.13
C ARG D 129 -18.89 -13.66 -19.75
N LYS D 130 -17.60 -13.59 -19.44
CA LYS D 130 -16.97 -12.34 -19.04
C LYS D 130 -15.90 -11.96 -20.06
N PRO D 131 -15.79 -10.65 -20.35
CA PRO D 131 -14.90 -10.07 -21.36
C PRO D 131 -13.53 -10.74 -21.46
N LYS D 132 -13.01 -11.19 -20.32
CA LYS D 132 -11.66 -11.76 -20.28
C LYS D 132 -11.59 -13.17 -20.87
N ALA D 133 -12.74 -13.75 -21.18
CA ALA D 133 -12.79 -15.09 -21.73
C ALA D 133 -13.00 -15.08 -23.24
N LEU D 134 -13.51 -13.97 -23.76
CA LEU D 134 -13.84 -13.88 -25.18
C LEU D 134 -12.62 -13.61 -26.05
N SER D 135 -12.73 -13.96 -27.33
CA SER D 135 -11.70 -13.61 -28.30
C SER D 135 -11.85 -12.14 -28.65
N GLY D 136 -10.76 -11.54 -29.12
CA GLY D 136 -10.75 -10.13 -29.51
C GLY D 136 -11.85 -9.77 -30.49
N GLY D 137 -12.25 -10.74 -31.30
CA GLY D 137 -13.30 -10.54 -32.30
C GLY D 137 -14.68 -10.47 -31.67
N GLN D 138 -14.97 -11.44 -30.81
CA GLN D 138 -16.23 -11.45 -30.07
C GLN D 138 -16.32 -10.21 -29.21
N ARG D 139 -15.17 -9.77 -28.69
CA ARG D 139 -15.10 -8.61 -27.82
C ARG D 139 -15.43 -7.32 -28.55
N GLN D 140 -15.42 -7.37 -29.88
CA GLN D 140 -15.85 -6.22 -30.67
C GLN D 140 -17.36 -6.24 -30.84
N ARG D 141 -17.87 -7.36 -31.31
CA ARG D 141 -19.29 -7.51 -31.54
C ARG D 141 -20.07 -7.08 -30.30
N VAL D 142 -19.52 -7.40 -29.13
CA VAL D 142 -20.12 -6.98 -27.86
C VAL D 142 -20.13 -5.46 -27.76
N ALA D 143 -18.96 -4.85 -27.92
CA ALA D 143 -18.82 -3.40 -27.86
C ALA D 143 -19.85 -2.71 -28.76
N ILE D 144 -20.24 -3.39 -29.84
CA ILE D 144 -21.29 -2.91 -30.71
C ILE D 144 -22.64 -3.06 -30.03
N GLY D 145 -23.01 -4.30 -29.74
CA GLY D 145 -24.27 -4.61 -29.10
C GLY D 145 -24.69 -3.56 -28.09
N ARG D 146 -23.74 -3.13 -27.25
CA ARG D 146 -24.02 -2.12 -26.25
C ARG D 146 -24.79 -0.96 -26.84
N THR D 147 -24.35 -0.50 -28.01
CA THR D 147 -25.02 0.60 -28.70
C THR D 147 -26.27 0.11 -29.43
N LEU D 148 -26.26 -1.13 -29.91
CA LEU D 148 -27.43 -1.71 -30.55
C LEU D 148 -28.53 -1.98 -29.53
N VAL D 149 -28.13 -2.25 -28.29
CA VAL D 149 -29.09 -2.38 -27.20
C VAL D 149 -29.56 -0.99 -26.79
N ALA D 150 -28.66 -0.02 -26.92
CA ALA D 150 -28.98 1.37 -26.59
C ALA D 150 -29.86 2.00 -27.65
N GLU D 151 -29.71 1.53 -28.89
CA GLU D 151 -30.44 2.07 -30.03
C GLU D 151 -30.55 3.59 -29.96
N PRO D 152 -29.43 4.28 -30.21
CA PRO D 152 -29.40 5.73 -30.21
C PRO D 152 -29.62 6.30 -31.60
N SER D 153 -29.88 7.60 -31.69
CA SER D 153 -30.14 8.22 -32.97
C SER D 153 -28.86 8.34 -33.79
N VAL D 154 -27.74 8.58 -33.12
CA VAL D 154 -26.45 8.68 -33.80
C VAL D 154 -25.45 7.65 -33.27
N PHE D 155 -24.83 6.90 -34.19
CA PHE D 155 -23.79 5.93 -33.82
C PHE D 155 -22.41 6.54 -33.98
N LEU D 156 -21.51 6.18 -33.07
CA LEU D 156 -20.12 6.62 -33.17
C LEU D 156 -19.18 5.42 -33.04
N LEU D 157 -18.33 5.22 -34.04
CA LEU D 157 -17.36 4.13 -34.00
C LEU D 157 -15.94 4.64 -34.19
N ASP D 158 -15.07 4.32 -33.23
CA ASP D 158 -13.69 4.82 -33.25
C ASP D 158 -12.71 3.70 -33.63
N GLU D 159 -12.46 3.55 -34.94
CA GLU D 159 -11.58 2.51 -35.46
C GLU D 159 -12.01 1.12 -35.01
N PRO D 160 -13.27 0.75 -35.28
CA PRO D 160 -13.86 -0.50 -34.79
C PRO D 160 -13.20 -1.75 -35.36
N LEU D 161 -12.63 -1.66 -36.55
CA LEU D 161 -11.99 -2.83 -37.16
C LEU D 161 -10.48 -2.77 -36.98
N SER D 162 -10.03 -1.94 -36.05
CA SER D 162 -8.62 -1.56 -35.94
C SER D 162 -7.67 -2.67 -35.51
N ASN D 163 -8.18 -3.66 -34.77
CA ASN D 163 -7.28 -4.67 -34.21
C ASN D 163 -7.63 -6.11 -34.53
N LEU D 164 -8.65 -6.30 -35.36
CA LEU D 164 -9.04 -7.63 -35.82
C LEU D 164 -8.03 -8.11 -36.84
N ASP D 165 -8.12 -9.39 -37.19
CA ASP D 165 -7.28 -9.96 -38.24
C ASP D 165 -7.69 -9.37 -39.59
N ALA D 166 -6.82 -9.53 -40.59
CA ALA D 166 -7.17 -9.11 -41.94
C ALA D 166 -8.49 -9.77 -42.33
N ALA D 167 -8.48 -11.10 -42.37
CA ALA D 167 -9.63 -11.90 -42.80
C ALA D 167 -10.91 -11.47 -42.10
N LEU D 168 -10.81 -11.20 -40.80
CA LEU D 168 -11.98 -10.82 -40.02
C LEU D 168 -12.37 -9.37 -40.27
N ARG D 169 -11.37 -8.51 -40.44
CA ARG D 169 -11.61 -7.10 -40.72
C ARG D 169 -12.47 -6.94 -41.96
N VAL D 170 -12.20 -7.78 -42.96
CA VAL D 170 -12.95 -7.76 -44.21
C VAL D 170 -14.35 -8.29 -44.02
N GLN D 171 -14.47 -9.46 -43.40
CA GLN D 171 -15.76 -10.08 -43.14
C GLN D 171 -16.71 -9.13 -42.42
N MET D 172 -16.16 -8.32 -41.51
CA MET D 172 -16.96 -7.40 -40.70
C MET D 172 -17.53 -6.22 -41.48
N ARG D 173 -16.72 -5.66 -42.38
CA ARG D 173 -17.17 -4.52 -43.20
C ARG D 173 -18.53 -4.78 -43.80
N ILE D 174 -18.78 -6.03 -44.19
CA ILE D 174 -20.06 -6.43 -44.76
C ILE D 174 -21.15 -6.36 -43.69
N GLU D 175 -20.90 -7.02 -42.57
CA GLU D 175 -21.84 -7.00 -41.45
C GLU D 175 -22.15 -5.57 -41.05
N ILE D 176 -21.21 -4.66 -41.28
CA ILE D 176 -21.40 -3.25 -40.95
C ILE D 176 -22.39 -2.59 -41.90
N SER D 177 -22.16 -2.75 -43.21
CA SER D 177 -23.02 -2.15 -44.21
C SER D 177 -24.41 -2.76 -44.22
N ARG D 178 -24.48 -4.07 -44.00
CA ARG D 178 -25.77 -4.76 -43.94
C ARG D 178 -26.56 -4.29 -42.73
N LEU D 179 -25.84 -3.85 -41.70
CA LEU D 179 -26.44 -3.33 -40.48
C LEU D 179 -26.89 -1.89 -40.67
N HIS D 180 -26.17 -1.15 -41.51
CA HIS D 180 -26.49 0.24 -41.74
C HIS D 180 -27.86 0.40 -42.39
N LYS D 181 -27.99 -0.01 -43.65
CA LYS D 181 -29.24 0.12 -44.38
C LYS D 181 -30.41 -0.57 -43.67
N ARG D 182 -30.09 -1.57 -42.85
CA ARG D 182 -31.11 -2.26 -42.07
C ARG D 182 -31.69 -1.36 -40.99
N LEU D 183 -30.83 -0.52 -40.40
CA LEU D 183 -31.26 0.40 -39.37
C LEU D 183 -31.46 1.80 -39.95
N GLY D 184 -30.63 2.14 -40.94
CA GLY D 184 -30.74 3.41 -41.63
C GLY D 184 -30.60 4.62 -40.73
N ARG D 185 -29.71 4.54 -39.74
CA ARG D 185 -29.46 5.66 -38.85
C ARG D 185 -28.05 6.21 -39.03
N THR D 186 -27.91 7.51 -38.77
CA THR D 186 -26.65 8.23 -38.95
C THR D 186 -25.47 7.49 -38.29
N MET D 187 -24.37 7.37 -39.02
CA MET D 187 -23.17 6.71 -38.48
C MET D 187 -21.87 7.44 -38.80
N ILE D 188 -21.27 8.03 -37.78
CA ILE D 188 -19.95 8.62 -37.91
C ILE D 188 -18.92 7.53 -37.62
N TYR D 189 -17.88 7.44 -38.43
CA TYR D 189 -16.99 6.28 -38.42
C TYR D 189 -15.53 6.71 -38.54
N VAL D 190 -14.70 6.27 -37.60
CA VAL D 190 -13.29 6.68 -37.58
C VAL D 190 -12.35 5.53 -37.97
N THR D 191 -11.54 5.76 -38.99
CA THR D 191 -10.55 4.77 -39.43
C THR D 191 -9.36 5.41 -40.15
N HIS D 192 -8.22 4.71 -40.11
CA HIS D 192 -7.03 5.14 -40.81
C HIS D 192 -6.90 4.37 -42.12
N ASP D 193 -7.68 3.31 -42.24
CA ASP D 193 -7.67 2.49 -43.45
C ASP D 193 -8.59 3.06 -44.51
N GLN D 194 -8.00 3.54 -45.60
CA GLN D 194 -8.75 4.20 -46.67
C GLN D 194 -9.74 3.24 -47.34
N VAL D 195 -9.43 1.95 -47.31
CA VAL D 195 -10.30 0.95 -47.92
C VAL D 195 -11.66 0.96 -47.24
N GLU D 196 -11.66 1.01 -45.90
CA GLU D 196 -12.90 1.02 -45.14
C GLU D 196 -13.74 2.25 -45.45
N ALA D 197 -13.08 3.35 -45.77
CA ALA D 197 -13.79 4.58 -46.12
C ALA D 197 -14.51 4.40 -47.45
N MET D 198 -13.84 3.76 -48.40
CA MET D 198 -14.38 3.61 -49.75
C MET D 198 -15.56 2.63 -49.80
N THR D 199 -15.48 1.57 -49.01
CA THR D 199 -16.50 0.53 -49.04
C THR D 199 -17.75 0.92 -48.25
N LEU D 200 -17.55 1.43 -47.04
CA LEU D 200 -18.65 1.71 -46.12
C LEU D 200 -19.32 3.06 -46.37
N ALA D 201 -18.50 4.11 -46.49
CA ALA D 201 -18.99 5.49 -46.46
C ALA D 201 -19.91 5.88 -47.61
N ASP D 202 -20.93 6.67 -47.29
CA ASP D 202 -21.72 7.36 -48.30
C ASP D 202 -21.09 8.73 -48.51
N LYS D 203 -20.51 9.26 -47.44
CA LYS D 203 -19.79 10.52 -47.48
C LYS D 203 -18.50 10.37 -46.68
N ILE D 204 -17.38 10.80 -47.26
CA ILE D 204 -16.09 10.70 -46.61
C ILE D 204 -15.57 12.06 -46.19
N VAL D 205 -14.93 12.12 -45.02
CA VAL D 205 -14.28 13.34 -44.57
C VAL D 205 -12.81 13.07 -44.33
N VAL D 206 -11.96 13.64 -45.19
CA VAL D 206 -10.52 13.42 -45.09
C VAL D 206 -9.89 14.50 -44.21
N LEU D 207 -9.09 14.06 -43.23
CA LEU D 207 -8.49 15.00 -42.27
C LEU D 207 -6.98 15.04 -42.40
N ASP D 208 -6.45 16.25 -42.56
CA ASP D 208 -5.01 16.44 -42.68
C ASP D 208 -4.52 17.35 -41.56
N ALA D 209 -3.70 16.79 -40.67
CA ALA D 209 -3.13 17.53 -39.57
C ALA D 209 -4.12 18.55 -39.00
N GLY D 210 -5.31 18.07 -38.66
CA GLY D 210 -6.33 18.90 -38.02
C GLY D 210 -7.28 19.60 -38.97
N ARG D 211 -6.85 19.79 -40.22
CA ARG D 211 -7.65 20.49 -41.22
C ARG D 211 -8.50 19.51 -42.03
N VAL D 212 -9.66 19.99 -42.51
CA VAL D 212 -10.49 19.20 -43.39
C VAL D 212 -10.01 19.33 -44.84
N ALA D 213 -9.50 18.25 -45.38
CA ALA D 213 -8.91 18.27 -46.72
C ALA D 213 -9.98 18.26 -47.81
N GLN D 214 -10.92 17.31 -47.73
CA GLN D 214 -11.96 17.16 -48.75
C GLN D 214 -13.13 16.35 -48.22
N VAL D 215 -14.34 16.76 -48.61
CA VAL D 215 -15.55 16.02 -48.27
C VAL D 215 -16.25 15.64 -49.56
N GLY D 216 -16.78 14.41 -49.61
CA GLY D 216 -17.53 13.98 -50.79
C GLY D 216 -17.71 12.48 -50.85
N LYS D 217 -18.33 12.01 -51.92
CA LYS D 217 -18.52 10.58 -52.13
C LYS D 217 -17.17 9.91 -52.35
N PRO D 218 -17.07 8.62 -51.99
CA PRO D 218 -15.81 7.90 -52.15
C PRO D 218 -15.32 7.91 -53.60
N LEU D 219 -16.25 7.80 -54.53
CA LEU D 219 -15.91 7.71 -55.95
C LEU D 219 -15.52 9.09 -56.49
N GLU D 220 -16.07 10.13 -55.87
CA GLU D 220 -15.71 11.50 -56.21
C GLU D 220 -14.31 11.79 -55.67
N LEU D 221 -14.09 11.42 -54.42
CA LEU D 221 -12.79 11.56 -53.78
C LEU D 221 -11.68 10.88 -54.58
N TYR D 222 -11.99 9.69 -55.10
CA TYR D 222 -11.01 8.89 -55.82
C TYR D 222 -10.68 9.45 -57.20
N HIS D 223 -11.72 9.87 -57.93
CA HIS D 223 -11.52 10.40 -59.27
C HIS D 223 -11.06 11.85 -59.26
N TYR D 224 -11.56 12.63 -58.32
CA TYR D 224 -11.26 14.05 -58.26
C TYR D 224 -10.82 14.52 -56.87
N PRO D 225 -9.58 14.21 -56.49
CA PRO D 225 -9.01 14.71 -55.25
C PRO D 225 -8.76 16.21 -55.35
N ALA D 226 -8.95 16.92 -54.25
CA ALA D 226 -8.81 18.37 -54.25
C ALA D 226 -7.38 18.83 -53.97
N ASP D 227 -6.54 17.91 -53.52
CA ASP D 227 -5.12 18.19 -53.34
C ASP D 227 -4.25 16.94 -53.37
N ARG D 228 -2.94 17.13 -53.30
CA ARG D 228 -1.99 16.01 -53.33
C ARG D 228 -2.28 15.02 -52.20
N PHE D 229 -2.72 15.55 -51.06
CA PHE D 229 -2.93 14.74 -49.88
C PHE D 229 -4.04 13.72 -50.10
N VAL D 230 -5.23 14.20 -50.42
CA VAL D 230 -6.36 13.32 -50.69
C VAL D 230 -5.99 12.29 -51.75
N ALA D 231 -5.42 12.77 -52.85
CA ALA D 231 -4.95 11.91 -53.92
C ALA D 231 -4.01 10.84 -53.39
N GLY D 232 -3.03 11.26 -52.59
CA GLY D 232 -2.04 10.35 -52.04
C GLY D 232 -2.47 9.69 -50.75
N PHE D 233 -3.78 9.59 -50.54
CA PHE D 233 -4.29 8.86 -49.37
C PHE D 233 -5.30 7.78 -49.77
N ILE D 234 -5.87 7.92 -50.96
CA ILE D 234 -6.86 6.97 -51.45
C ILE D 234 -6.26 5.98 -52.47
N GLY D 235 -6.96 4.88 -52.71
CA GLY D 235 -6.51 3.86 -53.65
C GLY D 235 -5.64 2.83 -52.97
N SER D 236 -5.74 1.58 -53.42
CA SER D 236 -5.04 0.46 -52.79
C SER D 236 -3.57 0.78 -52.52
N PRO D 237 -2.73 0.81 -53.56
CA PRO D 237 -1.38 1.32 -53.37
C PRO D 237 -1.40 2.82 -53.59
N LYS D 238 -0.29 3.49 -53.31
CA LYS D 238 -0.25 4.95 -53.39
C LYS D 238 -0.21 5.43 -54.84
N MET D 239 -0.69 6.64 -55.07
CA MET D 239 -0.63 7.26 -56.39
C MET D 239 0.81 7.67 -56.70
N ASN D 240 1.23 7.45 -57.94
CA ASN D 240 2.55 7.88 -58.36
C ASN D 240 2.58 9.39 -58.55
N PHE D 241 3.56 10.05 -57.95
CA PHE D 241 3.72 11.49 -58.10
C PHE D 241 5.03 11.82 -58.78
N LEU D 242 4.95 12.61 -59.84
CA LEU D 242 6.13 12.94 -60.65
C LEU D 242 6.34 14.45 -60.70
N PRO D 243 7.57 14.89 -60.39
CA PRO D 243 7.94 16.30 -60.45
C PRO D 243 8.00 16.81 -61.88
N VAL D 244 7.01 17.58 -62.28
CA VAL D 244 6.92 18.09 -63.64
C VAL D 244 7.05 19.61 -63.66
N LYS D 245 7.36 20.15 -64.83
CA LYS D 245 7.51 21.59 -64.98
C LYS D 245 6.55 22.10 -66.06
N VAL D 246 5.65 23.00 -65.67
CA VAL D 246 4.68 23.58 -66.59
C VAL D 246 5.39 24.36 -67.69
N THR D 247 5.15 23.97 -68.94
CA THR D 247 5.81 24.62 -70.06
C THR D 247 4.86 25.47 -70.89
N ALA D 248 3.58 25.11 -70.88
CA ALA D 248 2.57 25.82 -71.66
C ALA D 248 1.19 25.62 -71.08
N THR D 249 0.33 26.63 -71.24
CA THR D 249 -1.03 26.57 -70.72
C THR D 249 -2.06 26.84 -71.81
N ALA D 250 -3.20 26.17 -71.72
CA ALA D 250 -4.30 26.38 -72.65
C ALA D 250 -5.63 26.22 -71.93
N ILE D 251 -6.58 27.08 -72.24
CA ILE D 251 -7.91 27.04 -71.65
C ILE D 251 -8.42 25.61 -71.45
N ASP D 252 -8.17 24.76 -72.45
CA ASP D 252 -8.72 23.41 -72.48
C ASP D 252 -7.86 22.39 -71.72
N GLN D 253 -6.60 22.73 -71.49
CA GLN D 253 -5.65 21.77 -70.92
C GLN D 253 -4.28 22.39 -70.63
N VAL D 254 -3.45 21.66 -69.89
CA VAL D 254 -2.13 22.15 -69.50
C VAL D 254 -1.02 21.19 -69.92
N GLN D 255 0.14 21.73 -70.26
CA GLN D 255 1.25 20.93 -70.71
C GLN D 255 2.47 21.03 -69.78
N VAL D 256 3.06 19.87 -69.47
CA VAL D 256 4.16 19.82 -68.53
C VAL D 256 5.34 18.98 -69.06
N GLU D 257 6.51 19.19 -68.47
CA GLU D 257 7.72 18.48 -68.88
C GLU D 257 8.25 17.60 -67.77
N LEU D 258 8.36 16.30 -68.05
CA LEU D 258 8.92 15.34 -67.11
C LEU D 258 10.38 15.69 -66.78
N PRO D 259 10.91 15.15 -65.66
CA PRO D 259 12.24 15.52 -65.19
C PRO D 259 13.35 14.68 -65.81
N MET D 260 13.02 13.91 -66.83
CA MET D 260 13.95 12.96 -67.44
C MET D 260 14.81 13.59 -68.52
N PRO D 261 16.07 13.15 -68.63
CA PRO D 261 16.95 13.46 -69.76
C PRO D 261 16.21 13.31 -71.10
N ASN D 262 15.29 12.36 -71.16
CA ASN D 262 14.29 12.32 -72.22
C ASN D 262 13.13 13.20 -71.80
N ARG D 263 13.29 14.51 -72.00
CA ARG D 263 12.35 15.50 -71.46
C ARG D 263 11.06 15.58 -72.26
N GLN D 264 10.28 14.50 -72.21
CA GLN D 264 9.01 14.44 -72.91
C GLN D 264 8.07 15.50 -72.35
N GLN D 265 7.06 15.86 -73.13
CA GLN D 265 6.07 16.84 -72.70
C GLN D 265 4.67 16.39 -73.11
N VAL D 266 3.73 16.44 -72.18
CA VAL D 266 2.39 15.93 -72.47
C VAL D 266 1.28 16.94 -72.12
N TRP D 267 0.28 17.02 -72.99
CA TRP D 267 -0.90 17.83 -72.75
C TRP D 267 -1.86 17.09 -71.84
N LEU D 268 -2.11 17.64 -70.66
CA LEU D 268 -3.05 17.04 -69.73
C LEU D 268 -4.36 17.82 -69.73
N PRO D 269 -5.49 17.12 -69.92
CA PRO D 269 -6.81 17.72 -69.89
C PRO D 269 -7.19 18.16 -68.48
N VAL D 270 -6.85 19.39 -68.12
CA VAL D 270 -6.98 19.83 -66.75
C VAL D 270 -7.14 21.36 -66.65
N GLU D 271 -7.83 21.80 -65.61
CA GLU D 271 -8.03 23.22 -65.31
C GLU D 271 -6.75 24.03 -65.50
N SER D 272 -6.78 24.98 -66.42
CA SER D 272 -5.61 25.84 -66.64
C SER D 272 -5.64 26.99 -65.65
N ARG D 273 -6.81 27.27 -65.11
CA ARG D 273 -7.03 28.39 -64.19
C ARG D 273 -5.96 28.48 -63.10
N ASP D 274 -5.35 29.66 -63.01
CA ASP D 274 -4.38 29.98 -61.95
C ASP D 274 -3.12 29.10 -61.99
N VAL D 275 -2.59 28.87 -63.19
CA VAL D 275 -1.33 28.14 -63.35
C VAL D 275 -0.38 28.92 -64.25
N GLN D 276 0.89 28.97 -63.84
CA GLN D 276 1.88 29.75 -64.58
C GLN D 276 2.94 28.84 -65.18
N VAL D 277 3.54 29.29 -66.27
CA VAL D 277 4.62 28.54 -66.91
C VAL D 277 5.88 28.64 -66.06
N GLY D 278 6.64 27.54 -65.99
CA GLY D 278 7.84 27.49 -65.18
C GLY D 278 7.57 27.02 -63.76
N ALA D 279 6.29 26.91 -63.43
CA ALA D 279 5.87 26.46 -62.10
C ALA D 279 6.18 24.99 -61.89
N ASN D 280 6.73 24.67 -60.73
CA ASN D 280 7.01 23.28 -60.37
C ASN D 280 5.77 22.62 -59.80
N MET D 281 5.34 21.53 -60.43
CA MET D 281 4.14 20.83 -60.02
C MET D 281 4.34 19.32 -60.00
N SER D 282 3.35 18.61 -59.50
CA SER D 282 3.42 17.16 -59.41
C SER D 282 2.40 16.49 -60.33
N LEU D 283 2.84 15.47 -61.04
CA LEU D 283 1.93 14.69 -61.87
C LEU D 283 1.39 13.52 -61.07
N GLY D 284 0.08 13.51 -60.89
CA GLY D 284 -0.58 12.42 -60.21
C GLY D 284 -0.97 11.35 -61.21
N ILE D 285 -0.65 10.10 -60.88
CA ILE D 285 -1.00 8.97 -61.73
C ILE D 285 -1.03 7.67 -60.93
N ARG D 286 -2.20 7.06 -60.88
CA ARG D 286 -2.38 5.85 -60.11
C ARG D 286 -1.86 4.65 -60.88
N PRO D 287 -1.22 3.70 -60.18
CA PRO D 287 -0.61 2.50 -60.75
C PRO D 287 -1.61 1.61 -61.48
N GLU D 288 -2.90 1.78 -61.19
CA GLU D 288 -3.94 0.99 -61.83
C GLU D 288 -4.31 1.60 -63.19
N HIS D 289 -3.86 2.83 -63.41
CA HIS D 289 -4.24 3.55 -64.63
C HIS D 289 -3.18 3.51 -65.72
N LEU D 290 -1.98 3.07 -65.38
CA LEU D 290 -0.89 2.98 -66.34
C LEU D 290 -1.20 1.95 -67.43
N LEU D 291 -0.50 2.04 -68.55
CA LEU D 291 -0.75 1.19 -69.71
C LEU D 291 0.50 0.43 -70.15
N PRO D 292 0.31 -0.77 -70.72
CA PRO D 292 1.43 -1.48 -71.33
C PRO D 292 1.99 -0.72 -72.52
N SER D 293 3.30 -0.48 -72.50
CA SER D 293 3.98 0.35 -73.51
C SER D 293 3.39 0.30 -74.92
N ASP D 294 2.97 -0.88 -75.36
CA ASP D 294 2.52 -1.07 -76.74
C ASP D 294 1.32 -0.21 -77.13
N ILE D 295 0.44 0.07 -76.17
CA ILE D 295 -0.76 0.86 -76.44
C ILE D 295 -0.46 2.36 -76.51
N ALA D 296 0.06 2.91 -75.41
CA ALA D 296 0.29 4.35 -75.31
C ALA D 296 1.52 4.82 -76.09
N ASP D 297 1.71 6.13 -76.13
CA ASP D 297 2.86 6.71 -76.83
C ASP D 297 3.84 7.38 -75.86
N VAL D 298 3.33 7.88 -74.74
CA VAL D 298 4.18 8.43 -73.70
C VAL D 298 4.70 7.29 -72.81
N ILE D 299 5.89 6.80 -73.14
CA ILE D 299 6.42 5.60 -72.49
C ILE D 299 7.43 5.92 -71.39
N LEU D 300 7.31 5.24 -70.26
CA LEU D 300 8.30 5.29 -69.18
C LEU D 300 8.90 3.90 -69.03
N GLU D 301 10.23 3.82 -68.98
CA GLU D 301 10.91 2.53 -68.97
C GLU D 301 12.08 2.49 -67.99
N GLY D 302 12.29 1.32 -67.37
CA GLY D 302 13.39 1.14 -66.42
C GLY D 302 13.52 -0.28 -65.88
N GLU D 303 14.34 -0.44 -64.84
CA GLU D 303 14.61 -1.74 -64.24
C GLU D 303 13.65 -2.06 -63.10
N VAL D 304 13.12 -3.28 -63.10
CA VAL D 304 12.21 -3.74 -62.05
C VAL D 304 12.96 -4.03 -60.75
N GLN D 305 12.54 -3.37 -59.67
CA GLN D 305 13.14 -3.58 -58.35
C GLN D 305 12.39 -4.64 -57.56
N VAL D 306 11.06 -4.62 -57.67
CA VAL D 306 10.21 -5.50 -56.88
C VAL D 306 9.03 -6.01 -57.71
N VAL D 307 8.73 -7.29 -57.58
CA VAL D 307 7.56 -7.88 -58.23
C VAL D 307 6.71 -8.62 -57.20
N GLU D 308 5.51 -8.11 -56.96
CA GLU D 308 4.61 -8.70 -55.97
C GLU D 308 3.53 -9.55 -56.61
N GLN D 309 3.69 -10.87 -56.54
CA GLN D 309 2.70 -11.80 -57.07
C GLN D 309 1.54 -11.96 -56.09
N LEU D 310 0.49 -11.16 -56.29
CA LEU D 310 -0.66 -11.14 -55.39
C LEU D 310 -1.68 -12.22 -55.72
N GLY D 311 -1.55 -12.82 -56.90
CA GLY D 311 -2.48 -13.85 -57.31
C GLY D 311 -3.63 -13.31 -58.13
N ASN D 312 -4.42 -12.42 -57.52
CA ASN D 312 -5.51 -11.77 -58.21
C ASN D 312 -5.01 -10.60 -59.05
N GLU D 313 -3.79 -10.15 -58.74
CA GLU D 313 -3.16 -9.07 -59.48
C GLU D 313 -1.64 -9.18 -59.42
N THR D 314 -0.95 -8.27 -60.11
CA THR D 314 0.50 -8.23 -60.08
C THR D 314 1.00 -6.79 -59.94
N GLN D 315 1.72 -6.52 -58.86
CA GLN D 315 2.24 -5.18 -58.59
C GLN D 315 3.75 -5.11 -58.78
N ILE D 316 4.19 -4.08 -59.50
CA ILE D 316 5.58 -3.99 -59.93
C ILE D 316 6.20 -2.63 -59.63
N HIS D 317 7.34 -2.63 -58.95
CA HIS D 317 8.04 -1.40 -58.59
C HIS D 317 9.27 -1.20 -59.45
N ILE D 318 9.28 -0.12 -60.22
CA ILE D 318 10.32 0.10 -61.23
C ILE D 318 11.20 1.31 -60.90
N GLN D 319 12.50 1.14 -61.04
CA GLN D 319 13.46 2.23 -60.84
C GLN D 319 13.65 3.01 -62.14
N ILE D 320 12.85 4.06 -62.33
CA ILE D 320 13.01 4.94 -63.49
C ILE D 320 14.21 5.84 -63.28
N PRO D 321 15.21 5.74 -64.19
CA PRO D 321 16.44 6.51 -64.10
C PRO D 321 16.19 7.99 -64.37
N SER D 322 15.66 8.70 -63.37
CA SER D 322 15.31 10.10 -63.49
C SER D 322 14.51 10.56 -62.27
N ILE D 323 14.00 9.59 -61.51
CA ILE D 323 13.22 9.89 -60.31
C ILE D 323 13.43 8.85 -59.21
N ARG D 324 13.99 9.30 -58.09
CA ARG D 324 14.26 8.43 -56.95
C ARG D 324 12.99 8.05 -56.20
N GLN D 325 12.02 7.54 -56.95
CA GLN D 325 10.81 6.96 -56.39
C GLN D 325 10.33 5.91 -57.37
N ASN D 326 10.43 4.64 -56.97
CA ASN D 326 10.04 3.54 -57.83
C ASN D 326 8.57 3.63 -58.21
N LEU D 327 8.32 3.97 -59.46
CA LEU D 327 6.98 3.98 -59.99
C LEU D 327 6.33 2.64 -59.70
N VAL D 328 5.04 2.65 -59.38
CA VAL D 328 4.33 1.41 -59.08
C VAL D 328 3.32 1.10 -60.16
N TYR D 329 3.27 -0.16 -60.57
CA TYR D 329 2.37 -0.61 -61.63
C TYR D 329 1.49 -1.74 -61.11
N ARG D 330 0.28 -1.85 -61.63
CA ARG D 330 -0.70 -2.79 -61.09
C ARG D 330 -1.66 -3.31 -62.16
N GLN D 331 -1.61 -4.62 -62.40
CA GLN D 331 -2.43 -5.22 -63.45
C GLN D 331 -3.27 -6.39 -62.94
N ASN D 332 -3.96 -7.06 -63.85
CA ASN D 332 -4.86 -8.17 -63.50
C ASN D 332 -4.26 -9.56 -63.72
N ASP D 333 -4.96 -10.56 -63.18
CA ASP D 333 -4.52 -11.96 -63.26
C ASP D 333 -3.08 -12.13 -62.78
N VAL D 334 -2.19 -12.53 -63.69
CA VAL D 334 -0.78 -12.69 -63.37
C VAL D 334 0.10 -12.12 -64.47
N VAL D 335 1.28 -11.62 -64.08
CA VAL D 335 2.24 -11.08 -65.03
C VAL D 335 3.63 -11.64 -64.75
N LEU D 336 4.06 -12.59 -65.59
CA LEU D 336 5.33 -13.27 -65.38
C LEU D 336 6.52 -12.35 -65.67
N VAL D 337 7.05 -11.76 -64.60
CA VAL D 337 8.18 -10.83 -64.72
C VAL D 337 9.25 -11.15 -63.69
N GLU D 338 10.50 -11.17 -64.13
CA GLU D 338 11.63 -11.35 -63.23
C GLU D 338 12.09 -10.01 -62.67
N GLU D 339 12.40 -9.98 -61.38
CA GLU D 339 12.95 -8.79 -60.74
C GLU D 339 14.33 -8.49 -61.31
N GLY D 340 14.55 -7.25 -61.72
CA GLY D 340 15.81 -6.88 -62.35
C GLY D 340 15.69 -6.84 -63.86
N ALA D 341 14.53 -7.27 -64.35
CA ALA D 341 14.24 -7.22 -65.79
C ALA D 341 13.85 -5.81 -66.19
N THR D 342 14.16 -5.44 -67.44
CA THR D 342 13.74 -4.15 -67.95
C THR D 342 12.23 -4.19 -68.25
N PHE D 343 11.58 -3.04 -68.10
CA PHE D 343 10.13 -2.98 -68.28
C PHE D 343 9.69 -1.56 -68.66
N ALA D 344 8.64 -1.49 -69.48
CA ALA D 344 8.14 -0.20 -69.93
C ALA D 344 6.62 -0.12 -69.79
N ILE D 345 6.13 1.06 -69.41
CA ILE D 345 4.70 1.29 -69.27
C ILE D 345 4.29 2.62 -69.88
N GLY D 346 3.00 2.74 -70.20
CA GLY D 346 2.46 3.93 -70.86
C GLY D 346 1.73 4.85 -69.92
N LEU D 347 2.02 6.14 -70.03
CA LEU D 347 1.44 7.17 -69.19
C LEU D 347 0.32 7.88 -69.95
N PRO D 348 -0.96 7.53 -69.64
CA PRO D 348 -2.11 8.06 -70.35
C PRO D 348 -2.57 9.42 -69.85
N PRO D 349 -2.41 10.46 -70.66
CA PRO D 349 -2.71 11.84 -70.29
C PRO D 349 -4.10 12.04 -69.67
N GLU D 350 -5.08 11.26 -70.12
CA GLU D 350 -6.46 11.44 -69.67
C GLU D 350 -6.60 11.19 -68.18
N ARG D 351 -5.94 10.14 -67.70
CA ARG D 351 -6.09 9.70 -66.32
C ARG D 351 -5.02 10.28 -65.38
N CYS D 352 -4.65 11.53 -65.64
CA CYS D 352 -3.58 12.19 -64.89
C CYS D 352 -4.06 13.35 -64.06
N HIS D 353 -3.58 13.41 -62.82
CA HIS D 353 -3.87 14.52 -61.91
C HIS D 353 -2.74 15.54 -61.97
N LEU D 354 -3.02 16.78 -61.59
CA LEU D 354 -1.98 17.80 -61.55
C LEU D 354 -2.16 18.75 -60.36
N PHE D 355 -1.08 18.93 -59.59
CA PHE D 355 -1.13 19.71 -58.36
C PHE D 355 -0.08 20.82 -58.33
N ARG D 356 -0.49 22.01 -57.89
CA ARG D 356 0.41 23.17 -57.84
C ARG D 356 1.44 23.07 -56.72
N GLU D 357 2.20 24.14 -56.50
CA GLU D 357 3.19 24.18 -55.43
C GLU D 357 2.55 23.94 -54.07
N ASP D 358 1.45 24.64 -53.82
CA ASP D 358 0.70 24.48 -52.57
C ASP D 358 -0.05 23.14 -52.53
N GLY D 359 0.14 22.33 -53.56
CA GLY D 359 -0.41 20.98 -53.58
C GLY D 359 -1.88 20.89 -53.93
N THR D 360 -2.48 22.03 -54.29
CA THR D 360 -3.88 22.05 -54.70
C THR D 360 -4.06 21.44 -56.09
N ALA D 361 -5.10 20.63 -56.26
CA ALA D 361 -5.32 19.91 -57.51
C ALA D 361 -5.94 20.76 -58.60
N CYS D 362 -5.35 20.75 -59.78
CA CYS D 362 -5.95 21.38 -60.95
C CYS D 362 -7.17 20.55 -61.38
N ARG D 363 -8.35 21.14 -61.25
CA ARG D 363 -9.60 20.44 -61.54
C ARG D 363 -9.49 19.63 -62.83
N ARG D 364 -9.67 18.33 -62.73
CA ARG D 364 -9.60 17.47 -63.91
C ARG D 364 -10.79 17.66 -64.84
N LEU D 365 -10.52 17.94 -66.11
CA LEU D 365 -11.57 18.21 -67.08
C LEU D 365 -12.12 16.94 -67.73
N HIS D 366 -11.41 15.83 -67.56
CA HIS D 366 -11.86 14.55 -68.11
C HIS D 366 -12.94 13.92 -67.25
N LYS D 367 -14.04 13.52 -67.89
CA LYS D 367 -15.17 12.93 -67.18
C LYS D 367 -14.95 11.46 -66.87
N GLU D 368 -15.14 11.09 -65.61
CA GLU D 368 -15.00 9.71 -65.15
C GLU D 368 -16.38 9.10 -64.87
N PRO D 369 -16.49 7.77 -64.96
CA PRO D 369 -17.78 7.12 -64.76
C PRO D 369 -18.15 6.95 -63.28
N GLY D 370 -19.26 7.55 -62.88
CA GLY D 370 -19.75 7.42 -61.51
C GLY D 370 -19.68 8.72 -60.72
N VAL D 371 -19.65 9.84 -61.42
CA VAL D 371 -19.61 11.15 -60.77
C VAL D 371 -20.59 12.13 -61.41
N ALA E 2 21.77 -20.99 -40.22
CA ALA E 2 21.44 -20.36 -41.52
C ALA E 2 20.30 -21.09 -42.22
N SER E 3 20.45 -22.41 -42.35
CA SER E 3 19.40 -23.24 -42.92
C SER E 3 18.64 -23.97 -41.82
N VAL E 4 17.46 -23.47 -41.49
CA VAL E 4 16.66 -24.04 -40.41
C VAL E 4 15.70 -25.11 -40.92
N GLN E 5 15.62 -26.22 -40.20
CA GLN E 5 14.69 -27.29 -40.55
C GLN E 5 14.11 -27.99 -39.32
N LEU E 6 12.83 -28.32 -39.38
CA LEU E 6 12.14 -28.98 -38.28
C LEU E 6 11.74 -30.39 -38.66
N GLN E 7 11.79 -31.31 -37.70
CA GLN E 7 11.44 -32.70 -37.95
C GLN E 7 10.51 -33.23 -36.87
N ASN E 8 9.25 -33.47 -37.25
CA ASN E 8 8.24 -34.00 -36.33
C ASN E 8 8.12 -33.18 -35.05
N VAL E 9 8.31 -31.87 -35.16
CA VAL E 9 8.24 -30.99 -33.99
C VAL E 9 6.84 -30.98 -33.39
N THR E 10 6.77 -31.13 -32.07
CA THR E 10 5.50 -31.18 -31.37
C THR E 10 5.56 -30.38 -30.09
N LYS E 11 4.53 -29.55 -29.86
CA LYS E 11 4.42 -28.78 -28.64
C LYS E 11 3.07 -29.04 -27.98
N ALA E 12 3.11 -29.43 -26.71
CA ALA E 12 1.89 -29.71 -25.97
C ALA E 12 1.98 -29.18 -24.55
N TRP E 13 0.90 -28.58 -24.08
CA TRP E 13 0.82 -28.10 -22.71
C TRP E 13 0.16 -29.15 -21.83
N GLY E 14 0.94 -30.14 -21.44
CA GLY E 14 0.43 -31.26 -20.66
C GLY E 14 -0.24 -32.29 -21.56
N GLU E 15 -1.56 -32.22 -21.66
CA GLU E 15 -2.33 -33.16 -22.44
C GLU E 15 -2.74 -32.59 -23.80
N VAL E 16 -3.10 -31.31 -23.81
CA VAL E 16 -3.60 -30.66 -25.03
C VAL E 16 -2.49 -30.47 -26.07
N VAL E 17 -2.66 -31.12 -27.22
CA VAL E 17 -1.72 -31.02 -28.32
C VAL E 17 -2.13 -29.89 -29.27
N VAL E 18 -1.41 -28.78 -29.21
CA VAL E 18 -1.72 -27.61 -30.02
C VAL E 18 -0.87 -27.56 -31.29
N SER E 19 -0.11 -28.62 -31.52
CA SER E 19 0.75 -28.71 -32.70
C SER E 19 1.15 -30.16 -32.99
N LYS E 20 0.42 -30.80 -33.89
CA LYS E 20 0.72 -32.17 -34.30
C LYS E 20 2.06 -32.25 -35.01
N ASP E 21 2.70 -33.41 -34.93
CA ASP E 21 4.01 -33.62 -35.55
C ASP E 21 4.07 -33.05 -36.96
N ILE E 22 4.79 -31.94 -37.12
CA ILE E 22 4.87 -31.25 -38.40
C ILE E 22 6.30 -30.94 -38.81
N ASN E 23 6.57 -31.05 -40.11
CA ASN E 23 7.90 -30.82 -40.65
C ASN E 23 7.92 -29.65 -41.63
N LEU E 24 9.03 -28.92 -41.62
CA LEU E 24 9.21 -27.80 -42.54
C LEU E 24 10.65 -27.74 -43.02
N ASP E 25 10.84 -27.67 -44.33
CA ASP E 25 12.18 -27.62 -44.90
C ASP E 25 12.49 -26.22 -45.40
N ILE E 26 13.24 -25.47 -44.61
CA ILE E 26 13.60 -24.09 -44.95
C ILE E 26 15.07 -24.00 -45.35
N HIS E 27 15.34 -23.33 -46.46
CA HIS E 27 16.68 -23.29 -47.03
C HIS E 27 17.39 -21.96 -46.78
N GLU E 28 18.71 -21.99 -46.90
CA GLU E 28 19.55 -20.81 -46.74
C GLU E 28 18.96 -19.59 -47.45
N GLY E 29 18.65 -18.54 -46.69
CA GLY E 29 18.26 -17.26 -47.27
C GLY E 29 16.83 -17.17 -47.76
N GLU E 30 16.07 -18.25 -47.59
CA GLU E 30 14.70 -18.28 -48.08
C GLU E 30 13.81 -17.38 -47.22
N PHE E 31 12.93 -16.62 -47.87
CA PHE E 31 11.97 -15.79 -47.17
C PHE E 31 10.71 -16.63 -46.89
N VAL E 32 10.50 -16.97 -45.61
CA VAL E 32 9.41 -17.85 -45.25
C VAL E 32 8.38 -17.16 -44.34
N VAL E 33 7.11 -17.31 -44.67
CA VAL E 33 6.04 -16.70 -43.88
C VAL E 33 5.08 -17.73 -43.32
N PHE E 34 4.83 -17.66 -42.00
CA PHE E 34 3.81 -18.48 -41.37
C PHE E 34 2.50 -17.69 -41.27
N VAL E 35 1.48 -18.10 -42.02
CA VAL E 35 0.17 -17.44 -41.94
C VAL E 35 -0.90 -18.33 -41.34
N GLY E 36 -2.02 -17.71 -40.97
CA GLY E 36 -3.13 -18.40 -40.34
C GLY E 36 -3.84 -17.52 -39.34
N PRO E 37 -5.04 -17.94 -38.89
CA PRO E 37 -5.82 -17.18 -37.93
C PRO E 37 -5.10 -17.08 -36.60
N SER E 38 -5.51 -16.13 -35.76
CA SER E 38 -4.86 -15.93 -34.46
C SER E 38 -4.91 -17.23 -33.64
N GLY E 39 -3.81 -17.52 -32.95
CA GLY E 39 -3.73 -18.68 -32.07
C GLY E 39 -3.49 -19.99 -32.80
N CYS E 40 -3.32 -19.92 -34.12
CA CYS E 40 -3.11 -21.13 -34.93
C CYS E 40 -1.69 -21.68 -34.76
N GLY E 41 -0.92 -21.07 -33.86
CA GLY E 41 0.40 -21.57 -33.53
C GLY E 41 1.55 -20.85 -34.21
N LYS E 42 1.24 -19.91 -35.09
CA LYS E 42 2.27 -19.13 -35.78
C LYS E 42 3.39 -18.70 -34.82
N SER E 43 3.00 -18.06 -33.72
CA SER E 43 3.96 -17.55 -32.76
C SER E 43 4.65 -18.67 -31.98
N THR E 44 3.89 -19.69 -31.61
CA THR E 44 4.48 -20.85 -30.98
C THR E 44 5.68 -21.36 -31.77
N LEU E 45 5.45 -21.72 -33.03
CA LEU E 45 6.49 -22.20 -33.93
C LEU E 45 7.68 -21.26 -34.00
N LEU E 46 7.41 -19.97 -34.17
CA LEU E 46 8.47 -18.98 -34.24
C LEU E 46 9.26 -18.99 -32.94
N ARG E 47 8.54 -18.98 -31.83
CA ARG E 47 9.15 -18.94 -30.50
C ARG E 47 9.89 -20.25 -30.19
N MET E 48 9.42 -21.35 -30.75
CA MET E 48 10.11 -22.62 -30.59
C MET E 48 11.43 -22.62 -31.35
N ILE E 49 11.42 -22.06 -32.56
CA ILE E 49 12.65 -21.89 -33.31
C ILE E 49 13.55 -20.93 -32.55
N ALA E 50 12.96 -19.88 -31.99
CA ALA E 50 13.71 -18.90 -31.23
C ALA E 50 14.33 -19.49 -29.97
N GLY E 51 13.63 -20.47 -29.40
CA GLY E 51 14.09 -21.09 -28.16
C GLY E 51 13.39 -20.51 -26.95
N LEU E 52 12.40 -19.67 -27.20
CA LEU E 52 11.63 -19.06 -26.11
C LEU E 52 10.58 -20.02 -25.59
N GLU E 53 10.45 -21.16 -26.26
CA GLU E 53 9.49 -22.18 -25.88
C GLU E 53 10.08 -23.56 -26.17
N THR E 54 10.13 -24.41 -25.15
CA THR E 54 10.73 -25.74 -25.30
C THR E 54 9.99 -26.59 -26.34
N ILE E 55 10.75 -27.39 -27.07
CA ILE E 55 10.18 -28.33 -28.02
C ILE E 55 9.93 -29.64 -27.29
N THR E 56 8.65 -29.94 -27.06
CA THR E 56 8.26 -31.14 -26.33
C THR E 56 8.78 -32.42 -26.99
N SER E 57 8.57 -32.52 -28.29
CA SER E 57 8.99 -33.69 -29.05
C SER E 57 9.47 -33.27 -30.43
N GLY E 58 10.32 -34.08 -31.04
CA GLY E 58 10.84 -33.81 -32.38
C GLY E 58 12.29 -33.35 -32.36
N ASP E 59 12.73 -32.76 -33.47
CA ASP E 59 14.09 -32.28 -33.60
C ASP E 59 14.14 -30.96 -34.36
N LEU E 60 15.06 -30.09 -33.99
CA LEU E 60 15.20 -28.80 -34.66
C LEU E 60 16.65 -28.51 -35.03
N PHE E 61 16.88 -28.19 -36.30
CA PHE E 61 18.22 -27.94 -36.80
C PHE E 61 18.36 -26.52 -37.37
N ILE E 62 19.39 -25.82 -36.90
CA ILE E 62 19.73 -24.52 -37.46
C ILE E 62 21.21 -24.53 -37.83
N GLY E 63 21.49 -24.51 -39.13
CA GLY E 63 22.85 -24.67 -39.60
C GLY E 63 23.20 -26.14 -39.64
N GLU E 64 22.16 -26.98 -39.67
CA GLU E 64 22.33 -28.42 -39.79
C GLU E 64 22.71 -29.11 -38.46
N LYS E 65 22.77 -28.33 -37.38
CA LYS E 65 22.99 -28.91 -36.05
C LYS E 65 21.74 -28.80 -35.18
N ARG E 66 21.53 -29.80 -34.32
CA ARG E 66 20.33 -29.87 -33.48
C ARG E 66 20.31 -28.77 -32.42
N MET E 67 19.15 -28.15 -32.23
CA MET E 67 19.05 -26.97 -31.38
C MET E 67 18.11 -27.11 -30.19
N ASN E 68 17.32 -28.19 -30.17
CA ASN E 68 16.34 -28.41 -29.09
C ASN E 68 16.80 -27.90 -27.73
N ASP E 69 18.00 -28.34 -27.33
CA ASP E 69 18.50 -28.06 -25.98
C ASP E 69 19.43 -26.85 -25.91
N THR E 70 19.64 -26.19 -27.05
CA THR E 70 20.53 -25.03 -27.09
C THR E 70 19.81 -23.75 -26.70
N PRO E 71 20.41 -22.99 -25.76
CA PRO E 71 19.86 -21.71 -25.32
C PRO E 71 19.59 -20.79 -26.50
N PRO E 72 18.58 -19.91 -26.37
CA PRO E 72 18.15 -19.03 -27.47
C PRO E 72 19.26 -18.13 -27.98
N ALA E 73 20.06 -17.59 -27.05
CA ALA E 73 21.11 -16.64 -27.39
C ALA E 73 22.22 -17.25 -28.24
N GLU E 74 22.25 -18.57 -28.31
CA GLU E 74 23.32 -19.28 -29.00
C GLU E 74 22.81 -20.10 -30.18
N ARG E 75 21.71 -19.65 -30.77
CA ARG E 75 21.12 -20.35 -31.93
C ARG E 75 21.40 -19.63 -33.23
N GLY E 76 22.30 -18.64 -33.19
CA GLY E 76 22.62 -17.84 -34.37
C GLY E 76 21.36 -17.23 -34.98
N VAL E 77 20.38 -16.94 -34.13
CA VAL E 77 19.10 -16.45 -34.58
C VAL E 77 18.83 -15.09 -33.95
N GLY E 78 17.78 -14.41 -34.40
CA GLY E 78 17.42 -13.10 -33.86
C GLY E 78 15.95 -12.79 -34.07
N MET E 79 15.34 -12.07 -33.13
CA MET E 79 13.90 -11.84 -33.20
C MET E 79 13.42 -10.40 -33.01
N VAL E 80 12.48 -10.01 -33.87
CA VAL E 80 11.70 -8.80 -33.71
C VAL E 80 10.38 -9.16 -33.06
N PHE E 81 10.12 -8.62 -31.87
CA PHE E 81 8.92 -8.99 -31.11
C PHE E 81 7.67 -8.23 -31.55
N GLN E 82 6.52 -8.84 -31.29
CA GLN E 82 5.23 -8.27 -31.70
C GLN E 82 5.00 -6.90 -31.10
N SER E 83 5.53 -6.70 -29.90
CA SER E 83 5.37 -5.45 -29.17
C SER E 83 6.60 -4.57 -29.27
N TYR E 84 7.49 -4.94 -30.18
CA TYR E 84 8.76 -4.21 -30.37
C TYR E 84 9.76 -4.53 -29.25
N ALA E 85 9.26 -4.71 -28.04
CA ALA E 85 10.10 -5.12 -26.91
C ALA E 85 11.31 -4.23 -26.71
N LEU E 86 11.09 -2.93 -26.82
CA LEU E 86 12.16 -1.97 -26.61
C LEU E 86 12.37 -1.73 -25.12
N TYR E 87 13.59 -1.42 -24.73
CA TYR E 87 13.88 -1.11 -23.33
C TYR E 87 13.53 0.34 -23.02
N PRO E 88 12.44 0.55 -22.25
CA PRO E 88 11.86 1.83 -21.90
C PRO E 88 12.88 2.82 -21.34
N HIS E 89 13.84 2.29 -20.58
CA HIS E 89 14.81 3.11 -19.87
C HIS E 89 16.07 3.37 -20.69
N LEU E 90 16.12 2.80 -21.88
CA LEU E 90 17.30 2.93 -22.73
C LEU E 90 17.00 3.74 -23.99
N SER E 91 17.99 4.52 -24.44
CA SER E 91 17.87 5.28 -25.67
C SER E 91 17.87 4.35 -26.89
N VAL E 92 17.51 4.89 -28.05
CA VAL E 92 17.46 4.10 -29.28
C VAL E 92 18.81 3.46 -29.55
N ALA E 93 19.88 4.24 -29.44
CA ALA E 93 21.23 3.73 -29.60
C ALA E 93 21.46 2.53 -28.68
N GLU E 94 21.29 2.74 -27.38
CA GLU E 94 21.49 1.70 -26.38
C GLU E 94 20.55 0.51 -26.61
N ASN E 95 19.34 0.79 -27.06
CA ASN E 95 18.37 -0.26 -27.38
C ASN E 95 18.85 -1.18 -28.49
N MET E 96 19.49 -0.59 -29.49
CA MET E 96 19.98 -1.34 -30.64
C MET E 96 21.29 -2.05 -30.31
N SER E 97 22.17 -1.36 -29.60
CA SER E 97 23.50 -1.89 -29.29
C SER E 97 23.48 -2.89 -28.14
N PHE E 98 22.45 -2.84 -27.32
CA PHE E 98 22.31 -3.74 -26.17
C PHE E 98 22.91 -5.12 -26.46
N GLY E 99 22.43 -5.77 -27.51
CA GLY E 99 22.87 -7.11 -27.89
C GLY E 99 24.33 -7.40 -27.60
N LEU E 100 25.21 -6.70 -28.29
CA LEU E 100 26.64 -6.90 -28.14
C LEU E 100 27.25 -5.95 -27.12
N LYS E 101 26.46 -5.02 -26.63
CA LYS E 101 26.91 -4.10 -25.59
C LYS E 101 27.47 -4.91 -24.44
N LEU E 102 26.69 -5.89 -23.99
CA LEU E 102 27.13 -6.81 -22.95
C LEU E 102 28.06 -7.87 -23.55
N ALA E 103 28.90 -8.45 -22.70
CA ALA E 103 29.86 -9.48 -23.10
C ALA E 103 30.50 -9.21 -24.47
N GLY E 104 31.61 -8.49 -24.45
CA GLY E 104 32.32 -8.15 -25.68
C GLY E 104 32.27 -6.66 -25.99
N ALA E 105 32.35 -5.86 -24.93
CA ALA E 105 32.28 -4.40 -25.04
C ALA E 105 33.36 -3.81 -25.96
N LYS E 106 32.93 -3.18 -27.05
CA LYS E 106 33.85 -2.57 -28.00
C LYS E 106 33.37 -1.18 -28.41
N LYS E 107 33.79 -0.17 -27.66
CA LYS E 107 33.36 1.22 -27.86
C LYS E 107 33.30 1.64 -29.34
N GLU E 108 34.41 1.50 -30.03
CA GLU E 108 34.53 2.02 -31.39
C GLU E 108 33.73 1.20 -32.42
N VAL E 109 33.59 -0.10 -32.17
CA VAL E 109 32.87 -0.99 -33.08
C VAL E 109 31.37 -0.71 -33.06
N ILE E 110 30.84 -0.48 -31.86
CA ILE E 110 29.43 -0.20 -31.68
C ILE E 110 28.98 1.01 -32.49
N ASN E 111 29.53 2.17 -32.14
CA ASN E 111 29.22 3.42 -32.84
C ASN E 111 29.00 3.19 -34.32
N GLN E 112 29.86 2.37 -34.91
CA GLN E 112 29.77 2.02 -36.32
C GLN E 112 28.47 1.30 -36.64
N ARG E 113 28.38 0.04 -36.23
CA ARG E 113 27.22 -0.80 -36.57
C ARG E 113 25.90 -0.07 -36.36
N VAL E 114 25.79 0.67 -35.26
CA VAL E 114 24.59 1.44 -34.99
C VAL E 114 24.33 2.46 -36.09
N ASN E 115 25.25 3.41 -36.24
CA ASN E 115 25.14 4.43 -37.29
C ASN E 115 24.86 3.83 -38.66
N GLN E 116 25.50 2.69 -38.95
CA GLN E 116 25.34 2.00 -40.22
C GLN E 116 23.89 1.60 -40.48
N VAL E 117 23.24 1.05 -39.46
CA VAL E 117 21.86 0.62 -39.59
C VAL E 117 20.91 1.80 -39.41
N ALA E 118 21.36 2.82 -38.68
CA ALA E 118 20.59 4.05 -38.50
C ALA E 118 20.49 4.79 -39.84
N GLU E 119 21.48 4.56 -40.70
CA GLU E 119 21.53 5.19 -42.00
C GLU E 119 20.49 4.60 -42.94
N VAL E 120 20.44 3.27 -42.99
CA VAL E 120 19.56 2.57 -43.92
C VAL E 120 18.11 2.54 -43.44
N LEU E 121 17.87 2.92 -42.19
CA LEU E 121 16.53 2.90 -41.62
C LEU E 121 16.07 4.28 -41.17
N GLN E 122 16.90 5.29 -41.42
CA GLN E 122 16.57 6.69 -41.09
C GLN E 122 16.25 6.85 -39.61
N LEU E 123 17.21 6.54 -38.76
CA LEU E 123 17.04 6.63 -37.31
C LEU E 123 18.18 7.40 -36.66
N ALA E 124 19.02 8.03 -37.48
CA ALA E 124 20.19 8.75 -36.99
C ALA E 124 19.81 9.96 -36.15
N HIS E 125 18.63 10.51 -36.42
CA HIS E 125 18.15 11.69 -35.73
C HIS E 125 17.31 11.32 -34.51
N LEU E 126 17.29 10.04 -34.16
CA LEU E 126 16.50 9.56 -33.04
C LEU E 126 17.36 8.79 -32.04
N LEU E 127 18.67 8.79 -32.26
CA LEU E 127 19.59 7.96 -31.46
C LEU E 127 19.67 8.40 -30.00
N ASP E 128 19.31 9.64 -29.72
CA ASP E 128 19.37 10.18 -28.36
C ASP E 128 18.03 10.01 -27.65
N ARG E 129 16.97 9.80 -28.43
CA ARG E 129 15.61 9.73 -27.90
C ARG E 129 15.29 8.42 -27.19
N LYS E 130 14.14 8.40 -26.51
CA LYS E 130 13.70 7.25 -25.74
C LYS E 130 12.44 6.67 -26.37
N PRO E 131 12.30 5.33 -26.39
CA PRO E 131 11.20 4.64 -27.06
C PRO E 131 9.81 5.17 -26.72
N LYS E 132 9.73 6.20 -25.91
CA LYS E 132 8.44 6.78 -25.55
C LYS E 132 8.16 8.01 -26.40
N ALA E 133 9.23 8.67 -26.85
CA ALA E 133 9.10 9.89 -27.64
C ALA E 133 9.04 9.61 -29.14
N LEU E 134 8.83 8.35 -29.50
CA LEU E 134 8.76 7.94 -30.90
C LEU E 134 7.36 7.47 -31.27
N SER E 135 7.08 7.41 -32.57
CA SER E 135 5.79 6.94 -33.05
C SER E 135 5.85 5.43 -33.31
N GLY E 136 4.69 4.80 -33.27
CA GLY E 136 4.60 3.36 -33.53
C GLY E 136 5.38 2.95 -34.76
N GLY E 137 5.39 3.81 -35.77
CA GLY E 137 6.14 3.54 -36.99
C GLY E 137 7.64 3.53 -36.76
N GLN E 138 8.12 4.53 -36.04
CA GLN E 138 9.54 4.63 -35.72
C GLN E 138 9.95 3.53 -34.74
N ARG E 139 9.16 3.35 -33.70
CA ARG E 139 9.43 2.33 -32.70
C ARG E 139 9.52 0.96 -33.36
N GLN E 140 8.79 0.79 -34.46
CA GLN E 140 8.81 -0.45 -35.22
C GLN E 140 10.12 -0.60 -35.99
N ARG E 141 10.70 0.52 -36.39
CA ARG E 141 11.98 0.52 -37.08
C ARG E 141 13.14 0.32 -36.11
N VAL E 142 12.94 0.72 -34.85
CA VAL E 142 13.96 0.52 -33.83
C VAL E 142 14.10 -0.97 -33.52
N ALA E 143 12.98 -1.69 -33.57
CA ALA E 143 12.95 -3.12 -33.31
C ALA E 143 13.74 -3.87 -34.38
N ILE E 144 13.47 -3.56 -35.64
CA ILE E 144 14.16 -4.18 -36.76
C ILE E 144 15.64 -3.83 -36.72
N GLY E 145 15.92 -2.54 -36.54
CA GLY E 145 17.30 -2.07 -36.44
C GLY E 145 18.10 -2.82 -35.39
N ARG E 146 17.49 -3.05 -34.24
CA ARG E 146 18.16 -3.75 -33.15
C ARG E 146 18.70 -5.11 -33.57
N THR E 147 17.89 -5.88 -34.30
CA THR E 147 18.31 -7.21 -34.73
C THR E 147 19.21 -7.15 -35.96
N LEU E 148 19.09 -6.08 -36.74
CA LEU E 148 19.97 -5.90 -37.87
C LEU E 148 21.39 -5.71 -37.39
N VAL E 149 21.55 -4.99 -36.28
CA VAL E 149 22.87 -4.72 -35.72
C VAL E 149 23.54 -6.00 -35.25
N ALA E 150 22.75 -6.89 -34.66
CA ALA E 150 23.24 -8.16 -34.15
C ALA E 150 23.68 -9.09 -35.29
N GLU E 151 23.21 -8.80 -36.50
CA GLU E 151 23.56 -9.60 -37.67
C GLU E 151 23.44 -11.09 -37.40
N PRO E 152 22.21 -11.56 -37.15
CA PRO E 152 21.95 -12.97 -36.93
C PRO E 152 21.93 -13.69 -38.26
N SER E 153 22.09 -15.01 -38.24
CA SER E 153 22.04 -15.78 -39.47
C SER E 153 20.61 -16.00 -39.92
N VAL E 154 19.71 -16.26 -38.97
CA VAL E 154 18.29 -16.39 -39.27
C VAL E 154 17.51 -15.24 -38.65
N PHE E 155 16.63 -14.63 -39.42
CA PHE E 155 15.76 -13.57 -38.90
C PHE E 155 14.39 -14.09 -38.54
N LEU E 156 13.92 -13.76 -37.33
CA LEU E 156 12.59 -14.15 -36.88
C LEU E 156 11.76 -12.91 -36.58
N LEU E 157 10.64 -12.75 -37.28
CA LEU E 157 9.80 -11.59 -37.07
C LEU E 157 8.38 -12.02 -36.72
N ASP E 158 7.84 -11.43 -35.65
CA ASP E 158 6.55 -11.82 -35.12
C ASP E 158 5.49 -10.73 -35.36
N GLU E 159 4.91 -10.71 -36.56
CA GLU E 159 3.89 -9.72 -36.93
C GLU E 159 4.37 -8.28 -36.75
N PRO E 160 5.47 -7.92 -37.43
CA PRO E 160 6.11 -6.62 -37.24
C PRO E 160 5.24 -5.44 -37.65
N LEU E 161 4.43 -5.62 -38.68
CA LEU E 161 3.62 -4.53 -39.24
C LEU E 161 2.21 -4.52 -38.67
N SER E 162 1.89 -5.56 -37.91
CA SER E 162 0.53 -5.82 -37.46
C SER E 162 -0.12 -4.65 -36.72
N ASN E 163 0.70 -3.78 -36.14
CA ASN E 163 0.20 -2.68 -35.32
C ASN E 163 0.42 -1.28 -35.89
N LEU E 164 0.49 -1.17 -37.20
CA LEU E 164 0.73 0.12 -37.84
C LEU E 164 -0.45 0.56 -38.70
N ASP E 165 -0.50 1.85 -39.03
CA ASP E 165 -1.48 2.35 -39.97
C ASP E 165 -1.47 1.46 -41.21
N ALA E 166 -2.60 1.38 -41.90
CA ALA E 166 -2.70 0.54 -43.08
C ALA E 166 -1.81 1.05 -44.21
N ALA E 167 -1.61 2.36 -44.27
CA ALA E 167 -0.81 2.98 -45.31
C ALA E 167 0.68 2.75 -45.07
N LEU E 168 1.10 2.85 -43.82
CA LEU E 168 2.49 2.61 -43.48
C LEU E 168 2.80 1.12 -43.64
N ARG E 169 1.84 0.28 -43.26
CA ARG E 169 1.99 -1.17 -43.40
C ARG E 169 2.39 -1.51 -44.83
N VAL E 170 1.54 -1.13 -45.79
CA VAL E 170 1.82 -1.34 -47.21
C VAL E 170 3.24 -0.91 -47.57
N GLN E 171 3.61 0.27 -47.14
CA GLN E 171 4.93 0.82 -47.43
C GLN E 171 6.05 -0.02 -46.81
N MET E 172 5.80 -0.53 -45.61
CA MET E 172 6.81 -1.29 -44.89
C MET E 172 6.98 -2.71 -45.45
N ARG E 173 5.97 -3.23 -46.11
CA ARG E 173 6.08 -4.53 -46.76
C ARG E 173 7.22 -4.50 -47.77
N ILE E 174 7.22 -3.47 -48.61
CA ILE E 174 8.24 -3.28 -49.63
C ILE E 174 9.62 -3.16 -49.00
N GLU E 175 9.76 -2.24 -48.05
CA GLU E 175 11.01 -2.00 -47.37
C GLU E 175 11.64 -3.29 -46.85
N ILE E 176 10.80 -4.23 -46.41
CA ILE E 176 11.25 -5.53 -45.94
C ILE E 176 11.85 -6.36 -47.06
N SER E 177 11.10 -6.49 -48.15
CA SER E 177 11.55 -7.24 -49.30
C SER E 177 12.91 -6.74 -49.79
N ARG E 178 13.09 -5.42 -49.78
CA ARG E 178 14.36 -4.83 -50.21
C ARG E 178 15.45 -4.96 -49.16
N LEU E 179 15.05 -5.17 -47.91
CA LEU E 179 16.00 -5.48 -46.86
C LEU E 179 16.39 -6.95 -46.97
N HIS E 180 15.43 -7.76 -47.39
CA HIS E 180 15.67 -9.20 -47.55
C HIS E 180 16.73 -9.50 -48.60
N LYS E 181 16.57 -8.96 -49.81
CA LYS E 181 17.51 -9.27 -50.89
C LYS E 181 18.79 -8.45 -50.78
N ARG E 182 18.79 -7.47 -49.89
CA ARG E 182 19.99 -6.67 -49.63
C ARG E 182 20.93 -7.45 -48.70
N LEU E 183 20.35 -8.40 -47.97
CA LEU E 183 21.10 -9.23 -47.04
C LEU E 183 21.19 -10.68 -47.50
N GLY E 184 20.10 -11.17 -48.09
CA GLY E 184 20.06 -12.54 -48.62
C GLY E 184 20.11 -13.63 -47.56
N ARG E 185 19.60 -13.32 -46.36
CA ARG E 185 19.61 -14.29 -45.26
C ARG E 185 18.22 -14.80 -44.93
N THR E 186 18.17 -15.97 -44.31
CA THR E 186 16.91 -16.63 -43.96
C THR E 186 16.02 -15.77 -43.08
N MET E 187 14.76 -15.60 -43.49
CA MET E 187 13.80 -14.85 -42.70
C MET E 187 12.52 -15.63 -42.44
N ILE E 188 12.12 -15.71 -41.17
CA ILE E 188 10.85 -16.32 -40.79
C ILE E 188 9.87 -15.24 -40.33
N TYR E 189 8.77 -15.11 -41.06
CA TYR E 189 7.85 -14.00 -40.89
C TYR E 189 6.47 -14.51 -40.48
N VAL E 190 6.03 -14.13 -39.30
CA VAL E 190 4.72 -14.52 -38.80
C VAL E 190 3.70 -13.41 -39.01
N THR E 191 2.55 -13.75 -39.60
CA THR E 191 1.49 -12.79 -39.83
C THR E 191 0.13 -13.45 -40.02
N HIS E 192 -0.92 -12.65 -39.90
CA HIS E 192 -2.29 -13.12 -40.10
C HIS E 192 -2.86 -12.59 -41.41
N ASP E 193 -2.03 -11.83 -42.13
CA ASP E 193 -2.46 -11.15 -43.33
C ASP E 193 -1.98 -11.89 -44.57
N GLN E 194 -2.92 -12.47 -45.31
CA GLN E 194 -2.58 -13.23 -46.52
C GLN E 194 -1.86 -12.34 -47.53
N VAL E 195 -2.10 -11.04 -47.45
CA VAL E 195 -1.43 -10.07 -48.32
C VAL E 195 0.06 -10.06 -48.04
N GLU E 196 0.42 -10.11 -46.75
CA GLU E 196 1.81 -10.07 -46.35
C GLU E 196 2.55 -11.34 -46.76
N ALA E 197 1.85 -12.47 -46.72
CA ALA E 197 2.43 -13.74 -47.14
C ALA E 197 2.66 -13.76 -48.64
N MET E 198 1.63 -13.44 -49.41
CA MET E 198 1.70 -13.47 -50.87
C MET E 198 2.81 -12.58 -51.42
N THR E 199 3.02 -11.44 -50.78
CA THR E 199 3.90 -10.42 -51.34
C THR E 199 5.34 -10.48 -50.86
N LEU E 200 5.56 -11.15 -49.73
CA LEU E 200 6.91 -11.20 -49.16
C LEU E 200 7.52 -12.59 -49.28
N ALA E 201 6.72 -13.62 -49.02
CA ALA E 201 7.21 -14.98 -48.87
C ALA E 201 7.71 -15.61 -50.15
N ASP E 202 8.88 -16.25 -50.07
CA ASP E 202 9.34 -17.16 -51.12
C ASP E 202 8.53 -18.42 -50.95
N LYS E 203 8.54 -18.94 -49.73
CA LYS E 203 7.79 -20.13 -49.38
C LYS E 203 6.79 -19.76 -48.28
N ILE E 204 5.58 -20.29 -48.38
CA ILE E 204 4.51 -19.97 -47.44
C ILE E 204 4.09 -21.20 -46.63
N VAL E 205 3.93 -21.01 -45.32
CA VAL E 205 3.44 -22.08 -44.45
C VAL E 205 2.10 -21.71 -43.85
N VAL E 206 1.04 -22.32 -44.37
CA VAL E 206 -0.31 -22.05 -43.88
C VAL E 206 -0.69 -22.99 -42.74
N LEU E 207 -1.04 -22.41 -41.60
CA LEU E 207 -1.35 -23.18 -40.41
C LEU E 207 -2.82 -23.11 -40.04
N ASP E 208 -3.40 -24.27 -39.77
CA ASP E 208 -4.80 -24.37 -39.37
C ASP E 208 -4.89 -25.03 -38.01
N ALA E 209 -4.98 -24.21 -36.96
CA ALA E 209 -5.08 -24.71 -35.60
C ALA E 209 -3.92 -25.64 -35.26
N GLY E 210 -2.70 -25.11 -35.38
CA GLY E 210 -1.50 -25.86 -35.01
C GLY E 210 -1.13 -26.97 -35.97
N ARG E 211 -1.83 -27.02 -37.10
CA ARG E 211 -1.57 -28.04 -38.12
C ARG E 211 -1.19 -27.35 -39.42
N VAL E 212 -0.13 -27.83 -40.06
CA VAL E 212 0.25 -27.31 -41.37
C VAL E 212 -0.74 -27.82 -42.40
N ALA E 213 -1.34 -26.90 -43.15
CA ALA E 213 -2.29 -27.27 -44.19
C ALA E 213 -1.59 -27.42 -45.53
N GLN E 214 -0.66 -26.52 -45.83
CA GLN E 214 0.07 -26.55 -47.09
C GLN E 214 1.35 -25.72 -47.05
N VAL E 215 2.30 -26.07 -47.92
CA VAL E 215 3.59 -25.37 -48.01
C VAL E 215 3.96 -25.11 -49.46
N GLY E 216 4.52 -23.94 -49.74
CA GLY E 216 5.03 -23.63 -51.07
C GLY E 216 5.00 -22.17 -51.48
N LYS E 217 5.34 -21.92 -52.75
CA LYS E 217 5.36 -20.56 -53.29
C LYS E 217 3.98 -19.94 -53.25
N PRO E 218 3.91 -18.61 -53.09
CA PRO E 218 2.64 -17.91 -52.95
C PRO E 218 1.73 -18.14 -54.15
N LEU E 219 2.30 -18.07 -55.34
CA LEU E 219 1.51 -18.18 -56.56
C LEU E 219 1.02 -19.62 -56.75
N GLU E 220 1.72 -20.55 -56.10
CA GLU E 220 1.36 -21.96 -56.16
C GLU E 220 0.16 -22.23 -55.26
N LEU E 221 0.19 -21.63 -54.07
CA LEU E 221 -0.87 -21.74 -53.09
C LEU E 221 -2.15 -21.06 -53.57
N TYR E 222 -2.00 -20.03 -54.39
CA TYR E 222 -3.15 -19.26 -54.86
C TYR E 222 -3.98 -20.02 -55.89
N HIS E 223 -3.32 -20.68 -56.82
CA HIS E 223 -4.02 -21.41 -57.87
C HIS E 223 -4.42 -22.80 -57.41
N TYR E 224 -3.48 -23.51 -56.77
CA TYR E 224 -3.73 -24.87 -56.33
C TYR E 224 -3.65 -25.03 -54.83
N PRO E 225 -4.77 -24.84 -54.14
CA PRO E 225 -4.86 -25.07 -52.70
C PRO E 225 -5.01 -26.57 -52.42
N ALA E 226 -4.49 -27.02 -51.27
CA ALA E 226 -4.58 -28.42 -50.90
C ALA E 226 -5.96 -28.79 -50.38
N ASP E 227 -6.58 -27.87 -49.63
CA ASP E 227 -7.92 -28.10 -49.10
C ASP E 227 -8.74 -26.82 -49.00
N ARG E 228 -9.96 -26.95 -48.47
CA ARG E 228 -10.93 -25.86 -48.45
C ARG E 228 -10.47 -24.68 -47.60
N PHE E 229 -9.63 -24.95 -46.61
CA PHE E 229 -9.15 -23.90 -45.71
C PHE E 229 -8.09 -23.02 -46.36
N VAL E 230 -7.10 -23.65 -46.98
CA VAL E 230 -6.08 -22.93 -47.72
C VAL E 230 -6.75 -22.04 -48.77
N ALA E 231 -7.67 -22.63 -49.53
CA ALA E 231 -8.43 -21.90 -50.53
C ALA E 231 -9.17 -20.72 -49.89
N GLY E 232 -9.81 -20.98 -48.76
CA GLY E 232 -10.63 -19.97 -48.10
C GLY E 232 -9.86 -18.97 -47.26
N PHE E 233 -8.53 -19.03 -47.34
CA PHE E 233 -7.72 -18.12 -46.53
C PHE E 233 -6.87 -17.18 -47.36
N ILE E 234 -6.49 -17.61 -48.57
CA ILE E 234 -5.65 -16.80 -49.43
C ILE E 234 -6.46 -16.06 -50.48
N GLY E 235 -6.31 -14.74 -50.53
CA GLY E 235 -7.03 -13.90 -51.49
C GLY E 235 -7.73 -12.74 -50.82
N SER E 236 -7.79 -11.60 -51.51
CA SER E 236 -8.35 -10.37 -50.94
C SER E 236 -9.78 -10.59 -50.42
N PRO E 237 -10.75 -10.77 -51.33
CA PRO E 237 -12.07 -11.23 -50.90
C PRO E 237 -12.10 -12.75 -50.89
N LYS E 238 -12.83 -13.33 -49.93
CA LYS E 238 -12.90 -14.77 -49.77
C LYS E 238 -13.45 -15.48 -51.01
N MET E 239 -12.94 -16.67 -51.29
CA MET E 239 -13.40 -17.48 -52.42
C MET E 239 -14.84 -17.94 -52.22
N ASN E 240 -15.61 -17.93 -53.30
CA ASN E 240 -17.00 -18.38 -53.25
C ASN E 240 -17.12 -19.90 -53.15
N PHE E 241 -17.91 -20.35 -52.19
CA PHE E 241 -18.14 -21.77 -52.01
C PHE E 241 -19.59 -22.13 -52.28
N LEU E 242 -19.81 -23.00 -53.26
CA LEU E 242 -21.15 -23.44 -53.62
C LEU E 242 -21.34 -24.91 -53.28
N PRO E 243 -22.44 -25.24 -52.59
CA PRO E 243 -22.78 -26.61 -52.25
C PRO E 243 -23.24 -27.37 -53.49
N VAL E 244 -22.41 -28.29 -53.97
CA VAL E 244 -22.73 -29.05 -55.16
C VAL E 244 -22.83 -30.55 -54.90
N LYS E 245 -23.46 -31.27 -55.82
CA LYS E 245 -23.62 -32.71 -55.72
C LYS E 245 -23.07 -33.39 -56.96
N VAL E 246 -22.05 -34.23 -56.78
CA VAL E 246 -21.41 -34.93 -57.90
C VAL E 246 -22.40 -35.85 -58.62
N THR E 247 -22.41 -35.78 -59.94
CA THR E 247 -23.35 -36.55 -60.75
C THR E 247 -22.66 -37.57 -61.65
N ALA E 248 -21.67 -37.10 -62.42
CA ALA E 248 -20.96 -37.96 -63.36
C ALA E 248 -19.46 -38.07 -63.04
N THR E 249 -18.83 -39.13 -63.53
CA THR E 249 -17.42 -39.39 -63.23
C THR E 249 -16.63 -39.90 -64.43
N ALA E 250 -15.71 -39.08 -64.92
CA ALA E 250 -14.80 -39.47 -65.99
C ALA E 250 -13.37 -39.37 -65.49
N ILE E 251 -12.44 -40.05 -66.17
CA ILE E 251 -11.04 -40.02 -65.77
C ILE E 251 -10.43 -38.65 -66.09
N ASP E 252 -10.98 -37.99 -67.10
CA ASP E 252 -10.50 -36.69 -67.55
C ASP E 252 -10.90 -35.58 -66.58
N GLN E 253 -12.18 -35.55 -66.21
CA GLN E 253 -12.74 -34.47 -65.43
C GLN E 253 -13.92 -34.94 -64.60
N VAL E 254 -14.60 -34.01 -63.92
CA VAL E 254 -15.72 -34.35 -63.06
C VAL E 254 -16.93 -33.44 -63.32
N GLN E 255 -18.12 -33.91 -62.95
CA GLN E 255 -19.34 -33.14 -63.11
C GLN E 255 -20.11 -33.04 -61.80
N VAL E 256 -20.70 -31.87 -61.54
CA VAL E 256 -21.48 -31.64 -60.32
C VAL E 256 -22.80 -30.92 -60.61
N GLU E 257 -23.72 -30.94 -59.63
CA GLU E 257 -25.03 -30.34 -59.79
C GLU E 257 -25.19 -29.07 -58.95
N LEU E 258 -25.72 -28.02 -59.57
CA LEU E 258 -25.95 -26.75 -58.88
C LEU E 258 -27.18 -26.83 -57.97
N PRO E 259 -27.13 -26.11 -56.83
CA PRO E 259 -28.20 -26.14 -55.84
C PRO E 259 -29.40 -25.25 -56.21
N MET E 260 -29.43 -24.76 -57.44
CA MET E 260 -30.51 -23.89 -57.90
C MET E 260 -31.75 -24.69 -58.27
N PRO E 261 -32.91 -24.00 -58.37
CA PRO E 261 -34.10 -24.63 -58.95
C PRO E 261 -33.79 -24.97 -60.40
N ASN E 262 -33.06 -24.07 -61.06
CA ASN E 262 -32.49 -24.34 -62.37
C ASN E 262 -31.27 -25.25 -62.18
N ARG E 263 -31.52 -26.56 -62.12
CA ARG E 263 -30.46 -27.53 -61.86
C ARG E 263 -29.54 -27.73 -63.07
N GLN E 264 -28.61 -26.79 -63.25
CA GLN E 264 -27.67 -26.85 -64.36
C GLN E 264 -26.51 -27.80 -64.03
N GLN E 265 -25.82 -28.27 -65.06
CA GLN E 265 -24.72 -29.20 -64.89
C GLN E 265 -23.51 -28.79 -65.74
N VAL E 266 -22.31 -29.03 -65.22
CA VAL E 266 -21.09 -28.64 -65.93
C VAL E 266 -19.89 -29.52 -65.55
N TRP E 267 -19.05 -29.82 -66.54
CA TRP E 267 -17.84 -30.60 -66.32
C TRP E 267 -16.69 -29.72 -65.86
N LEU E 268 -15.87 -30.23 -64.94
CA LEU E 268 -14.76 -29.47 -64.38
C LEU E 268 -13.43 -30.21 -64.54
N PRO E 269 -12.51 -29.61 -65.30
CA PRO E 269 -11.19 -30.19 -65.57
C PRO E 269 -10.39 -30.38 -64.29
N VAL E 270 -10.67 -31.45 -63.56
CA VAL E 270 -10.06 -31.68 -62.27
C VAL E 270 -9.83 -33.17 -62.02
N GLU E 271 -9.11 -33.49 -60.95
CA GLU E 271 -8.81 -34.87 -60.58
C GLU E 271 -10.09 -35.68 -60.37
N SER E 272 -10.05 -36.95 -60.75
CA SER E 272 -11.21 -37.83 -60.62
C SER E 272 -10.87 -39.14 -59.91
N ARG E 273 -9.77 -39.14 -59.17
CA ARG E 273 -9.37 -40.30 -58.39
C ARG E 273 -9.98 -40.23 -57.00
N ASP E 274 -10.57 -41.33 -56.55
CA ASP E 274 -11.18 -41.41 -55.23
C ASP E 274 -12.40 -40.49 -55.11
N VAL E 275 -13.25 -40.51 -56.14
CA VAL E 275 -14.47 -39.73 -56.14
C VAL E 275 -15.69 -40.64 -56.34
N GLN E 276 -16.83 -40.23 -55.78
CA GLN E 276 -18.06 -41.01 -55.91
C GLN E 276 -19.27 -40.14 -56.24
N VAL E 277 -20.24 -40.71 -56.94
CA VAL E 277 -21.44 -39.99 -57.35
C VAL E 277 -22.41 -39.84 -56.17
N GLY E 278 -22.96 -38.64 -56.02
CA GLY E 278 -23.89 -38.36 -54.93
C GLY E 278 -23.21 -37.73 -53.72
N ALA E 279 -21.90 -37.54 -53.82
CA ALA E 279 -21.13 -36.93 -52.74
C ALA E 279 -21.33 -35.43 -52.72
N ASN E 280 -21.72 -34.90 -51.56
CA ASN E 280 -21.94 -33.47 -51.40
C ASN E 280 -20.62 -32.71 -51.30
N MET E 281 -20.32 -31.93 -52.34
CA MET E 281 -19.04 -31.22 -52.42
C MET E 281 -19.20 -29.71 -52.47
N SER E 282 -18.09 -28.99 -52.33
CA SER E 282 -18.08 -27.55 -52.41
C SER E 282 -17.36 -27.08 -53.67
N LEU E 283 -18.02 -26.21 -54.43
CA LEU E 283 -17.43 -25.65 -55.64
C LEU E 283 -16.65 -24.38 -55.32
N GLY E 284 -15.39 -24.33 -55.77
CA GLY E 284 -14.53 -23.19 -55.50
C GLY E 284 -14.31 -22.31 -56.72
N ILE E 285 -14.61 -21.02 -56.57
CA ILE E 285 -14.39 -20.06 -57.63
C ILE E 285 -14.13 -18.67 -57.04
N ARG E 286 -13.04 -18.05 -57.47
CA ARG E 286 -12.64 -16.73 -56.98
C ARG E 286 -13.33 -15.61 -57.76
N PRO E 287 -13.82 -14.60 -57.04
CA PRO E 287 -14.55 -13.47 -57.60
C PRO E 287 -13.91 -12.87 -58.86
N GLU E 288 -12.58 -12.78 -58.87
CA GLU E 288 -11.87 -12.20 -60.00
C GLU E 288 -12.02 -13.05 -61.25
N HIS E 289 -12.10 -14.36 -61.05
CA HIS E 289 -12.17 -15.31 -62.16
C HIS E 289 -13.58 -15.41 -62.75
N LEU E 290 -14.57 -14.90 -62.03
CA LEU E 290 -15.93 -14.85 -62.55
C LEU E 290 -15.99 -13.96 -63.78
N LEU E 291 -16.90 -14.28 -64.69
CA LEU E 291 -17.00 -13.58 -65.95
C LEU E 291 -18.32 -12.81 -66.07
N PRO E 292 -18.37 -11.85 -67.01
CA PRO E 292 -19.64 -11.22 -67.38
C PRO E 292 -20.60 -12.24 -68.00
N SER E 293 -21.90 -11.93 -67.92
CA SER E 293 -22.94 -12.87 -68.36
C SER E 293 -22.93 -13.16 -69.86
N ASP E 294 -22.61 -12.13 -70.66
CA ASP E 294 -22.68 -12.24 -72.12
C ASP E 294 -21.51 -13.00 -72.76
N ILE E 295 -20.63 -13.54 -71.92
CA ILE E 295 -19.48 -14.31 -72.40
C ILE E 295 -19.69 -15.81 -72.21
N ALA E 296 -19.62 -16.26 -70.96
CA ALA E 296 -19.80 -17.68 -70.64
C ALA E 296 -21.27 -18.10 -70.76
N ASP E 297 -21.50 -19.38 -71.03
CA ASP E 297 -22.86 -19.89 -71.14
C ASP E 297 -23.41 -20.41 -69.81
N VAL E 298 -22.58 -20.34 -68.77
CA VAL E 298 -23.01 -20.72 -67.42
C VAL E 298 -23.49 -19.48 -66.66
N ILE E 299 -24.79 -19.23 -66.71
CA ILE E 299 -25.38 -18.02 -66.14
C ILE E 299 -25.75 -18.19 -64.68
N LEU E 300 -25.43 -17.18 -63.87
CA LEU E 300 -25.83 -17.14 -62.47
C LEU E 300 -26.44 -15.77 -62.15
N GLU E 301 -27.77 -15.75 -61.99
CA GLU E 301 -28.49 -14.50 -61.82
C GLU E 301 -29.11 -14.40 -60.42
N GLY E 302 -29.02 -13.21 -59.82
CA GLY E 302 -29.59 -12.98 -58.50
C GLY E 302 -29.85 -11.50 -58.24
N GLU E 303 -29.78 -11.10 -56.97
CA GLU E 303 -30.01 -9.71 -56.59
C GLU E 303 -28.80 -9.11 -55.89
N VAL E 304 -28.40 -7.93 -56.32
CA VAL E 304 -27.26 -7.23 -55.72
C VAL E 304 -27.60 -6.73 -54.32
N GLN E 305 -26.82 -7.16 -53.34
CA GLN E 305 -27.01 -6.74 -51.96
C GLN E 305 -26.09 -5.58 -51.62
N VAL E 306 -24.80 -5.77 -51.88
CA VAL E 306 -23.80 -4.75 -51.57
C VAL E 306 -23.07 -4.29 -52.83
N VAL E 307 -22.78 -3.01 -52.91
CA VAL E 307 -21.95 -2.47 -53.97
C VAL E 307 -20.80 -1.68 -53.36
N GLU E 308 -19.60 -2.25 -53.41
CA GLU E 308 -18.42 -1.59 -52.89
C GLU E 308 -17.60 -0.95 -54.00
N GLN E 309 -17.72 0.36 -54.16
CA GLN E 309 -16.91 1.09 -55.12
C GLN E 309 -15.55 1.37 -54.52
N LEU E 310 -14.52 0.75 -55.10
CA LEU E 310 -13.15 0.88 -54.62
C LEU E 310 -12.32 1.82 -55.50
N GLY E 311 -12.88 2.18 -56.65
CA GLY E 311 -12.18 3.07 -57.57
C GLY E 311 -11.30 2.29 -58.52
N ASN E 312 -10.26 1.65 -57.98
CA ASN E 312 -9.39 0.80 -58.79
C ASN E 312 -10.12 -0.44 -59.27
N GLU E 313 -11.18 -0.79 -58.56
CA GLU E 313 -12.01 -1.94 -58.92
C GLU E 313 -13.40 -1.80 -58.30
N THR E 314 -14.24 -2.80 -58.53
CA THR E 314 -15.60 -2.79 -58.03
C THR E 314 -15.99 -4.17 -57.52
N GLN E 315 -16.47 -4.24 -56.29
CA GLN E 315 -16.88 -5.51 -55.70
C GLN E 315 -18.39 -5.55 -55.48
N ILE E 316 -19.01 -6.63 -55.94
CA ILE E 316 -20.47 -6.76 -55.93
C ILE E 316 -20.93 -8.06 -55.29
N HIS E 317 -21.77 -7.94 -54.27
CA HIS E 317 -22.32 -9.09 -53.57
C HIS E 317 -23.72 -9.38 -54.07
N ILE E 318 -23.98 -10.63 -54.42
CA ILE E 318 -25.24 -11.00 -55.08
C ILE E 318 -25.96 -12.15 -54.39
N GLN E 319 -27.24 -11.93 -54.08
CA GLN E 319 -28.09 -12.96 -53.47
C GLN E 319 -28.63 -13.90 -54.54
N ILE E 320 -27.94 -15.01 -54.77
CA ILE E 320 -28.40 -16.01 -55.73
C ILE E 320 -29.50 -16.86 -55.10
N PRO E 321 -30.67 -16.90 -55.76
CA PRO E 321 -31.83 -17.66 -55.26
C PRO E 321 -31.56 -19.16 -55.14
N SER E 322 -31.02 -19.57 -54.00
CA SER E 322 -30.77 -20.99 -53.68
C SER E 322 -29.40 -21.23 -53.03
N ILE E 323 -28.87 -20.19 -52.39
CA ILE E 323 -27.63 -20.29 -51.63
C ILE E 323 -27.51 -19.11 -50.66
N ARG E 324 -27.55 -19.41 -49.36
CA ARG E 324 -27.48 -18.37 -48.33
C ARG E 324 -26.08 -17.76 -48.22
N GLN E 325 -25.34 -17.79 -49.33
CA GLN E 325 -24.02 -17.20 -49.39
C GLN E 325 -23.94 -16.23 -50.57
N ASN E 326 -24.03 -14.94 -50.26
CA ASN E 326 -23.93 -13.90 -51.27
C ASN E 326 -22.76 -14.16 -52.22
N LEU E 327 -23.08 -14.44 -53.47
CA LEU E 327 -22.06 -14.63 -54.49
C LEU E 327 -21.37 -13.29 -54.76
N VAL E 328 -20.05 -13.28 -54.69
CA VAL E 328 -19.28 -12.03 -54.80
C VAL E 328 -18.53 -11.91 -56.13
N TYR E 329 -18.67 -10.75 -56.77
CA TYR E 329 -18.04 -10.50 -58.07
C TYR E 329 -16.99 -9.40 -57.95
N ARG E 330 -15.92 -9.51 -58.73
CA ARG E 330 -14.83 -8.55 -58.67
C ARG E 330 -14.32 -8.23 -60.08
N GLN E 331 -14.46 -6.96 -60.48
CA GLN E 331 -14.03 -6.53 -61.80
C GLN E 331 -13.22 -5.23 -61.72
N ASN E 332 -12.68 -4.80 -62.86
CA ASN E 332 -11.85 -3.59 -62.89
C ASN E 332 -12.60 -2.30 -63.19
N ASP E 333 -11.88 -1.18 -63.03
CA ASP E 333 -12.43 0.16 -63.19
C ASP E 333 -13.65 0.36 -62.29
N VAL E 334 -14.72 0.92 -62.85
CA VAL E 334 -15.94 1.15 -62.10
C VAL E 334 -17.14 0.52 -62.78
N VAL E 335 -17.97 -0.16 -62.00
CA VAL E 335 -19.17 -0.80 -62.51
C VAL E 335 -20.41 -0.04 -62.06
N LEU E 336 -21.08 0.61 -63.01
CA LEU E 336 -22.27 1.40 -62.72
C LEU E 336 -23.49 0.52 -62.47
N VAL E 337 -23.63 0.04 -61.24
CA VAL E 337 -24.73 -0.84 -60.86
C VAL E 337 -25.33 -0.44 -59.51
N GLU E 338 -26.66 -0.39 -59.45
CA GLU E 338 -27.39 -0.01 -58.24
C GLU E 338 -27.49 -1.16 -57.25
N GLU E 339 -27.75 -0.82 -55.99
CA GLU E 339 -28.01 -1.81 -54.96
C GLU E 339 -29.46 -2.29 -55.03
N GLY E 340 -29.64 -3.57 -55.33
CA GLY E 340 -30.98 -4.15 -55.41
C GLY E 340 -31.41 -4.49 -56.82
N ALA E 341 -30.70 -3.92 -57.80
CA ALA E 341 -30.99 -4.19 -59.21
C ALA E 341 -30.46 -5.56 -59.61
N THR E 342 -31.21 -6.26 -60.45
CA THR E 342 -30.83 -7.60 -60.90
C THR E 342 -29.50 -7.62 -61.64
N PHE E 343 -28.76 -8.72 -61.51
CA PHE E 343 -27.43 -8.84 -62.11
C PHE E 343 -27.10 -10.31 -62.35
N ALA E 344 -26.33 -10.57 -63.41
CA ALA E 344 -25.94 -11.94 -63.74
C ALA E 344 -24.46 -12.01 -64.10
N ILE E 345 -23.82 -13.13 -63.75
CA ILE E 345 -22.41 -13.34 -64.05
C ILE E 345 -22.17 -14.69 -64.71
N GLY E 346 -20.93 -14.92 -65.14
CA GLY E 346 -20.55 -16.17 -65.80
C GLY E 346 -19.62 -17.01 -64.95
N LEU E 347 -19.74 -18.33 -65.06
CA LEU E 347 -18.94 -19.24 -64.28
C LEU E 347 -18.01 -20.06 -65.18
N PRO E 348 -16.70 -19.76 -65.14
CA PRO E 348 -15.70 -20.47 -65.93
C PRO E 348 -15.31 -21.80 -65.29
N PRO E 349 -15.66 -22.92 -65.94
CA PRO E 349 -15.44 -24.26 -65.42
C PRO E 349 -13.96 -24.61 -65.25
N GLU E 350 -13.11 -24.01 -66.07
CA GLU E 350 -11.67 -24.28 -66.03
C GLU E 350 -11.05 -23.67 -64.78
N ARG E 351 -11.64 -22.56 -64.33
CA ARG E 351 -11.12 -21.81 -63.20
C ARG E 351 -11.78 -22.24 -61.87
N CYS E 352 -12.34 -23.45 -61.85
CA CYS E 352 -13.05 -23.93 -60.67
C CYS E 352 -12.22 -24.89 -59.82
N HIS E 353 -12.43 -24.82 -58.52
CA HIS E 353 -11.82 -25.78 -57.59
C HIS E 353 -12.90 -26.71 -57.05
N LEU E 354 -12.49 -27.85 -56.50
CA LEU E 354 -13.44 -28.82 -55.96
C LEU E 354 -12.92 -29.48 -54.69
N PHE E 355 -13.77 -29.56 -53.67
CA PHE E 355 -13.38 -30.13 -52.37
C PHE E 355 -14.28 -31.28 -51.96
N ARG E 356 -13.70 -32.31 -51.37
CA ARG E 356 -14.45 -33.48 -50.93
C ARG E 356 -15.16 -33.20 -49.60
N GLU E 357 -15.90 -34.20 -49.11
CA GLU E 357 -16.62 -34.07 -47.85
C GLU E 357 -15.72 -33.56 -46.73
N ASP E 358 -14.50 -34.10 -46.66
CA ASP E 358 -13.54 -33.73 -45.63
C ASP E 358 -12.99 -32.32 -45.84
N GLY E 359 -13.03 -31.83 -47.07
CA GLY E 359 -12.57 -30.50 -47.39
C GLY E 359 -11.33 -30.49 -48.27
N THR E 360 -10.77 -31.67 -48.50
CA THR E 360 -9.56 -31.80 -49.32
C THR E 360 -9.87 -31.51 -50.79
N ALA E 361 -9.07 -30.62 -51.38
CA ALA E 361 -9.27 -30.20 -52.75
C ALA E 361 -8.80 -31.25 -53.74
N CYS E 362 -9.45 -31.28 -54.91
CA CYS E 362 -9.03 -32.15 -56.00
C CYS E 362 -8.01 -31.42 -56.86
N ARG E 363 -6.87 -32.06 -57.09
CA ARG E 363 -5.80 -31.51 -57.92
C ARG E 363 -6.36 -30.96 -59.23
N ARG E 364 -6.20 -29.65 -59.44
CA ARG E 364 -6.68 -29.02 -60.67
C ARG E 364 -5.80 -29.39 -61.84
N LEU E 365 -6.42 -29.92 -62.89
CA LEU E 365 -5.70 -30.32 -64.10
C LEU E 365 -5.59 -29.16 -65.07
N HIS E 366 -6.12 -28.01 -64.67
CA HIS E 366 -6.04 -26.79 -65.47
C HIS E 366 -4.74 -26.06 -65.20
N LYS E 367 -3.80 -26.16 -66.12
CA LYS E 367 -2.51 -25.48 -66.01
C LYS E 367 -2.70 -23.98 -65.83
N GLU E 368 -2.00 -23.42 -64.85
CA GLU E 368 -2.10 -21.99 -64.54
C GLU E 368 -0.74 -21.31 -64.70
N PRO E 369 -0.75 -20.07 -65.22
CA PRO E 369 0.47 -19.31 -65.49
C PRO E 369 1.18 -18.89 -64.21
N GLY E 370 2.43 -19.30 -64.05
CA GLY E 370 3.22 -18.96 -62.88
C GLY E 370 3.74 -20.17 -62.13
N VAL E 371 3.33 -21.36 -62.56
CA VAL E 371 3.74 -22.59 -61.90
C VAL E 371 4.22 -23.63 -62.92
#